data_2Q6C
#
_entry.id   2Q6C
#
_cell.length_a   82.816
_cell.length_b   135.367
_cell.length_c   83.121
_cell.angle_alpha   90.00
_cell.angle_beta   97.02
_cell.angle_gamma   90.00
#
_symmetry.space_group_name_H-M   'P 1 21 1'
#
loop_
_entity.id
_entity.type
_entity.pdbx_description
1 polymer '3-hydroxy-3-methylglutaryl-coenzyme A reductase'
2 non-polymer 'SULFATE ION'
3 non-polymer '(3R,5R)-7-[1-(4-FLUOROPHENYL)-3-ISOPROPYL-4-OXO-5-PHENYL-4,5-DIHYDRO-3H-PYRROLO[2,3-C]QUINOLIN-2-YL]-3,5-DIHYDROXYHEPTANOIC ACID'
4 water water
#
_entity_poly.entity_id   1
_entity_poly.type   'polypeptide(L)'
_entity_poly.pdbx_seq_one_letter_code
;HHHHHHEPRPNEECLQILGNAEKGAKFLSDAEIIQLVNAKHIPAYKLETLIETHERGVSIRRQLLSKKLSEPSSLQYLPY
RDYNYSLVMGACCENVIGYMPIPVGVAGPLCLDEKEFQVPMATTEGCLVASTNRGCRAIGLGGGASSRVLADGMTRGPVV
RLPRACDSAEVKAWLETSEGFAVIKEAFDSTSRFARLQKLHTSIAGRNLYIRFQSRSGDAMGMNMISKGTEKALSKLHEY
FPEMQILAVSGNYCTDKKPAAINWIEGRGKSVVCEAVIPAKVVREVLKTTTEAMIEVNINKNLVGSAMAGSIGGYNAHAA
NIVTAIYIACGQDAAQNVGSSNCITLMEASGPTNEDLYISCTMPSIEIGTVGGGTNLLPQQACLQMLGVQGACKDNPGEN
ARQLARIVCGTVMAGELSLMAALAAGHLVKSHMIHNRSKIN
;
_entity_poly.pdbx_strand_id   A,B,C,D
#
loop_
_chem_comp.id
_chem_comp.type
_chem_comp.name
_chem_comp.formula
HR1 non-polymer '(3R,5R)-7-[1-(4-FLUOROPHENYL)-3-ISOPROPYL-4-OXO-5-PHENYL-4,5-DIHYDRO-3H-PYRROLO[2,3-C]QUINOLIN-2-YL]-3,5-DIHYDROXYHEPTANOIC ACID' 'C33 H33 F N2 O5'
SO4 non-polymer 'SULFATE ION' 'O4 S -2'
#
# COMPACT_ATOMS: atom_id res chain seq x y z
N GLU A 7 -19.75 35.87 -50.46
CA GLU A 7 -18.56 35.81 -51.35
C GLU A 7 -17.28 35.99 -50.54
N PRO A 8 -16.34 35.04 -50.63
CA PRO A 8 -15.07 35.15 -49.92
C PRO A 8 -14.09 36.10 -50.59
N ARG A 9 -13.06 36.53 -49.86
CA ARG A 9 -12.04 37.43 -50.40
C ARG A 9 -10.63 36.88 -50.14
N PRO A 10 -9.62 37.43 -50.84
CA PRO A 10 -8.23 37.00 -50.64
C PRO A 10 -7.73 37.12 -49.20
N ASN A 11 -6.71 36.32 -48.87
CA ASN A 11 -6.12 36.32 -47.53
C ASN A 11 -5.46 37.66 -47.17
N GLU A 12 -4.89 38.32 -48.18
CA GLU A 12 -4.20 39.60 -47.97
C GLU A 12 -5.17 40.74 -47.64
N GLU A 13 -6.36 40.72 -48.26
CA GLU A 13 -7.35 41.76 -48.03
C GLU A 13 -7.96 41.68 -46.62
N CYS A 14 -8.15 40.47 -46.12
CA CYS A 14 -8.66 40.25 -44.77
C CYS A 14 -7.60 40.61 -43.71
N LEU A 15 -6.34 40.51 -44.08
CA LEU A 15 -5.23 40.82 -43.17
C LEU A 15 -5.06 42.32 -42.94
N GLN A 16 -5.47 43.13 -43.93
CA GLN A 16 -5.35 44.59 -43.84
C GLN A 16 -6.51 45.20 -43.05
N ILE A 17 -7.65 44.49 -43.00
CA ILE A 17 -8.82 44.95 -42.25
C ILE A 17 -8.69 44.65 -40.77
N LEU A 18 -8.25 43.44 -40.45
CA LEU A 18 -8.06 43.00 -39.06
C LEU A 18 -6.80 43.61 -38.45
N GLY A 19 -5.83 43.93 -39.30
CA GLY A 19 -4.65 44.66 -38.89
C GLY A 19 -4.99 46.10 -38.52
N ASN A 20 -6.04 46.62 -39.16
CA ASN A 20 -6.60 47.92 -38.83
C ASN A 20 -7.35 47.86 -37.49
N ALA A 21 -7.49 49.01 -36.83
CA ALA A 21 -8.07 49.09 -35.50
C ALA A 21 -9.57 49.39 -35.51
N GLU A 22 -10.02 50.22 -36.45
CA GLU A 22 -11.40 50.72 -36.46
C GLU A 22 -12.43 49.76 -37.06
N LYS A 23 -11.99 48.69 -37.72
CA LYS A 23 -12.91 47.76 -38.39
C LYS A 23 -13.12 46.48 -37.58
N GLY A 24 -12.10 45.63 -37.51
CA GLY A 24 -12.15 44.40 -36.73
C GLY A 24 -12.78 43.23 -37.46
N ALA A 25 -12.95 42.13 -36.74
CA ALA A 25 -13.47 40.87 -37.30
C ALA A 25 -14.97 40.92 -37.63
N LYS A 26 -15.67 41.93 -37.11
CA LYS A 26 -17.09 42.14 -37.39
C LYS A 26 -17.40 42.22 -38.89
N PHE A 27 -16.48 42.81 -39.65
CA PHE A 27 -16.64 42.97 -41.09
C PHE A 27 -16.43 41.66 -41.85
N LEU A 28 -15.48 40.86 -41.37
CA LEU A 28 -15.14 39.59 -42.02
C LEU A 28 -16.18 38.52 -41.76
N SER A 29 -16.23 37.52 -42.62
CA SER A 29 -17.17 36.40 -42.48
C SER A 29 -16.52 35.25 -41.71
N ASP A 30 -17.28 34.18 -41.49
CA ASP A 30 -16.79 32.96 -40.84
C ASP A 30 -15.73 32.29 -41.71
N ALA A 31 -16.03 32.15 -43.00
CA ALA A 31 -15.14 31.48 -43.94
C ALA A 31 -13.80 32.23 -44.10
N GLU A 32 -13.84 33.54 -43.97
CA GLU A 32 -12.64 34.37 -44.12
C GLU A 32 -11.72 34.29 -42.92
N ILE A 33 -12.29 34.21 -41.72
CA ILE A 33 -11.52 34.05 -40.50
C ILE A 33 -10.90 32.66 -40.47
N ILE A 34 -11.65 31.67 -40.94
CA ILE A 34 -11.17 30.29 -41.09
C ILE A 34 -10.01 30.24 -42.08
N GLN A 35 -10.03 31.11 -43.08
CA GLN A 35 -8.97 31.21 -44.07
C GLN A 35 -7.67 31.71 -43.44
N LEU A 36 -7.78 32.68 -42.54
CA LEU A 36 -6.62 33.28 -41.88
C LEU A 36 -5.97 32.34 -40.86
N VAL A 37 -6.77 31.50 -40.19
CA VAL A 37 -6.26 30.56 -39.21
C VAL A 37 -5.55 29.40 -39.89
N ASN A 38 -6.08 28.93 -41.01
CA ASN A 38 -5.50 27.84 -41.78
C ASN A 38 -4.18 28.22 -42.45
N ALA A 39 -4.01 29.51 -42.72
CA ALA A 39 -2.76 30.04 -43.31
C ALA A 39 -1.76 30.48 -42.24
N LYS A 40 -2.12 30.29 -40.97
CA LYS A 40 -1.24 30.55 -39.81
C LYS A 40 -0.88 32.04 -39.60
N HIS A 41 -1.71 32.93 -40.12
CA HIS A 41 -1.59 34.36 -39.84
C HIS A 41 -2.20 34.70 -38.47
N ILE A 42 -3.16 33.88 -38.03
CA ILE A 42 -3.83 34.05 -36.75
C ILE A 42 -3.91 32.70 -36.01
N PRO A 43 -3.40 32.64 -34.78
CA PRO A 43 -3.39 31.38 -34.02
C PRO A 43 -4.78 30.99 -33.52
N ALA A 44 -5.04 29.69 -33.49
CA ALA A 44 -6.36 29.16 -33.12
C ALA A 44 -6.76 29.48 -31.69
N TYR A 45 -5.81 29.44 -30.77
CA TYR A 45 -6.09 29.59 -29.34
C TYR A 45 -6.42 31.03 -28.91
N LYS A 46 -6.13 32.01 -29.77
CA LYS A 46 -6.39 33.42 -29.49
C LYS A 46 -7.72 33.92 -30.06
N LEU A 47 -8.55 33.01 -30.57
CA LEU A 47 -9.76 33.39 -31.32
C LEU A 47 -10.72 34.31 -30.55
N GLU A 48 -10.76 34.19 -29.22
CA GLU A 48 -11.61 35.03 -28.38
C GLU A 48 -11.14 36.48 -28.38
N THR A 49 -9.83 36.68 -28.25
CA THR A 49 -9.24 38.01 -28.21
C THR A 49 -9.47 38.82 -29.50
N LEU A 50 -9.22 38.18 -30.64
CA LEU A 50 -9.26 38.87 -31.94
C LEU A 50 -10.68 39.21 -32.39
N ILE A 51 -11.58 38.24 -32.24
CA ILE A 51 -12.97 38.37 -32.70
C ILE A 51 -13.79 39.18 -31.68
N GLU A 52 -14.85 39.80 -32.16
CA GLU A 52 -15.66 40.74 -31.37
C GLU A 52 -16.28 40.14 -30.10
N THR A 53 -16.68 38.87 -30.15
CA THR A 53 -17.29 38.19 -29.00
C THR A 53 -16.59 36.86 -28.72
N HIS A 54 -16.68 36.42 -27.47
CA HIS A 54 -16.12 35.13 -27.06
C HIS A 54 -16.81 33.98 -27.79
N GLU A 55 -18.14 34.05 -27.87
CA GLU A 55 -18.97 32.99 -28.43
C GLU A 55 -18.68 32.72 -29.91
N ARG A 56 -18.39 33.77 -30.67
CA ARG A 56 -18.06 33.62 -32.09
C ARG A 56 -16.68 32.99 -32.26
N GLY A 57 -15.77 33.28 -31.33
CA GLY A 57 -14.46 32.63 -31.32
C GLY A 57 -14.56 31.13 -31.12
N VAL A 58 -15.48 30.71 -30.26
CA VAL A 58 -15.72 29.28 -30.02
C VAL A 58 -16.40 28.64 -31.23
N SER A 59 -17.27 29.41 -31.90
CA SER A 59 -17.98 28.92 -33.08
C SER A 59 -17.00 28.64 -34.22
N ILE A 60 -16.00 29.51 -34.36
CA ILE A 60 -14.99 29.38 -35.41
C ILE A 60 -14.09 28.17 -35.12
N ARG A 61 -13.71 28.00 -33.87
CA ARG A 61 -12.89 26.87 -33.45
C ARG A 61 -13.62 25.55 -33.72
N ARG A 62 -14.93 25.53 -33.47
CA ARG A 62 -15.75 24.35 -33.71
C ARG A 62 -15.77 23.96 -35.19
N GLN A 63 -15.86 24.96 -36.06
CA GLN A 63 -15.90 24.73 -37.51
C GLN A 63 -14.56 24.20 -38.03
N LEU A 64 -13.47 24.75 -37.50
CA LEU A 64 -12.12 24.26 -37.77
C LEU A 64 -11.99 22.79 -37.39
N LEU A 65 -12.51 22.43 -36.23
CA LEU A 65 -12.37 21.09 -35.70
C LEU A 65 -13.23 20.09 -36.47
N SER A 66 -14.40 20.52 -36.91
CA SER A 66 -15.38 19.63 -37.54
C SER A 66 -14.86 19.05 -38.86
N LYS A 67 -14.08 19.83 -39.60
CA LYS A 67 -13.52 19.38 -40.88
C LYS A 67 -12.39 18.35 -40.68
N LYS A 68 -11.72 18.41 -39.54
CA LYS A 68 -10.67 17.45 -39.19
C LYS A 68 -11.23 16.08 -38.82
N LEU A 69 -12.48 16.04 -38.34
CA LEU A 69 -13.10 14.79 -37.89
C LEU A 69 -13.59 13.95 -39.06
N SER A 70 -13.61 12.64 -38.87
CA SER A 70 -14.10 11.70 -39.88
C SER A 70 -15.62 11.85 -40.10
N GLU A 71 -16.32 12.25 -39.04
CA GLU A 71 -17.75 12.54 -39.11
C GLU A 71 -17.95 14.04 -38.83
N PRO A 72 -18.07 14.84 -39.89
CA PRO A 72 -18.20 16.30 -39.74
C PRO A 72 -19.33 16.82 -38.85
N SER A 73 -20.38 16.03 -38.66
CA SER A 73 -21.52 16.43 -37.82
C SER A 73 -21.41 15.91 -36.38
N SER A 74 -20.18 15.70 -35.90
CA SER A 74 -19.95 15.13 -34.58
C SER A 74 -20.33 16.10 -33.45
N LEU A 75 -20.10 17.39 -33.67
CA LEU A 75 -20.32 18.42 -32.65
C LEU A 75 -21.77 18.95 -32.59
N GLN A 76 -22.67 18.36 -33.38
CA GLN A 76 -24.05 18.85 -33.47
C GLN A 76 -24.74 19.04 -32.12
N TYR A 77 -24.61 18.06 -31.24
CA TYR A 77 -25.32 18.05 -29.96
C TYR A 77 -24.42 18.42 -28.77
N LEU A 78 -23.18 18.83 -29.05
CA LEU A 78 -22.32 19.44 -28.05
C LEU A 78 -22.68 20.92 -27.97
N PRO A 79 -23.30 21.36 -26.89
CA PRO A 79 -23.78 22.75 -26.79
C PRO A 79 -22.65 23.75 -26.61
N TYR A 80 -22.91 25.01 -26.97
CA TYR A 80 -21.91 26.08 -26.84
C TYR A 80 -22.50 27.50 -26.76
N ARG A 81 -23.67 27.71 -27.34
CA ARG A 81 -24.30 29.03 -27.37
C ARG A 81 -24.80 29.46 -25.99
N ASP A 82 -24.78 30.79 -25.76
CA ASP A 82 -25.35 31.42 -24.58
C ASP A 82 -24.65 31.06 -23.26
N TYR A 83 -23.38 30.65 -23.35
CA TYR A 83 -22.58 30.36 -22.15
C TYR A 83 -21.61 31.52 -21.89
N ASN A 84 -21.33 31.76 -20.61
CA ASN A 84 -20.45 32.85 -20.20
C ASN A 84 -18.97 32.47 -20.28
N TYR A 85 -18.39 32.64 -21.45
CA TYR A 85 -17.00 32.24 -21.69
C TYR A 85 -15.99 33.23 -21.14
N SER A 86 -16.44 34.44 -20.77
CA SER A 86 -15.56 35.47 -20.25
C SER A 86 -14.75 35.04 -19.02
N LEU A 87 -15.38 34.29 -18.13
CA LEU A 87 -14.73 33.85 -16.88
C LEU A 87 -13.90 32.57 -17.06
N VAL A 88 -14.12 31.86 -18.15
CA VAL A 88 -13.33 30.66 -18.48
C VAL A 88 -12.02 31.02 -19.20
N MET A 89 -12.05 32.06 -20.04
CA MET A 89 -10.91 32.38 -20.89
C MET A 89 -9.74 32.92 -20.07
N GLY A 90 -8.56 32.33 -20.28
CA GLY A 90 -7.36 32.70 -19.56
C GLY A 90 -7.39 32.35 -18.09
N ALA A 91 -8.08 31.27 -17.72
CA ALA A 91 -8.23 30.90 -16.31
C ALA A 91 -8.58 29.44 -16.05
N CYS A 92 -9.57 28.91 -16.78
CA CYS A 92 -10.14 27.59 -16.50
C CYS A 92 -10.00 26.56 -17.63
N CYS A 93 -9.92 27.03 -18.88
CA CYS A 93 -9.87 26.13 -20.04
C CYS A 93 -9.28 26.79 -21.28
N GLU A 94 -8.65 26.00 -22.14
CA GLU A 94 -8.11 26.46 -23.42
C GLU A 94 -8.68 25.65 -24.57
N ASN A 95 -8.57 26.21 -25.79
CA ASN A 95 -9.10 25.57 -27.00
C ASN A 95 -10.55 25.16 -26.84
N VAL A 96 -11.37 26.06 -26.30
CA VAL A 96 -12.73 25.76 -25.89
C VAL A 96 -13.67 25.58 -27.08
N ILE A 97 -14.36 24.46 -27.12
CA ILE A 97 -15.28 24.14 -28.20
C ILE A 97 -16.73 24.02 -27.71
N GLY A 98 -16.97 24.41 -26.46
CA GLY A 98 -18.30 24.33 -25.88
C GLY A 98 -18.29 23.96 -24.41
N TYR A 99 -19.35 23.29 -23.97
CA TYR A 99 -19.47 22.85 -22.58
C TYR A 99 -20.25 21.53 -22.48
N MET A 100 -20.00 20.80 -21.40
CA MET A 100 -20.59 19.49 -21.16
C MET A 100 -21.60 19.59 -20.01
N PRO A 101 -22.89 19.46 -20.31
CA PRO A 101 -23.91 19.48 -19.25
C PRO A 101 -23.91 18.18 -18.43
N ILE A 102 -23.66 18.31 -17.13
CA ILE A 102 -23.78 17.20 -16.19
C ILE A 102 -25.04 17.43 -15.37
N PRO A 103 -25.99 16.50 -15.41
CA PRO A 103 -27.21 16.64 -14.60
C PRO A 103 -26.89 16.87 -13.12
N VAL A 104 -27.66 17.75 -12.47
CA VAL A 104 -27.47 18.08 -11.07
C VAL A 104 -28.74 17.71 -10.31
N GLY A 105 -28.60 16.83 -9.32
CA GLY A 105 -29.70 16.47 -8.43
C GLY A 105 -29.43 16.99 -7.04
N VAL A 106 -30.46 16.98 -6.20
CA VAL A 106 -30.35 17.45 -4.83
C VAL A 106 -30.68 16.34 -3.84
N ALA A 107 -29.84 16.20 -2.81
CA ALA A 107 -30.05 15.25 -1.74
C ALA A 107 -30.10 16.02 -0.43
N GLY A 108 -31.24 15.96 0.25
CA GLY A 108 -31.38 16.62 1.53
C GLY A 108 -32.80 16.57 2.09
N PRO A 109 -33.03 17.22 3.23
CA PRO A 109 -32.00 17.96 3.97
C PRO A 109 -31.00 17.04 4.69
N LEU A 110 -29.73 17.43 4.67
CA LEU A 110 -28.70 16.76 5.47
C LEU A 110 -28.57 17.53 6.77
N CYS A 111 -28.94 16.90 7.87
CA CYS A 111 -28.90 17.52 9.19
C CYS A 111 -27.51 17.31 9.76
N LEU A 112 -26.69 18.35 9.69
CA LEU A 112 -25.28 18.29 10.09
C LEU A 112 -24.96 19.48 10.99
N ASP A 113 -24.48 19.19 12.19
CA ASP A 113 -24.07 20.20 13.16
C ASP A 113 -25.19 21.21 13.44
N GLU A 114 -26.39 20.69 13.67
CA GLU A 114 -27.57 21.48 14.04
C GLU A 114 -28.05 22.46 12.95
N LYS A 115 -27.61 22.23 11.71
CA LYS A 115 -28.04 23.00 10.55
C LYS A 115 -28.57 22.04 9.50
N GLU A 116 -29.17 22.58 8.45
CA GLU A 116 -29.75 21.76 7.37
C GLU A 116 -29.20 22.19 6.01
N PHE A 117 -28.78 21.20 5.21
CA PHE A 117 -28.15 21.47 3.92
C PHE A 117 -28.86 20.75 2.78
N GLN A 118 -29.04 21.44 1.66
CA GLN A 118 -29.50 20.83 0.43
C GLN A 118 -28.26 20.66 -0.44
N VAL A 119 -27.81 19.42 -0.60
CA VAL A 119 -26.51 19.11 -1.21
C VAL A 119 -26.63 18.86 -2.70
N PRO A 120 -25.97 19.69 -3.51
CA PRO A 120 -25.98 19.49 -4.97
C PRO A 120 -25.01 18.38 -5.41
N MET A 121 -25.44 17.57 -6.36
CA MET A 121 -24.71 16.38 -6.79
C MET A 121 -24.77 16.24 -8.32
N ALA A 122 -23.63 16.45 -8.98
CA ALA A 122 -23.54 16.35 -10.44
C ALA A 122 -23.08 14.95 -10.85
N THR A 123 -23.95 14.22 -11.53
CA THR A 123 -23.70 12.81 -11.86
C THR A 123 -24.56 12.30 -13.02
N THR A 124 -24.12 11.21 -13.64
CA THR A 124 -24.91 10.48 -14.63
C THR A 124 -25.11 9.02 -14.19
N GLU A 125 -24.94 8.74 -12.90
CA GLU A 125 -25.12 7.40 -12.36
C GLU A 125 -26.50 7.28 -11.73
N GLY A 126 -27.36 6.46 -12.33
CA GLY A 126 -28.70 6.25 -11.85
C GLY A 126 -28.72 5.69 -10.43
N CYS A 127 -29.59 6.26 -9.61
CA CYS A 127 -29.84 5.85 -8.22
C CYS A 127 -28.86 6.42 -7.19
N LEU A 128 -27.85 7.18 -7.63
CA LEU A 128 -26.87 7.75 -6.70
C LEU A 128 -27.46 8.86 -5.85
N VAL A 129 -28.15 9.81 -6.50
CA VAL A 129 -28.77 10.93 -5.79
C VAL A 129 -29.89 10.43 -4.88
N ALA A 130 -30.72 9.52 -5.39
CA ALA A 130 -31.83 8.94 -4.64
C ALA A 130 -31.33 8.14 -3.43
N SER A 131 -30.24 7.40 -3.62
CA SER A 131 -29.66 6.60 -2.54
C SER A 131 -29.13 7.49 -1.44
N THR A 132 -28.42 8.54 -1.83
CA THR A 132 -27.84 9.51 -0.90
C THR A 132 -28.94 10.26 -0.15
N ASN A 133 -30.04 10.52 -0.85
CA ASN A 133 -31.21 11.19 -0.28
C ASN A 133 -31.85 10.35 0.82
N ARG A 134 -31.88 9.03 0.62
CA ARG A 134 -32.40 8.10 1.61
C ARG A 134 -31.53 8.06 2.85
N GLY A 135 -30.22 8.19 2.67
CA GLY A 135 -29.28 8.23 3.77
C GLY A 135 -29.44 9.49 4.61
N CYS A 136 -29.70 10.61 3.94
CA CYS A 136 -29.98 11.88 4.61
C CYS A 136 -31.23 11.76 5.48
N ARG A 137 -32.26 11.10 4.93
CA ARG A 137 -33.53 10.93 5.62
C ARG A 137 -33.35 10.11 6.91
N ALA A 138 -32.53 9.07 6.83
CA ALA A 138 -32.25 8.21 7.98
C ALA A 138 -31.49 8.97 9.06
N ILE A 139 -30.54 9.80 8.63
CA ILE A 139 -29.75 10.62 9.55
C ILE A 139 -30.63 11.67 10.23
N GLY A 140 -31.58 12.23 9.48
CA GLY A 140 -32.45 13.28 9.97
C GLY A 140 -33.42 12.80 11.05
N LEU A 141 -33.93 11.58 10.87
CA LEU A 141 -34.84 10.96 11.83
C LEU A 141 -34.10 10.42 13.06
N GLY A 142 -32.77 10.35 12.98
CA GLY A 142 -31.94 9.96 14.12
C GLY A 142 -31.33 11.10 14.91
N GLY A 143 -31.80 12.32 14.70
CA GLY A 143 -31.34 13.48 15.44
C GLY A 143 -30.11 14.18 14.87
N GLY A 144 -29.76 13.88 13.62
CA GLY A 144 -28.71 14.58 12.91
C GLY A 144 -27.31 14.02 13.10
N ALA A 145 -26.36 14.60 12.37
CA ALA A 145 -24.97 14.20 12.41
C ALA A 145 -24.12 15.31 13.00
N SER A 146 -22.98 14.96 13.57
CA SER A 146 -21.99 15.92 14.04
C SER A 146 -20.64 15.66 13.39
N SER A 147 -19.90 16.73 13.11
CA SER A 147 -18.60 16.62 12.45
C SER A 147 -17.58 17.62 13.01
N ARG A 148 -16.31 17.31 12.81
CA ARG A 148 -15.21 18.17 13.26
C ARG A 148 -14.08 18.17 12.24
N VAL A 149 -13.53 19.36 11.99
CA VAL A 149 -12.32 19.50 11.19
C VAL A 149 -11.13 19.30 12.13
N LEU A 150 -10.31 18.30 11.85
CA LEU A 150 -9.20 17.88 12.70
C LEU A 150 -7.87 18.53 12.31
N ALA A 151 -7.76 18.91 11.04
CA ALA A 151 -6.56 19.56 10.52
C ALA A 151 -6.88 20.29 9.21
N ASP A 152 -6.03 21.25 8.87
CA ASP A 152 -6.19 22.03 7.64
C ASP A 152 -4.84 22.50 7.14
N GLY A 153 -4.47 22.07 5.94
CA GLY A 153 -3.19 22.43 5.36
C GLY A 153 -2.92 21.71 4.06
N MET A 154 -3.00 22.45 2.95
CA MET A 154 -2.60 21.96 1.63
C MET A 154 -1.08 21.80 1.61
N THR A 155 -0.57 20.85 0.84
CA THR A 155 0.86 20.58 0.82
C THR A 155 1.48 20.58 -0.57
N ARG A 156 2.79 20.75 -0.61
CA ARG A 156 3.60 20.55 -1.80
C ARG A 156 4.91 19.87 -1.37
N GLY A 157 5.33 18.87 -2.14
CA GLY A 157 6.40 17.98 -1.74
C GLY A 157 7.53 17.93 -2.76
N PRO A 158 8.28 19.02 -2.91
CA PRO A 158 9.40 19.08 -3.85
C PRO A 158 10.50 18.07 -3.55
N VAL A 159 11.29 17.77 -4.57
CA VAL A 159 12.51 16.98 -4.41
C VAL A 159 13.71 17.85 -4.75
N VAL A 160 14.66 17.92 -3.82
CA VAL A 160 15.95 18.56 -4.06
C VAL A 160 17.04 17.50 -3.97
N ARG A 161 18.24 17.86 -4.42
CA ARG A 161 19.38 16.94 -4.42
C ARG A 161 20.64 17.67 -3.98
N LEU A 162 21.45 17.00 -3.16
CA LEU A 162 22.75 17.49 -2.77
C LEU A 162 23.80 16.61 -3.45
N PRO A 163 25.07 17.02 -3.44
CA PRO A 163 26.14 16.18 -4.01
C PRO A 163 26.24 14.79 -3.36
N ARG A 164 26.02 14.73 -2.05
CA ARG A 164 26.11 13.47 -1.30
C ARG A 164 24.92 13.31 -0.35
N ALA A 165 24.74 12.08 0.14
CA ALA A 165 23.79 11.79 1.22
C ALA A 165 24.20 12.44 2.54
N CYS A 166 25.50 12.63 2.76
CA CYS A 166 26.00 13.32 3.94
C CYS A 166 25.56 14.78 3.93
N ASP A 167 25.49 15.36 2.73
CA ASP A 167 25.05 16.75 2.55
C ASP A 167 23.54 16.90 2.69
N SER A 168 22.78 15.96 2.12
CA SER A 168 21.32 16.00 2.25
C SER A 168 20.91 15.80 3.70
N ALA A 169 21.68 15.01 4.44
CA ALA A 169 21.48 14.81 5.87
C ALA A 169 21.68 16.11 6.65
N GLU A 170 22.68 16.90 6.25
CA GLU A 170 22.97 18.18 6.88
C GLU A 170 21.83 19.18 6.68
N VAL A 171 21.22 19.15 5.50
CA VAL A 171 20.12 20.05 5.16
C VAL A 171 18.87 19.67 5.94
N LYS A 172 18.66 18.37 6.16
CA LYS A 172 17.53 17.87 6.94
C LYS A 172 17.65 18.33 8.39
N ALA A 173 18.84 18.17 8.97
CA ALA A 173 19.11 18.56 10.35
C ALA A 173 18.99 20.08 10.54
N TRP A 174 19.38 20.83 9.52
CA TRP A 174 19.31 22.29 9.53
C TRP A 174 17.85 22.75 9.50
N LEU A 175 17.02 22.07 8.73
CA LEU A 175 15.60 22.39 8.63
C LEU A 175 14.87 22.05 9.93
N GLU A 176 15.43 21.14 10.72
CA GLU A 176 14.82 20.69 11.97
C GLU A 176 15.23 21.53 13.19
N THR A 177 16.26 22.36 13.06
CA THR A 177 16.60 23.31 14.13
C THR A 177 15.55 24.42 14.18
N SER A 178 15.44 25.08 15.33
CA SER A 178 14.48 26.18 15.49
C SER A 178 14.82 27.37 14.61
N GLU A 179 16.11 27.61 14.39
CA GLU A 179 16.58 28.78 13.65
C GLU A 179 16.44 28.56 12.15
N GLY A 180 16.72 27.35 11.69
CA GLY A 180 16.60 27.00 10.29
C GLY A 180 15.15 27.01 9.82
N PHE A 181 14.27 26.42 10.60
CA PHE A 181 12.84 26.40 10.28
C PHE A 181 12.27 27.82 10.24
N ALA A 182 12.73 28.68 11.16
CA ALA A 182 12.27 30.05 11.24
C ALA A 182 12.59 30.85 9.98
N VAL A 183 13.79 30.64 9.43
CA VAL A 183 14.23 31.35 8.23
C VAL A 183 13.39 30.92 7.01
N ILE A 184 13.17 29.62 6.88
CA ILE A 184 12.37 29.08 5.78
C ILE A 184 10.90 29.50 5.93
N LYS A 185 10.45 29.59 7.18
CA LYS A 185 9.06 29.96 7.47
C LYS A 185 8.80 31.42 7.09
N GLU A 186 9.79 32.28 7.30
CA GLU A 186 9.67 33.70 6.99
C GLU A 186 9.55 33.91 5.48
N ALA A 187 10.31 33.13 4.71
CA ALA A 187 10.29 33.23 3.24
C ALA A 187 8.98 32.67 2.66
N PHE A 188 8.50 31.56 3.20
CA PHE A 188 7.27 30.92 2.74
C PHE A 188 6.08 31.85 2.97
N ASP A 189 6.00 32.39 4.18
CA ASP A 189 4.88 33.24 4.60
C ASP A 189 4.89 34.62 3.93
N SER A 190 6.01 35.02 3.35
CA SER A 190 6.14 36.30 2.66
C SER A 190 5.44 36.35 1.29
N THR A 191 5.08 35.18 0.76
CA THR A 191 4.45 35.10 -0.56
C THR A 191 2.95 35.38 -0.57
N SER A 192 2.30 35.20 0.59
CA SER A 192 0.86 35.44 0.70
C SER A 192 0.44 35.71 2.15
N ARG A 193 -0.66 36.46 2.31
CA ARG A 193 -1.14 36.81 3.64
C ARG A 193 -1.81 35.63 4.37
N PHE A 194 -2.24 34.63 3.62
CA PHE A 194 -2.85 33.42 4.18
C PHE A 194 -1.83 32.30 4.45
N ALA A 195 -0.58 32.52 4.05
CA ALA A 195 0.48 31.53 4.23
C ALA A 195 1.00 31.49 5.66
N ARG A 196 0.72 30.38 6.36
CA ARG A 196 1.25 30.10 7.69
C ARG A 196 1.91 28.70 7.67
N LEU A 197 3.23 28.67 7.53
CA LEU A 197 3.95 27.41 7.37
C LEU A 197 3.98 26.60 8.66
N GLN A 198 3.46 25.37 8.59
CA GLN A 198 3.45 24.44 9.72
C GLN A 198 4.76 23.66 9.73
N LYS A 199 4.91 22.75 10.71
CA LYS A 199 6.13 21.96 10.83
C LYS A 199 6.44 21.20 9.53
N LEU A 200 7.71 21.22 9.15
CA LEU A 200 8.18 20.57 7.92
C LEU A 200 8.31 19.06 8.16
N HIS A 201 7.90 18.27 7.18
CA HIS A 201 8.15 16.83 7.20
C HIS A 201 9.14 16.50 6.08
N THR A 202 10.29 15.95 6.44
CA THR A 202 11.35 15.65 5.49
C THR A 202 11.70 14.17 5.47
N SER A 203 12.10 13.68 4.30
CA SER A 203 12.47 12.29 4.11
C SER A 203 13.63 12.19 3.11
N ILE A 204 14.70 11.52 3.52
CA ILE A 204 15.88 11.38 2.67
C ILE A 204 15.79 10.11 1.84
N ALA A 205 16.33 10.18 0.62
CA ALA A 205 16.58 9.02 -0.21
C ALA A 205 17.97 9.20 -0.84
N GLY A 206 19.00 8.81 -0.09
CA GLY A 206 20.36 9.01 -0.52
C GLY A 206 20.69 10.49 -0.51
N ARG A 207 21.19 11.00 -1.62
CA ARG A 207 21.48 12.43 -1.75
C ARG A 207 20.23 13.26 -2.08
N ASN A 208 19.11 12.59 -2.37
CA ASN A 208 17.84 13.29 -2.51
C ASN A 208 17.26 13.65 -1.15
N LEU A 209 16.50 14.74 -1.12
CA LEU A 209 15.75 15.16 0.05
C LEU A 209 14.37 15.61 -0.40
N TYR A 210 13.34 14.99 0.17
CA TYR A 210 11.95 15.35 -0.11
C TYR A 210 11.41 16.16 1.05
N ILE A 211 10.95 17.37 0.75
CA ILE A 211 10.48 18.30 1.78
C ILE A 211 8.99 18.54 1.58
N ARG A 212 8.20 18.30 2.63
CA ARG A 212 6.76 18.44 2.56
C ARG A 212 6.36 19.73 3.28
N PHE A 213 6.09 20.77 2.50
CA PHE A 213 5.59 22.03 3.00
C PHE A 213 4.09 21.95 3.18
N GLN A 214 3.59 22.40 4.32
CA GLN A 214 2.15 22.39 4.60
C GLN A 214 1.73 23.74 5.17
N SER A 215 0.56 24.23 4.75
CA SER A 215 0.04 25.49 5.27
C SER A 215 -1.44 25.67 4.95
N ARG A 216 -2.14 26.41 5.81
CA ARG A 216 -3.49 26.86 5.52
C ARG A 216 -3.44 27.77 4.29
N SER A 217 -4.59 28.02 3.69
CA SER A 217 -4.66 28.77 2.44
C SER A 217 -5.96 29.55 2.31
N GLY A 218 -6.45 30.10 3.41
CA GLY A 218 -7.74 30.76 3.44
C GLY A 218 -8.82 29.78 3.01
N ASP A 219 -9.71 30.24 2.12
CA ASP A 219 -10.77 29.39 1.58
C ASP A 219 -10.40 28.75 0.24
N ALA A 220 -9.21 29.05 -0.26
CA ALA A 220 -8.72 28.42 -1.49
C ALA A 220 -8.26 26.99 -1.21
N MET A 221 -8.36 26.13 -2.23
CA MET A 221 -7.78 24.80 -2.17
C MET A 221 -6.29 24.92 -1.86
N GLY A 222 -5.65 25.93 -2.44
CA GLY A 222 -4.33 26.38 -2.01
C GLY A 222 -3.17 25.92 -2.86
N MET A 223 -3.45 25.19 -3.95
CA MET A 223 -2.40 24.64 -4.81
C MET A 223 -1.39 25.70 -5.28
N ASN A 224 -1.89 26.78 -5.86
CA ASN A 224 -1.03 27.84 -6.41
C ASN A 224 -0.27 28.59 -5.31
N MET A 225 -0.95 28.87 -4.21
CA MET A 225 -0.38 29.64 -3.10
C MET A 225 0.74 28.86 -2.40
N ILE A 226 0.52 27.57 -2.19
CA ILE A 226 1.51 26.71 -1.53
C ILE A 226 2.73 26.50 -2.44
N SER A 227 2.50 26.50 -3.75
CA SER A 227 3.58 26.30 -4.72
C SER A 227 4.48 27.52 -4.81
N LYS A 228 3.86 28.70 -4.75
CA LYS A 228 4.58 29.98 -4.78
C LYS A 228 5.41 30.13 -3.50
N GLY A 229 4.83 29.75 -2.36
CA GLY A 229 5.54 29.78 -1.10
C GLY A 229 6.68 28.79 -1.05
N THR A 230 6.49 27.64 -1.72
CA THR A 230 7.50 26.59 -1.80
C THR A 230 8.71 27.07 -2.61
N GLU A 231 8.43 27.76 -3.72
CA GLU A 231 9.48 28.32 -4.59
C GLU A 231 10.37 29.29 -3.84
N LYS A 232 9.76 30.20 -3.08
CA LYS A 232 10.50 31.20 -2.30
C LYS A 232 11.27 30.54 -1.17
N ALA A 233 10.68 29.52 -0.56
CA ALA A 233 11.30 28.82 0.58
C ALA A 233 12.55 28.06 0.15
N LEU A 234 12.52 27.46 -1.04
CA LEU A 234 13.65 26.69 -1.56
C LEU A 234 14.76 27.61 -2.06
N SER A 235 14.38 28.80 -2.55
CA SER A 235 15.35 29.81 -2.96
C SER A 235 16.14 30.33 -1.77
N LYS A 236 15.46 30.47 -0.63
CA LYS A 236 16.10 30.87 0.61
C LYS A 236 16.99 29.76 1.15
N LEU A 237 16.57 28.51 0.98
CA LEU A 237 17.35 27.35 1.39
C LEU A 237 18.63 27.23 0.55
N HIS A 238 18.57 27.68 -0.70
CA HIS A 238 19.72 27.61 -1.61
C HIS A 238 20.80 28.63 -1.23
N GLU A 239 20.40 29.73 -0.59
CA GLU A 239 21.37 30.72 -0.08
C GLU A 239 22.28 30.12 1.00
N TYR A 240 21.71 29.26 1.84
CA TYR A 240 22.48 28.56 2.88
C TYR A 240 23.21 27.33 2.35
N PHE A 241 22.70 26.77 1.25
CA PHE A 241 23.26 25.56 0.65
C PHE A 241 23.33 25.71 -0.87
N PRO A 242 24.37 26.40 -1.36
CA PRO A 242 24.52 26.66 -2.80
C PRO A 242 24.70 25.44 -3.70
N GLU A 243 25.02 24.28 -3.12
CA GLU A 243 25.21 23.05 -3.90
C GLU A 243 23.90 22.29 -4.14
N MET A 244 22.82 22.75 -3.52
CA MET A 244 21.50 22.13 -3.67
C MET A 244 20.88 22.44 -5.03
N GLN A 245 20.41 21.38 -5.71
CA GLN A 245 19.69 21.50 -6.97
C GLN A 245 18.21 21.18 -6.75
N ILE A 246 17.34 22.14 -7.06
CA ILE A 246 15.90 21.91 -7.05
C ILE A 246 15.54 21.11 -8.29
N LEU A 247 15.39 19.80 -8.13
CA LEU A 247 15.10 18.92 -9.27
C LEU A 247 13.67 19.12 -9.79
N ALA A 248 12.71 19.25 -8.88
CA ALA A 248 11.31 19.47 -9.25
C ALA A 248 10.52 20.05 -8.09
N VAL A 249 9.68 21.03 -8.38
CA VAL A 249 8.86 21.70 -7.37
C VAL A 249 7.82 20.73 -6.78
N SER A 250 7.44 19.73 -7.56
CA SER A 250 6.72 18.56 -7.06
C SER A 250 7.52 17.30 -7.34
N GLY A 251 7.99 16.67 -6.27
CA GLY A 251 8.61 15.36 -6.34
C GLY A 251 7.68 14.23 -5.89
N ASN A 252 6.37 14.41 -6.09
CA ASN A 252 5.35 13.41 -5.74
C ASN A 252 5.22 13.08 -4.24
N TYR A 253 5.81 13.94 -3.39
CA TYR A 253 5.78 13.74 -1.94
C TYR A 253 4.65 14.55 -1.29
N CYS A 254 3.83 15.21 -2.11
CA CYS A 254 2.78 16.11 -1.61
C CYS A 254 1.68 15.36 -0.84
N THR A 255 0.99 14.37 -1.42
CA THR A 255 1.04 13.94 -2.81
C THR A 255 -0.26 14.38 -3.48
N ASP A 256 -0.17 14.87 -4.71
CA ASP A 256 -1.33 15.42 -5.42
C ASP A 256 -1.79 14.51 -6.56
N LYS A 257 -3.07 14.12 -6.51
CA LYS A 257 -3.73 13.38 -7.58
C LYS A 257 -3.16 11.99 -7.87
N LYS A 258 -2.41 11.44 -6.90
CA LYS A 258 -2.00 10.04 -6.93
C LYS A 258 -2.26 9.43 -5.54
N PRO A 259 -2.58 8.14 -5.50
CA PRO A 259 -2.74 7.46 -4.22
C PRO A 259 -1.41 7.41 -3.46
N ALA A 260 -1.45 7.72 -2.17
CA ALA A 260 -0.24 7.74 -1.35
C ALA A 260 -0.57 7.63 0.12
N ALA A 261 0.17 6.76 0.80
CA ALA A 261 -0.01 6.54 2.24
C ALA A 261 0.27 7.80 3.04
N ILE A 262 1.13 8.68 2.54
CA ILE A 262 1.48 9.90 3.27
C ILE A 262 0.28 10.82 3.47
N ASN A 263 -0.62 10.86 2.48
CA ASN A 263 -1.87 11.61 2.61
C ASN A 263 -2.81 11.00 3.65
N TRP A 264 -2.85 9.67 3.66
CA TRP A 264 -3.68 8.91 4.59
C TRP A 264 -3.24 9.09 6.04
N ILE A 265 -1.92 9.14 6.26
CA ILE A 265 -1.36 9.13 7.61
C ILE A 265 -1.19 10.55 8.16
N GLU A 266 -0.67 11.45 7.34
CA GLU A 266 -0.36 12.82 7.77
C GLU A 266 -1.49 13.80 7.47
N GLY A 267 -2.38 13.42 6.56
CA GLY A 267 -3.45 14.29 6.12
C GLY A 267 -3.00 15.21 5.00
N ARG A 268 -3.98 15.79 4.30
CA ARG A 268 -3.72 16.76 3.23
C ARG A 268 -5.00 17.53 2.93
N GLY A 269 -4.90 18.85 2.87
CA GLY A 269 -6.10 19.67 2.86
C GLY A 269 -6.79 19.56 4.21
N LYS A 270 -8.09 19.27 4.22
CA LYS A 270 -8.85 19.15 5.46
C LYS A 270 -9.07 17.70 5.88
N SER A 271 -8.66 17.38 7.11
CA SER A 271 -8.98 16.10 7.73
C SER A 271 -10.27 16.28 8.52
N VAL A 272 -11.25 15.41 8.29
CA VAL A 272 -12.58 15.56 8.84
C VAL A 272 -13.10 14.23 9.39
N VAL A 273 -13.89 14.31 10.45
CA VAL A 273 -14.60 13.15 10.98
C VAL A 273 -16.09 13.51 11.14
N CYS A 274 -16.96 12.55 10.87
CA CYS A 274 -18.40 12.76 10.98
C CYS A 274 -19.03 11.53 11.61
N GLU A 275 -20.17 11.70 12.26
CA GLU A 275 -20.85 10.63 12.97
C GLU A 275 -22.33 10.85 13.13
N ALA A 276 -23.05 9.76 13.40
CA ALA A 276 -24.48 9.80 13.70
C ALA A 276 -24.91 8.52 14.42
N VAL A 277 -26.12 8.55 14.95
CA VAL A 277 -26.75 7.36 15.52
C VAL A 277 -28.15 7.25 14.92
N ILE A 278 -28.41 6.13 14.25
CA ILE A 278 -29.68 5.87 13.62
C ILE A 278 -30.47 4.92 14.52
N PRO A 279 -31.61 5.37 15.06
CA PRO A 279 -32.47 4.49 15.87
C PRO A 279 -32.82 3.20 15.16
N ALA A 280 -33.00 2.12 15.92
CA ALA A 280 -33.30 0.80 15.35
C ALA A 280 -34.54 0.84 14.46
N LYS A 281 -35.54 1.61 14.88
CA LYS A 281 -36.79 1.76 14.13
C LYS A 281 -36.54 2.35 12.74
N VAL A 282 -35.69 3.37 12.68
CA VAL A 282 -35.34 4.02 11.41
C VAL A 282 -34.51 3.09 10.51
N VAL A 283 -33.68 2.24 11.11
CA VAL A 283 -32.89 1.28 10.35
C VAL A 283 -33.80 0.27 9.65
N ARG A 284 -34.87 -0.11 10.34
CA ARG A 284 -35.83 -1.08 9.81
C ARG A 284 -36.73 -0.49 8.73
N GLU A 285 -37.24 0.71 8.97
CA GLU A 285 -38.33 1.28 8.16
C GLU A 285 -37.85 2.10 6.96
N VAL A 286 -36.78 2.87 7.16
CA VAL A 286 -36.19 3.67 6.08
C VAL A 286 -35.15 2.87 5.30
N LEU A 287 -34.23 2.22 6.00
CA LEU A 287 -33.10 1.52 5.38
C LEU A 287 -33.36 0.04 5.05
N LYS A 288 -34.50 -0.50 5.51
CA LYS A 288 -34.94 -1.86 5.14
C LYS A 288 -33.97 -2.98 5.53
N THR A 289 -33.33 -2.83 6.69
CA THR A 289 -32.36 -3.80 7.19
C THR A 289 -32.34 -3.76 8.72
N THR A 290 -31.33 -4.39 9.33
CA THR A 290 -31.13 -4.28 10.78
C THR A 290 -29.75 -3.74 11.12
N THR A 291 -29.58 -3.30 12.36
CA THR A 291 -28.29 -2.83 12.85
C THR A 291 -27.23 -3.93 12.83
N GLU A 292 -27.64 -5.14 13.19
CA GLU A 292 -26.73 -6.29 13.25
C GLU A 292 -26.22 -6.67 11.85
N ALA A 293 -27.10 -6.60 10.85
CA ALA A 293 -26.74 -6.91 9.48
C ALA A 293 -25.81 -5.84 8.88
N MET A 294 -26.00 -4.60 9.31
CA MET A 294 -25.20 -3.47 8.81
C MET A 294 -23.76 -3.55 9.30
N ILE A 295 -23.59 -3.88 10.58
CA ILE A 295 -22.28 -3.99 11.20
C ILE A 295 -21.51 -5.18 10.62
N GLU A 296 -22.25 -6.27 10.38
CA GLU A 296 -21.71 -7.49 9.80
C GLU A 296 -21.11 -7.24 8.42
N VAL A 297 -21.83 -6.48 7.60
CA VAL A 297 -21.37 -6.16 6.25
C VAL A 297 -20.21 -5.16 6.31
N ASN A 298 -20.29 -4.18 7.20
CA ASN A 298 -19.25 -3.15 7.29
C ASN A 298 -17.90 -3.73 7.70
N ILE A 299 -17.90 -4.64 8.67
CA ILE A 299 -16.67 -5.29 9.10
C ILE A 299 -16.08 -6.09 7.95
N ASN A 300 -16.90 -6.91 7.30
CA ASN A 300 -16.40 -7.87 6.33
C ASN A 300 -16.20 -7.32 4.91
N LYS A 301 -16.76 -6.16 4.62
CA LYS A 301 -16.60 -5.51 3.31
C LYS A 301 -15.60 -4.37 3.44
N ASN A 302 -15.95 -3.36 4.24
CA ASN A 302 -15.15 -2.15 4.33
C ASN A 302 -13.85 -2.28 5.12
N LEU A 303 -13.74 -3.29 5.99
CA LEU A 303 -12.50 -3.54 6.71
C LEU A 303 -11.76 -4.75 6.17
N VAL A 304 -12.34 -5.94 6.32
CA VAL A 304 -11.68 -7.18 5.90
C VAL A 304 -11.55 -7.23 4.38
N GLY A 305 -12.61 -6.87 3.67
CA GLY A 305 -12.61 -6.94 2.22
C GLY A 305 -11.57 -6.02 1.59
N SER A 306 -11.53 -4.77 2.05
CA SER A 306 -10.55 -3.81 1.57
C SER A 306 -9.13 -4.25 1.92
N ALA A 307 -8.99 -4.91 3.07
CA ALA A 307 -7.69 -5.45 3.50
C ALA A 307 -7.21 -6.54 2.55
N MET A 308 -8.10 -7.45 2.16
CA MET A 308 -7.74 -8.54 1.26
C MET A 308 -7.35 -8.02 -0.13
N ALA A 309 -7.95 -6.91 -0.53
CA ALA A 309 -7.67 -6.29 -1.83
C ALA A 309 -6.40 -5.43 -1.84
N GLY A 310 -5.79 -5.23 -0.67
CA GLY A 310 -4.57 -4.45 -0.56
C GLY A 310 -4.82 -2.96 -0.65
N SER A 311 -5.81 -2.48 0.09
CA SER A 311 -6.18 -1.08 0.05
C SER A 311 -5.42 -0.27 1.09
N ILE A 312 -4.97 0.91 0.67
CA ILE A 312 -4.50 1.95 1.56
C ILE A 312 -5.50 3.10 1.42
N GLY A 313 -6.32 3.31 2.44
CA GLY A 313 -7.25 4.43 2.48
C GLY A 313 -8.65 4.16 1.95
N GLY A 314 -8.88 2.99 1.36
CA GLY A 314 -10.16 2.67 0.74
C GLY A 314 -11.03 1.75 1.57
N TYR A 315 -11.20 2.08 2.85
CA TYR A 315 -12.00 1.27 3.77
C TYR A 315 -13.42 1.81 3.83
N ASN A 316 -14.06 1.92 2.67
CA ASN A 316 -15.39 2.47 2.54
C ASN A 316 -16.13 1.81 1.37
N ALA A 317 -17.43 2.06 1.27
CA ALA A 317 -18.25 1.52 0.19
C ALA A 317 -18.09 2.30 -1.12
N HIS A 318 -18.40 3.59 -1.09
CA HIS A 318 -18.37 4.43 -2.29
C HIS A 318 -18.28 5.92 -2.01
N ALA A 319 -17.41 6.29 -1.07
CA ALA A 319 -17.14 7.71 -0.78
C ALA A 319 -16.84 8.51 -2.05
N ALA A 320 -16.16 7.87 -3.01
CA ALA A 320 -15.78 8.53 -4.27
C ALA A 320 -16.95 8.96 -5.13
N ASN A 321 -18.07 8.23 -5.07
CA ASN A 321 -19.29 8.65 -5.76
C ASN A 321 -19.79 9.99 -5.26
N ILE A 322 -19.81 10.15 -3.94
CA ILE A 322 -20.32 11.37 -3.31
C ILE A 322 -19.35 12.54 -3.50
N VAL A 323 -18.07 12.29 -3.27
CA VAL A 323 -17.03 13.30 -3.41
C VAL A 323 -17.03 13.84 -4.85
N THR A 324 -17.06 12.95 -5.82
CA THR A 324 -17.02 13.32 -7.22
C THR A 324 -18.23 14.14 -7.65
N ALA A 325 -19.42 13.74 -7.19
CA ALA A 325 -20.65 14.42 -7.56
C ALA A 325 -20.71 15.83 -6.98
N ILE A 326 -20.29 15.98 -5.73
CA ILE A 326 -20.25 17.29 -5.08
C ILE A 326 -19.16 18.16 -5.69
N TYR A 327 -18.03 17.54 -6.07
CA TYR A 327 -16.89 18.29 -6.58
C TYR A 327 -17.20 18.89 -7.95
N ILE A 328 -17.84 18.12 -8.82
CA ILE A 328 -18.20 18.60 -10.15
C ILE A 328 -19.26 19.71 -10.05
N ALA A 329 -20.20 19.55 -9.12
CA ALA A 329 -21.28 20.51 -8.94
C ALA A 329 -20.80 21.83 -8.33
N CYS A 330 -19.77 21.77 -7.49
CA CYS A 330 -19.30 22.93 -6.73
C CYS A 330 -17.96 23.50 -7.22
N GLY A 331 -17.60 23.22 -8.47
CA GLY A 331 -16.43 23.83 -9.09
C GLY A 331 -15.08 23.42 -8.54
N GLN A 332 -15.01 22.23 -7.96
CA GLN A 332 -13.78 21.68 -7.43
C GLN A 332 -12.97 20.98 -8.52
N ASP A 333 -11.74 20.61 -8.18
CA ASP A 333 -10.89 19.81 -9.05
C ASP A 333 -11.28 18.34 -8.91
N ALA A 334 -12.03 17.81 -9.88
CA ALA A 334 -12.53 16.45 -9.82
C ALA A 334 -11.43 15.38 -9.85
N ALA A 335 -10.26 15.72 -10.40
CA ALA A 335 -9.12 14.81 -10.41
C ALA A 335 -8.56 14.55 -9.00
N GLN A 336 -8.81 15.48 -8.08
CA GLN A 336 -8.41 15.32 -6.68
C GLN A 336 -9.33 14.38 -5.89
N ASN A 337 -10.33 13.79 -6.55
CA ASN A 337 -11.12 12.74 -5.92
C ASN A 337 -10.26 11.49 -5.57
N VAL A 338 -9.10 11.37 -6.23
CA VAL A 338 -8.17 10.27 -5.97
C VAL A 338 -7.83 10.20 -4.47
N GLY A 339 -7.34 11.31 -3.94
CA GLY A 339 -6.99 11.41 -2.53
C GLY A 339 -8.11 11.87 -1.61
N SER A 340 -8.99 12.74 -2.12
CA SER A 340 -10.10 13.28 -1.34
C SER A 340 -11.11 12.22 -0.91
N SER A 341 -11.20 11.15 -1.69
CA SER A 341 -12.11 10.03 -1.41
C SER A 341 -11.63 9.09 -0.30
N ASN A 342 -10.38 9.26 0.14
CA ASN A 342 -9.86 8.48 1.27
C ASN A 342 -10.85 8.53 2.43
N CYS A 343 -11.25 7.35 2.92
CA CYS A 343 -12.30 7.25 3.92
C CYS A 343 -12.32 5.88 4.61
N ILE A 344 -12.45 5.89 5.94
CA ILE A 344 -12.72 4.67 6.69
C ILE A 344 -14.08 4.81 7.36
N THR A 345 -14.98 3.87 7.04
CA THR A 345 -16.33 3.85 7.57
C THR A 345 -16.41 2.81 8.68
N LEU A 346 -16.88 3.24 9.84
CA LEU A 346 -17.00 2.37 11.01
C LEU A 346 -18.45 2.29 11.47
N MET A 347 -18.82 1.13 12.00
CA MET A 347 -20.18 0.88 12.45
C MET A 347 -20.17 -0.01 13.68
N GLU A 348 -21.00 0.31 14.66
CA GLU A 348 -21.17 -0.52 15.85
C GLU A 348 -22.54 -0.34 16.49
N ALA A 349 -22.90 -1.27 17.39
CA ALA A 349 -24.15 -1.22 18.12
C ALA A 349 -24.09 -0.14 19.20
N SER A 350 -25.24 0.45 19.49
CA SER A 350 -25.33 1.57 20.44
C SER A 350 -26.70 1.63 21.12
N GLY A 351 -26.78 2.43 22.18
CA GLY A 351 -28.04 2.63 22.89
C GLY A 351 -28.23 1.63 24.01
N PRO A 352 -29.40 1.67 24.65
CA PRO A 352 -29.66 0.85 25.85
C PRO A 352 -29.82 -0.63 25.57
N THR A 353 -30.44 -0.98 24.44
CA THR A 353 -30.64 -2.37 24.04
C THR A 353 -29.67 -2.84 22.95
N ASN A 354 -28.64 -2.04 22.67
CA ASN A 354 -27.65 -2.36 21.62
C ASN A 354 -28.28 -2.61 20.24
N GLU A 355 -29.37 -1.90 19.94
CA GLU A 355 -30.09 -2.06 18.68
C GLU A 355 -29.95 -0.85 17.73
N ASP A 356 -29.46 0.27 18.25
CA ASP A 356 -29.25 1.47 17.44
C ASP A 356 -27.89 1.38 16.72
N LEU A 357 -27.77 2.08 15.60
CA LEU A 357 -26.60 1.97 14.73
C LEU A 357 -25.73 3.22 14.77
N TYR A 358 -24.61 3.14 15.48
CA TYR A 358 -23.59 4.18 15.43
C TYR A 358 -22.80 4.04 14.13
N ILE A 359 -22.66 5.15 13.39
CA ILE A 359 -21.83 5.20 12.20
C ILE A 359 -20.87 6.38 12.27
N SER A 360 -19.70 6.21 11.66
CA SER A 360 -18.74 7.30 11.54
C SER A 360 -17.93 7.16 10.26
N CYS A 361 -17.65 8.29 9.62
CA CYS A 361 -16.74 8.35 8.48
C CYS A 361 -15.59 9.29 8.81
N THR A 362 -14.37 8.84 8.54
CA THR A 362 -13.17 9.64 8.77
C THR A 362 -12.41 9.79 7.46
N MET A 363 -12.23 11.03 7.04
CA MET A 363 -11.66 11.37 5.75
C MET A 363 -10.51 12.36 5.95
N PRO A 364 -9.28 11.87 6.01
CA PRO A 364 -8.13 12.70 6.42
C PRO A 364 -7.59 13.66 5.35
N SER A 365 -8.07 13.58 4.11
CA SER A 365 -7.42 14.29 3.02
C SER A 365 -8.37 14.88 1.97
N ILE A 366 -9.41 15.57 2.44
CA ILE A 366 -10.34 16.29 1.56
C ILE A 366 -9.67 17.58 1.05
N GLU A 367 -9.41 17.62 -0.25
CA GLU A 367 -8.75 18.75 -0.91
C GLU A 367 -9.83 19.62 -1.58
N ILE A 368 -10.05 20.80 -1.03
CA ILE A 368 -11.26 21.56 -1.32
C ILE A 368 -11.11 23.07 -1.08
N GLY A 369 -11.92 23.84 -1.78
CA GLY A 369 -11.93 25.29 -1.65
C GLY A 369 -13.22 25.91 -2.18
N THR A 370 -13.47 27.15 -1.81
CA THR A 370 -14.63 27.90 -2.29
C THR A 370 -14.26 29.19 -3.02
N VAL A 371 -12.95 29.44 -3.18
CA VAL A 371 -12.44 30.50 -4.03
C VAL A 371 -11.40 29.91 -4.99
N GLY A 372 -11.34 30.47 -6.20
CA GLY A 372 -10.37 30.04 -7.20
C GLY A 372 -10.84 28.86 -8.04
N GLY A 373 -10.14 28.62 -9.14
CA GLY A 373 -10.44 27.51 -10.04
C GLY A 373 -11.84 27.58 -10.62
N GLY A 374 -12.53 26.44 -10.61
CA GLY A 374 -13.89 26.34 -11.09
C GLY A 374 -14.93 27.05 -10.25
N THR A 375 -14.60 27.40 -9.00
CA THR A 375 -15.54 28.13 -8.13
C THR A 375 -15.71 29.60 -8.55
N ASN A 376 -14.93 30.06 -9.53
CA ASN A 376 -15.09 31.40 -10.10
C ASN A 376 -16.23 31.50 -11.10
N LEU A 377 -16.71 30.35 -11.58
CA LEU A 377 -17.77 30.29 -12.57
C LEU A 377 -19.13 30.39 -11.88
N LEU A 378 -20.07 31.09 -12.51
CA LEU A 378 -21.36 31.41 -11.89
C LEU A 378 -22.25 30.19 -11.62
N PRO A 379 -22.35 29.24 -12.55
CA PRO A 379 -23.15 28.04 -12.32
C PRO A 379 -22.70 27.22 -11.10
N GLN A 380 -21.39 27.06 -10.91
CA GLN A 380 -20.91 26.28 -9.76
C GLN A 380 -20.92 27.14 -8.49
N GLN A 381 -20.94 28.46 -8.64
CA GLN A 381 -21.16 29.37 -7.51
C GLN A 381 -22.60 29.28 -7.00
N ALA A 382 -23.52 28.91 -7.89
CA ALA A 382 -24.92 28.71 -7.52
C ALA A 382 -25.06 27.52 -6.58
N CYS A 383 -24.31 26.46 -6.87
CA CYS A 383 -24.31 25.27 -6.02
C CYS A 383 -23.63 25.53 -4.68
N LEU A 384 -22.57 26.34 -4.69
CA LEU A 384 -21.93 26.76 -3.46
C LEU A 384 -22.86 27.63 -2.61
N GLN A 385 -23.66 28.46 -3.27
CA GLN A 385 -24.59 29.36 -2.58
C GLN A 385 -25.75 28.59 -1.94
N MET A 386 -26.09 27.42 -2.48
CA MET A 386 -27.08 26.54 -1.87
C MET A 386 -26.62 26.17 -0.47
N LEU A 387 -25.34 25.81 -0.36
CA LEU A 387 -24.73 25.35 0.89
C LEU A 387 -24.27 26.49 1.81
N GLY A 388 -24.32 27.72 1.31
CA GLY A 388 -23.94 28.89 2.10
C GLY A 388 -22.45 29.02 2.33
N VAL A 389 -21.66 28.56 1.36
CA VAL A 389 -20.19 28.53 1.48
C VAL A 389 -19.46 29.19 0.30
N GLN A 390 -20.20 29.88 -0.56
CA GLN A 390 -19.59 30.52 -1.73
C GLN A 390 -18.62 31.64 -1.33
N GLY A 391 -17.46 31.66 -1.97
CA GLY A 391 -16.49 32.73 -1.78
C GLY A 391 -15.72 32.68 -0.47
N ALA A 392 -14.97 33.76 -0.21
CA ALA A 392 -14.13 33.86 0.98
C ALA A 392 -14.91 34.44 2.16
N CYS A 393 -14.79 33.78 3.31
CA CYS A 393 -15.29 34.32 4.57
C CYS A 393 -14.28 35.34 5.11
N LYS A 394 -14.68 36.62 5.11
CA LYS A 394 -13.78 37.70 5.49
C LYS A 394 -13.47 37.72 6.99
N ASP A 395 -14.49 37.44 7.80
CA ASP A 395 -14.37 37.51 9.26
C ASP A 395 -13.61 36.33 9.86
N ASN A 396 -13.73 35.17 9.22
CA ASN A 396 -13.05 33.96 9.66
C ASN A 396 -12.47 33.22 8.45
N PRO A 397 -11.29 33.63 7.99
CA PRO A 397 -10.68 33.04 6.79
C PRO A 397 -10.53 31.52 6.85
N GLY A 398 -11.14 30.83 5.89
CA GLY A 398 -11.08 29.39 5.78
C GLY A 398 -12.34 28.69 6.27
N GLU A 399 -13.29 29.46 6.80
CA GLU A 399 -14.49 28.90 7.40
C GLU A 399 -15.43 28.29 6.36
N ASN A 400 -15.53 28.93 5.19
CA ASN A 400 -16.38 28.42 4.11
C ASN A 400 -15.85 27.12 3.51
N ALA A 401 -14.53 27.03 3.36
CA ALA A 401 -13.90 25.81 2.84
C ALA A 401 -13.97 24.68 3.87
N ARG A 402 -13.82 25.04 5.14
CA ARG A 402 -13.96 24.08 6.24
C ARG A 402 -15.38 23.51 6.27
N GLN A 403 -16.37 24.37 6.10
CA GLN A 403 -17.78 23.98 6.14
C GLN A 403 -18.12 23.05 4.98
N LEU A 404 -17.55 23.33 3.81
CA LEU A 404 -17.77 22.48 2.64
C LEU A 404 -17.18 21.10 2.84
N ALA A 405 -16.03 21.02 3.50
CA ALA A 405 -15.38 19.74 3.79
C ALA A 405 -16.24 18.92 4.74
N ARG A 406 -16.86 19.59 5.70
CA ARG A 406 -17.75 18.95 6.67
C ARG A 406 -19.01 18.43 5.97
N ILE A 407 -19.51 19.19 4.99
CA ILE A 407 -20.70 18.79 4.22
C ILE A 407 -20.38 17.58 3.35
N VAL A 408 -19.18 17.56 2.78
CA VAL A 408 -18.73 16.43 1.97
C VAL A 408 -18.66 15.17 2.83
N CYS A 409 -18.06 15.29 4.01
CA CYS A 409 -17.89 14.14 4.90
C CYS A 409 -19.24 13.60 5.41
N GLY A 410 -20.18 14.51 5.67
CA GLY A 410 -21.50 14.14 6.14
C GLY A 410 -22.36 13.51 5.06
N THR A 411 -22.19 13.96 3.81
CA THR A 411 -22.94 13.42 2.68
C THR A 411 -22.39 12.06 2.31
N VAL A 412 -21.07 11.89 2.39
CA VAL A 412 -20.43 10.59 2.22
C VAL A 412 -20.99 9.59 3.23
N MET A 413 -21.14 10.02 4.48
CA MET A 413 -21.68 9.16 5.53
C MET A 413 -23.12 8.74 5.23
N ALA A 414 -23.89 9.66 4.66
CA ALA A 414 -25.26 9.38 4.22
C ALA A 414 -25.27 8.36 3.08
N GLY A 415 -24.32 8.50 2.16
CA GLY A 415 -24.20 7.59 1.04
C GLY A 415 -23.72 6.22 1.48
N GLU A 416 -22.86 6.18 2.49
CA GLU A 416 -22.37 4.93 3.06
C GLU A 416 -23.50 4.20 3.76
N LEU A 417 -24.34 4.95 4.47
CA LEU A 417 -25.46 4.36 5.20
C LEU A 417 -26.41 3.66 4.24
N SER A 418 -26.74 4.35 3.14
CA SER A 418 -27.77 3.90 2.22
C SER A 418 -27.33 2.74 1.34
N LEU A 419 -26.10 2.80 0.81
CA LEU A 419 -25.60 1.72 -0.03
C LEU A 419 -25.35 0.47 0.79
N MET A 420 -24.78 0.63 1.98
CA MET A 420 -24.50 -0.52 2.84
C MET A 420 -25.78 -1.21 3.30
N ALA A 421 -26.87 -0.45 3.40
CA ALA A 421 -28.18 -1.00 3.75
C ALA A 421 -28.75 -1.82 2.61
N ALA A 422 -28.56 -1.35 1.38
CA ALA A 422 -28.99 -2.06 0.19
C ALA A 422 -28.20 -3.36 0.00
N LEU A 423 -26.93 -3.36 0.39
CA LEU A 423 -26.08 -4.54 0.30
C LEU A 423 -26.38 -5.53 1.42
N ALA A 424 -26.79 -5.02 2.58
CA ALA A 424 -27.06 -5.86 3.76
C ALA A 424 -28.39 -6.58 3.65
N ALA A 425 -29.30 -6.03 2.87
CA ALA A 425 -30.62 -6.61 2.64
C ALA A 425 -30.60 -7.62 1.51
N GLY A 426 -29.57 -7.55 0.65
CA GLY A 426 -29.45 -8.44 -0.49
C GLY A 426 -30.39 -8.08 -1.63
N HIS A 427 -30.73 -6.80 -1.73
CA HIS A 427 -31.65 -6.31 -2.76
C HIS A 427 -31.01 -6.43 -4.13
N GLU B 7 -56.35 34.23 -7.77
CA GLU B 7 -56.17 33.16 -8.79
C GLU B 7 -55.86 31.79 -8.17
N PRO B 8 -54.96 31.75 -7.18
CA PRO B 8 -54.65 30.49 -6.49
C PRO B 8 -55.89 29.90 -5.79
N ARG B 9 -56.38 28.78 -6.29
CA ARG B 9 -57.60 28.16 -5.78
C ARG B 9 -57.37 27.46 -4.44
N PRO B 10 -58.44 27.16 -3.70
CA PRO B 10 -58.33 26.37 -2.46
C PRO B 10 -57.80 24.95 -2.70
N ASN B 11 -57.38 24.29 -1.61
CA ASN B 11 -56.72 22.99 -1.68
C ASN B 11 -57.55 21.90 -2.38
N GLU B 12 -58.78 21.72 -1.94
CA GLU B 12 -59.63 20.62 -2.41
C GLU B 12 -60.06 20.78 -3.87
N GLU B 13 -60.24 22.02 -4.32
CA GLU B 13 -60.62 22.30 -5.71
C GLU B 13 -59.51 21.95 -6.71
N CYS B 14 -58.27 22.10 -6.29
CA CYS B 14 -57.11 21.75 -7.12
C CYS B 14 -56.91 20.24 -7.24
N LEU B 15 -57.28 19.51 -6.19
CA LEU B 15 -57.09 18.06 -6.15
C LEU B 15 -58.03 17.29 -7.08
N GLN B 16 -59.27 17.76 -7.22
CA GLN B 16 -60.27 17.08 -8.05
C GLN B 16 -59.95 17.11 -9.55
N ILE B 17 -59.16 18.10 -9.98
CA ILE B 17 -58.71 18.20 -11.36
C ILE B 17 -57.58 17.20 -11.62
N LEU B 18 -56.70 17.04 -10.63
CA LEU B 18 -55.56 16.13 -10.73
C LEU B 18 -55.99 14.67 -10.90
N GLY B 19 -57.05 14.29 -10.19
CA GLY B 19 -57.57 12.93 -10.23
C GLY B 19 -58.15 12.55 -11.59
N ASN B 20 -58.83 13.50 -12.22
CA ASN B 20 -59.34 13.32 -13.58
C ASN B 20 -58.16 13.23 -14.55
N ALA B 21 -58.10 12.11 -15.30
CA ALA B 21 -56.95 11.82 -16.16
C ALA B 21 -57.05 12.45 -17.56
N GLU B 22 -58.10 13.21 -17.81
CA GLU B 22 -58.21 14.01 -19.04
C GLU B 22 -58.20 15.50 -18.72
N LYS B 23 -57.34 15.87 -17.77
CA LYS B 23 -57.16 17.27 -17.37
C LYS B 23 -55.76 17.45 -16.77
N GLY B 24 -55.51 16.77 -15.66
CA GLY B 24 -54.17 16.69 -15.09
C GLY B 24 -53.69 17.96 -14.41
N ALA B 25 -52.36 18.05 -14.24
CA ALA B 25 -51.73 19.19 -13.58
C ALA B 25 -51.35 20.32 -14.56
N LYS B 26 -51.67 20.16 -15.83
CA LYS B 26 -51.42 21.19 -16.85
C LYS B 26 -52.37 22.37 -16.69
N PHE B 27 -53.60 22.08 -16.29
CA PHE B 27 -54.65 23.10 -16.17
C PHE B 27 -54.33 24.08 -15.02
N LEU B 28 -53.64 23.58 -14.00
CA LEU B 28 -53.25 24.39 -12.83
C LEU B 28 -52.03 25.25 -13.14
N SER B 29 -51.67 26.11 -12.20
CA SER B 29 -50.52 27.02 -12.34
C SER B 29 -49.33 26.55 -11.50
N ASP B 30 -48.26 27.34 -11.51
CA ASP B 30 -47.04 27.03 -10.76
C ASP B 30 -47.25 27.17 -9.25
N ALA B 31 -47.88 28.26 -8.85
CA ALA B 31 -48.12 28.55 -7.42
C ALA B 31 -49.07 27.55 -6.77
N GLU B 32 -49.99 27.00 -7.57
CA GLU B 32 -50.96 26.03 -7.07
C GLU B 32 -50.32 24.67 -6.75
N ILE B 33 -49.37 24.24 -7.59
CA ILE B 33 -48.69 22.97 -7.39
C ILE B 33 -47.77 23.00 -6.16
N ILE B 34 -47.14 24.15 -5.91
CA ILE B 34 -46.32 24.35 -4.73
C ILE B 34 -47.16 24.25 -3.45
N GLN B 35 -48.40 24.73 -3.53
CA GLN B 35 -49.34 24.67 -2.40
C GLN B 35 -49.75 23.23 -2.09
N LEU B 36 -49.81 22.39 -3.11
CA LEU B 36 -50.16 20.98 -2.96
C LEU B 36 -49.04 20.18 -2.27
N VAL B 37 -47.81 20.62 -2.45
CA VAL B 37 -46.64 19.97 -1.84
C VAL B 37 -46.50 20.33 -0.36
N ASN B 38 -46.73 21.60 -0.03
CA ASN B 38 -46.52 22.10 1.33
C ASN B 38 -47.63 21.68 2.31
N ALA B 39 -48.85 21.55 1.81
CA ALA B 39 -49.99 21.11 2.62
C ALA B 39 -50.00 19.59 2.82
N LYS B 40 -49.06 18.89 2.18
CA LYS B 40 -48.86 17.46 2.35
C LYS B 40 -50.00 16.62 1.76
N HIS B 41 -50.35 16.96 0.52
CA HIS B 41 -51.28 16.16 -0.29
C HIS B 41 -50.48 15.23 -1.22
N ILE B 42 -49.42 15.78 -1.83
CA ILE B 42 -48.54 15.03 -2.72
C ILE B 42 -47.08 15.23 -2.26
N PRO B 43 -46.40 14.13 -1.90
CA PRO B 43 -44.96 14.20 -1.53
C PRO B 43 -44.06 14.76 -2.63
N ALA B 44 -42.88 15.24 -2.23
CA ALA B 44 -41.96 15.93 -3.13
C ALA B 44 -41.30 15.00 -4.16
N TYR B 45 -41.01 13.77 -3.75
CA TYR B 45 -40.34 12.79 -4.64
C TYR B 45 -41.18 12.44 -5.88
N LYS B 46 -42.51 12.53 -5.75
CA LYS B 46 -43.43 12.20 -6.84
C LYS B 46 -43.85 13.43 -7.66
N LEU B 47 -42.89 14.31 -7.96
CA LEU B 47 -43.13 15.50 -8.77
C LEU B 47 -42.64 15.34 -10.21
N GLU B 48 -42.08 14.18 -10.53
CA GLU B 48 -41.58 13.89 -11.87
C GLU B 48 -42.71 13.43 -12.79
N THR B 49 -43.48 12.44 -12.33
CA THR B 49 -44.52 11.81 -13.15
C THR B 49 -45.74 12.70 -13.37
N LEU B 50 -46.20 13.34 -12.31
CA LEU B 50 -47.45 14.12 -12.33
C LEU B 50 -47.42 15.27 -13.34
N ILE B 51 -46.28 15.95 -13.45
CA ILE B 51 -46.14 17.09 -14.36
C ILE B 51 -46.05 16.59 -15.82
N GLU B 52 -46.46 17.44 -16.76
CA GLU B 52 -46.58 17.04 -18.16
C GLU B 52 -45.22 16.95 -18.84
N THR B 53 -44.55 18.10 -18.96
CA THR B 53 -43.23 18.16 -19.60
C THR B 53 -42.14 18.09 -18.55
N HIS B 54 -40.97 17.59 -18.95
CA HIS B 54 -39.86 17.40 -18.03
C HIS B 54 -39.28 18.71 -17.54
N GLU B 55 -39.20 19.72 -18.41
CA GLU B 55 -38.63 21.02 -18.05
C GLU B 55 -39.45 21.73 -16.97
N ARG B 56 -40.77 21.62 -17.05
CA ARG B 56 -41.65 22.25 -16.05
C ARG B 56 -41.54 21.57 -14.69
N GLY B 57 -41.34 20.25 -14.70
CA GLY B 57 -41.13 19.50 -13.47
C GLY B 57 -39.87 19.90 -12.73
N VAL B 58 -38.82 20.24 -13.49
CA VAL B 58 -37.57 20.70 -12.92
C VAL B 58 -37.75 22.11 -12.34
N SER B 59 -38.54 22.93 -13.02
CA SER B 59 -38.80 24.30 -12.58
C SER B 59 -39.56 24.33 -11.26
N ILE B 60 -40.48 23.39 -11.07
CA ILE B 60 -41.28 23.31 -9.84
C ILE B 60 -40.42 22.81 -8.68
N ARG B 61 -39.53 21.86 -8.94
CA ARG B 61 -38.61 21.36 -7.93
C ARG B 61 -37.64 22.46 -7.48
N ARG B 62 -37.23 23.30 -8.42
CA ARG B 62 -36.33 24.42 -8.16
C ARG B 62 -36.97 25.48 -7.27
N GLN B 63 -38.26 25.73 -7.47
CA GLN B 63 -38.99 26.74 -6.70
C GLN B 63 -39.19 26.29 -5.26
N LEU B 64 -39.52 25.01 -5.08
CA LEU B 64 -39.66 24.41 -3.75
C LEU B 64 -38.34 24.42 -2.99
N LEU B 65 -37.25 24.22 -3.71
CA LEU B 65 -35.91 24.20 -3.14
C LEU B 65 -35.46 25.60 -2.70
N SER B 66 -35.85 26.61 -3.48
CA SER B 66 -35.35 27.97 -3.27
C SER B 66 -35.77 28.57 -1.94
N LYS B 67 -37.02 28.33 -1.53
CA LYS B 67 -37.52 28.84 -0.25
C LYS B 67 -36.88 28.15 0.96
N LYS B 68 -36.40 26.92 0.78
CA LYS B 68 -35.69 26.20 1.84
C LYS B 68 -34.30 26.78 2.10
N LEU B 69 -33.70 27.40 1.09
CA LEU B 69 -32.33 27.91 1.18
C LEU B 69 -32.29 29.27 1.86
N SER B 70 -31.17 29.56 2.53
CA SER B 70 -30.99 30.84 3.23
C SER B 70 -30.95 32.02 2.25
N GLU B 71 -30.45 31.76 1.05
CA GLU B 71 -30.46 32.74 -0.04
C GLU B 71 -31.36 32.23 -1.17
N PRO B 72 -32.61 32.71 -1.23
CA PRO B 72 -33.58 32.25 -2.23
C PRO B 72 -33.20 32.48 -3.70
N SER B 73 -32.25 33.37 -3.97
CA SER B 73 -31.80 33.64 -5.34
C SER B 73 -30.52 32.88 -5.70
N SER B 74 -30.21 31.83 -4.96
CA SER B 74 -28.94 31.10 -5.13
C SER B 74 -28.90 30.28 -6.42
N LEU B 75 -30.05 29.79 -6.87
CA LEU B 75 -30.14 28.99 -8.09
C LEU B 75 -30.25 29.82 -9.37
N GLN B 76 -30.19 31.15 -9.24
CA GLN B 76 -30.34 32.06 -10.38
C GLN B 76 -29.45 31.70 -11.58
N TYR B 77 -28.18 31.41 -11.30
CA TYR B 77 -27.19 31.16 -12.36
C TYR B 77 -26.90 29.67 -12.58
N LEU B 78 -27.62 28.79 -11.89
CA LEU B 78 -27.64 27.37 -12.23
C LEU B 78 -28.63 27.16 -13.38
N PRO B 79 -28.13 26.83 -14.58
CA PRO B 79 -29.01 26.73 -15.74
C PRO B 79 -29.87 25.47 -15.72
N TYR B 80 -30.92 25.45 -16.54
CA TYR B 80 -31.85 24.32 -16.57
C TYR B 80 -32.73 24.28 -17.84
N ARG B 81 -33.10 25.45 -18.37
CA ARG B 81 -33.96 25.53 -19.55
C ARG B 81 -33.35 24.90 -20.80
N ASP B 82 -34.20 24.27 -21.61
CA ASP B 82 -33.85 23.74 -22.92
C ASP B 82 -32.79 22.64 -22.91
N TYR B 83 -32.71 21.90 -21.81
CA TYR B 83 -31.88 20.70 -21.74
C TYR B 83 -32.77 19.48 -21.95
N ASN B 84 -32.28 18.49 -22.67
CA ASN B 84 -33.03 17.27 -22.96
C ASN B 84 -33.04 16.33 -21.75
N TYR B 85 -34.02 16.50 -20.88
CA TYR B 85 -34.13 15.72 -19.65
C TYR B 85 -34.73 14.32 -19.86
N SER B 86 -35.17 14.01 -21.09
CA SER B 86 -35.85 12.75 -21.37
C SER B 86 -34.96 11.52 -21.14
N LEU B 87 -33.69 11.62 -21.53
CA LEU B 87 -32.74 10.51 -21.39
C LEU B 87 -32.12 10.46 -19.99
N VAL B 88 -32.28 11.52 -19.20
CA VAL B 88 -31.73 11.61 -17.86
C VAL B 88 -32.67 11.06 -16.79
N MET B 89 -33.96 11.36 -16.92
CA MET B 89 -34.93 11.00 -15.88
C MET B 89 -35.16 9.49 -15.83
N GLY B 90 -35.07 8.91 -14.64
CA GLY B 90 -35.24 7.49 -14.44
C GLY B 90 -34.10 6.63 -15.01
N ALA B 91 -32.90 7.20 -15.10
CA ALA B 91 -31.76 6.51 -15.71
C ALA B 91 -30.38 7.02 -15.25
N CYS B 92 -30.21 8.34 -15.18
CA CYS B 92 -28.92 8.95 -14.89
C CYS B 92 -28.89 9.86 -13.64
N CYS B 93 -30.03 10.45 -13.28
CA CYS B 93 -30.09 11.39 -12.15
C CYS B 93 -31.50 11.56 -11.60
N GLU B 94 -31.60 11.78 -10.29
CA GLU B 94 -32.87 12.02 -9.62
C GLU B 94 -32.87 13.37 -8.91
N ASN B 95 -34.06 13.83 -8.52
CA ASN B 95 -34.24 15.14 -7.89
C ASN B 95 -33.56 16.25 -8.70
N VAL B 96 -33.74 16.22 -10.02
CA VAL B 96 -33.00 17.07 -10.94
C VAL B 96 -33.46 18.53 -10.85
N ILE B 97 -32.50 19.42 -10.58
CA ILE B 97 -32.75 20.86 -10.46
C ILE B 97 -32.00 21.68 -11.50
N GLY B 98 -31.40 21.01 -12.49
CA GLY B 98 -30.65 21.71 -13.54
C GLY B 98 -29.46 20.91 -14.05
N TYR B 99 -28.52 21.61 -14.69
CA TYR B 99 -27.28 21.00 -15.15
C TYR B 99 -26.08 21.90 -14.87
N MET B 100 -24.90 21.30 -14.78
CA MET B 100 -23.66 22.01 -14.48
C MET B 100 -22.77 22.02 -15.73
N PRO B 101 -22.60 23.19 -16.36
CA PRO B 101 -21.74 23.29 -17.54
C PRO B 101 -20.25 23.19 -17.19
N ILE B 102 -19.58 22.17 -17.74
CA ILE B 102 -18.13 22.04 -17.61
C ILE B 102 -17.49 22.42 -18.95
N PRO B 103 -16.63 23.43 -18.95
CA PRO B 103 -15.92 23.82 -20.19
C PRO B 103 -15.20 22.65 -20.84
N VAL B 104 -15.35 22.51 -22.16
CA VAL B 104 -14.72 21.43 -22.92
C VAL B 104 -13.70 22.05 -23.88
N GLY B 105 -12.46 21.58 -23.79
CA GLY B 105 -11.39 22.00 -24.68
C GLY B 105 -10.92 20.85 -25.54
N VAL B 106 -10.11 21.15 -26.56
CA VAL B 106 -9.58 20.13 -27.47
C VAL B 106 -8.06 20.16 -27.50
N ALA B 107 -7.46 18.98 -27.32
CA ALA B 107 -6.02 18.78 -27.45
C ALA B 107 -5.80 17.77 -28.56
N GLY B 108 -4.98 18.14 -29.54
CA GLY B 108 -4.69 17.28 -30.67
C GLY B 108 -3.99 18.00 -31.81
N PRO B 109 -3.65 17.28 -32.88
CA PRO B 109 -3.92 15.85 -33.01
C PRO B 109 -3.01 14.96 -32.15
N LEU B 110 -3.60 13.90 -31.60
CA LEU B 110 -2.86 12.84 -30.92
C LEU B 110 -2.57 11.77 -31.96
N CYS B 111 -1.30 11.61 -32.32
CA CYS B 111 -0.92 10.65 -33.34
C CYS B 111 -0.67 9.30 -32.67
N LEU B 112 -1.66 8.42 -32.77
CA LEU B 112 -1.65 7.14 -32.06
C LEU B 112 -2.03 6.00 -33.00
N ASP B 113 -1.17 4.98 -33.07
CA ASP B 113 -1.41 3.79 -33.89
C ASP B 113 -1.76 4.12 -35.35
N GLU B 114 -1.00 5.05 -35.93
CA GLU B 114 -1.16 5.49 -37.33
C GLU B 114 -2.49 6.20 -37.62
N LYS B 115 -3.15 6.69 -36.57
CA LYS B 115 -4.37 7.48 -36.70
C LYS B 115 -4.17 8.83 -36.01
N GLU B 116 -5.13 9.73 -36.20
CA GLU B 116 -5.10 11.05 -35.57
C GLU B 116 -6.40 11.29 -34.81
N PHE B 117 -6.27 11.72 -33.55
CA PHE B 117 -7.42 11.90 -32.67
C PHE B 117 -7.48 13.33 -32.12
N GLN B 118 -8.68 13.88 -32.08
CA GLN B 118 -8.93 15.18 -31.47
C GLN B 118 -9.67 14.91 -30.15
N VAL B 119 -8.93 15.03 -29.04
CA VAL B 119 -9.38 14.55 -27.74
C VAL B 119 -10.13 15.63 -26.97
N PRO B 120 -11.40 15.40 -26.64
CA PRO B 120 -12.16 16.35 -25.82
C PRO B 120 -11.79 16.22 -24.34
N MET B 121 -11.78 17.34 -23.64
CA MET B 121 -11.31 17.41 -22.25
C MET B 121 -12.15 18.41 -21.47
N ALA B 122 -13.01 17.89 -20.59
CA ALA B 122 -13.87 18.72 -19.75
C ALA B 122 -13.17 19.05 -18.43
N THR B 123 -12.80 20.32 -18.25
CA THR B 123 -12.08 20.73 -17.05
C THR B 123 -12.25 22.22 -16.72
N THR B 124 -11.96 22.59 -15.48
CA THR B 124 -11.90 23.99 -15.08
C THR B 124 -10.51 24.36 -14.54
N GLU B 125 -9.52 23.51 -14.83
CA GLU B 125 -8.15 23.75 -14.38
C GLU B 125 -7.37 24.43 -15.50
N GLY B 126 -6.95 25.67 -15.25
CA GLY B 126 -6.19 26.43 -16.22
C GLY B 126 -4.88 25.78 -16.59
N CYS B 127 -4.56 25.85 -17.88
CA CYS B 127 -3.32 25.31 -18.47
C CYS B 127 -3.31 23.80 -18.72
N LEU B 128 -4.36 23.09 -18.29
CA LEU B 128 -4.39 21.62 -18.46
C LEU B 128 -4.53 21.21 -19.92
N VAL B 129 -5.47 21.82 -20.63
CA VAL B 129 -5.71 21.49 -22.04
C VAL B 129 -4.54 21.95 -22.91
N ALA B 130 -4.02 23.14 -22.63
CA ALA B 130 -2.90 23.69 -23.38
C ALA B 130 -1.64 22.86 -23.18
N SER B 131 -1.42 22.40 -21.96
CA SER B 131 -0.27 21.57 -21.62
C SER B 131 -0.36 20.23 -22.34
N THR B 132 -1.54 19.60 -22.29
CA THR B 132 -1.79 18.32 -22.94
C THR B 132 -1.59 18.43 -24.45
N ASN B 133 -1.98 19.58 -25.00
CA ASN B 133 -1.87 19.85 -26.42
C ASN B 133 -0.41 19.93 -26.86
N ARG B 134 0.43 20.49 -26.01
CA ARG B 134 1.87 20.58 -26.27
C ARG B 134 2.52 19.20 -26.25
N GLY B 135 2.04 18.33 -25.35
CA GLY B 135 2.49 16.95 -25.30
C GLY B 135 2.13 16.21 -26.58
N CYS B 136 0.93 16.45 -27.10
CA CYS B 136 0.47 15.85 -28.34
C CYS B 136 1.35 16.30 -29.52
N ARG B 137 1.74 17.58 -29.52
CA ARG B 137 2.57 18.15 -30.58
C ARG B 137 3.96 17.53 -30.59
N ALA B 138 4.50 17.25 -29.41
CA ALA B 138 5.81 16.63 -29.29
C ALA B 138 5.77 15.19 -29.80
N ILE B 139 4.71 14.47 -29.43
CA ILE B 139 4.49 13.11 -29.91
C ILE B 139 4.34 13.07 -31.43
N GLY B 140 3.63 14.06 -31.99
CA GLY B 140 3.34 14.09 -33.41
C GLY B 140 4.57 14.32 -34.26
N LEU B 141 5.45 15.20 -33.78
CA LEU B 141 6.70 15.51 -34.48
C LEU B 141 7.77 14.44 -34.29
N GLY B 142 7.52 13.50 -33.37
CA GLY B 142 8.42 12.39 -33.14
C GLY B 142 8.05 11.09 -33.82
N GLY B 143 7.07 11.13 -34.72
CA GLY B 143 6.66 9.96 -35.48
C GLY B 143 5.47 9.21 -34.88
N GLY B 144 4.97 9.68 -33.74
CA GLY B 144 3.73 9.17 -33.18
C GLY B 144 3.92 8.14 -32.08
N ALA B 145 2.80 7.78 -31.45
CA ALA B 145 2.78 6.81 -30.36
C ALA B 145 2.17 5.49 -30.83
N SER B 146 2.51 4.42 -30.13
CA SER B 146 1.92 3.09 -30.35
C SER B 146 1.40 2.54 -29.02
N SER B 147 0.23 1.88 -29.06
CA SER B 147 -0.39 1.34 -27.86
C SER B 147 -0.97 -0.04 -28.07
N ARG B 148 -1.13 -0.79 -26.98
CA ARG B 148 -1.70 -2.13 -27.01
C ARG B 148 -2.62 -2.33 -25.80
N VAL B 149 -3.76 -2.97 -26.04
CA VAL B 149 -4.62 -3.44 -24.96
C VAL B 149 -4.13 -4.84 -24.57
N LEU B 150 -3.71 -4.97 -23.32
CA LEU B 150 -3.08 -6.20 -22.80
C LEU B 150 -4.09 -7.13 -22.14
N ALA B 151 -5.18 -6.57 -21.64
CA ALA B 151 -6.25 -7.35 -21.03
C ALA B 151 -7.56 -6.57 -21.01
N ASP B 152 -8.66 -7.28 -20.80
CA ASP B 152 -9.99 -6.65 -20.78
C ASP B 152 -10.96 -7.51 -19.98
N GLY B 153 -11.48 -6.95 -18.90
CA GLY B 153 -12.40 -7.67 -18.04
C GLY B 153 -12.78 -6.90 -16.80
N MET B 154 -14.00 -6.38 -16.78
CA MET B 154 -14.57 -5.74 -15.59
C MET B 154 -14.76 -6.80 -14.52
N THR B 155 -14.70 -6.38 -13.25
CA THR B 155 -14.81 -7.33 -12.15
C THR B 155 -15.84 -6.93 -11.12
N ARG B 156 -16.25 -7.93 -10.35
CA ARG B 156 -17.05 -7.75 -9.15
C ARG B 156 -16.59 -8.79 -8.14
N GLY B 157 -16.45 -8.38 -6.89
CA GLY B 157 -15.82 -9.20 -5.87
C GLY B 157 -16.69 -9.35 -4.64
N PRO B 158 -17.75 -10.16 -4.73
CA PRO B 158 -18.62 -10.43 -3.57
C PRO B 158 -17.89 -11.12 -2.42
N VAL B 159 -18.44 -10.98 -1.22
CA VAL B 159 -18.00 -11.73 -0.06
C VAL B 159 -19.12 -12.70 0.34
N VAL B 160 -18.77 -13.99 0.45
CA VAL B 160 -19.68 -15.00 0.96
C VAL B 160 -19.09 -15.57 2.26
N ARG B 161 -19.92 -16.27 3.01
CA ARG B 161 -19.53 -16.82 4.31
C ARG B 161 -20.05 -18.23 4.46
N LEU B 162 -19.17 -19.15 4.83
CA LEU B 162 -19.54 -20.52 5.19
C LEU B 162 -19.55 -20.60 6.71
N PRO B 163 -20.14 -21.66 7.28
CA PRO B 163 -20.14 -21.82 8.74
C PRO B 163 -18.73 -21.92 9.35
N ARG B 164 -17.79 -22.53 8.63
CA ARG B 164 -16.41 -22.65 9.10
C ARG B 164 -15.41 -22.34 7.99
N ALA B 165 -14.16 -22.07 8.38
CA ALA B 165 -13.05 -21.88 7.44
C ALA B 165 -12.78 -23.15 6.63
N CYS B 166 -12.98 -24.32 7.23
CA CYS B 166 -12.82 -25.59 6.53
C CYS B 166 -13.86 -25.73 5.42
N ASP B 167 -15.04 -25.15 5.63
CA ASP B 167 -16.10 -25.14 4.62
C ASP B 167 -15.80 -24.13 3.51
N SER B 168 -15.28 -22.95 3.88
CA SER B 168 -14.89 -21.94 2.89
C SER B 168 -13.71 -22.44 2.05
N ALA B 169 -12.85 -23.26 2.66
CA ALA B 169 -11.75 -23.89 1.95
C ALA B 169 -12.26 -24.90 0.94
N GLU B 170 -13.30 -25.64 1.31
CA GLU B 170 -13.92 -26.62 0.41
C GLU B 170 -14.49 -25.95 -0.83
N VAL B 171 -15.14 -24.80 -0.64
CA VAL B 171 -15.75 -24.06 -1.73
C VAL B 171 -14.69 -23.48 -2.66
N LYS B 172 -13.56 -23.07 -2.10
CA LYS B 172 -12.44 -22.55 -2.88
C LYS B 172 -11.86 -23.65 -3.78
N ALA B 173 -11.70 -24.84 -3.22
CA ALA B 173 -11.17 -25.98 -3.95
C ALA B 173 -12.14 -26.45 -5.03
N TRP B 174 -13.44 -26.39 -4.74
CA TRP B 174 -14.48 -26.79 -5.68
C TRP B 174 -14.46 -25.85 -6.89
N LEU B 175 -14.34 -24.55 -6.63
CA LEU B 175 -14.27 -23.54 -7.67
C LEU B 175 -13.01 -23.66 -8.52
N GLU B 176 -11.95 -24.24 -7.96
CA GLU B 176 -10.67 -24.40 -8.64
C GLU B 176 -10.60 -25.63 -9.55
N THR B 177 -11.52 -26.58 -9.39
CA THR B 177 -11.60 -27.73 -10.31
C THR B 177 -12.16 -27.29 -11.66
N SER B 178 -11.88 -28.08 -12.70
CA SER B 178 -12.36 -27.78 -14.05
C SER B 178 -13.88 -27.86 -14.14
N GLU B 179 -14.47 -28.84 -13.44
CA GLU B 179 -15.92 -29.06 -13.50
C GLU B 179 -16.71 -28.10 -12.62
N GLY B 180 -16.12 -27.70 -11.49
CA GLY B 180 -16.72 -26.71 -10.62
C GLY B 180 -16.78 -25.35 -11.30
N PHE B 181 -15.64 -24.93 -11.85
CA PHE B 181 -15.56 -23.68 -12.61
C PHE B 181 -16.47 -23.68 -13.84
N ALA B 182 -16.63 -24.84 -14.48
CA ALA B 182 -17.45 -24.95 -15.68
C ALA B 182 -18.92 -24.70 -15.38
N VAL B 183 -19.39 -25.20 -14.24
CA VAL B 183 -20.77 -25.01 -13.81
C VAL B 183 -21.04 -23.54 -13.47
N ILE B 184 -20.07 -22.89 -12.87
CA ILE B 184 -20.20 -21.48 -12.49
C ILE B 184 -20.11 -20.58 -13.72
N LYS B 185 -19.26 -20.95 -14.66
CA LYS B 185 -19.08 -20.21 -15.90
C LYS B 185 -20.33 -20.32 -16.78
N GLU B 186 -21.00 -21.46 -16.73
CA GLU B 186 -22.21 -21.68 -17.51
C GLU B 186 -23.33 -20.77 -17.02
N ALA B 187 -23.45 -20.64 -15.71
CA ALA B 187 -24.48 -19.81 -15.08
C ALA B 187 -24.21 -18.31 -15.30
N PHE B 188 -22.94 -17.92 -15.18
CA PHE B 188 -22.51 -16.54 -15.35
C PHE B 188 -22.72 -16.07 -16.79
N ASP B 189 -22.30 -16.89 -17.75
CA ASP B 189 -22.37 -16.55 -19.17
C ASP B 189 -23.80 -16.56 -19.71
N SER B 190 -24.72 -17.23 -19.02
CA SER B 190 -26.10 -17.33 -19.47
C SER B 190 -26.86 -16.00 -19.33
N THR B 191 -26.37 -15.09 -18.49
CA THR B 191 -27.04 -13.82 -18.22
C THR B 191 -26.89 -12.78 -19.33
N SER B 192 -25.92 -12.98 -20.23
CA SER B 192 -25.66 -12.02 -21.31
C SER B 192 -24.81 -12.64 -22.42
N ARG B 193 -25.04 -12.20 -23.65
CA ARG B 193 -24.29 -12.73 -24.80
C ARG B 193 -22.85 -12.22 -24.88
N PHE B 194 -22.55 -11.15 -24.15
CA PHE B 194 -21.18 -10.61 -24.07
C PHE B 194 -20.39 -11.21 -22.89
N ALA B 195 -21.07 -11.98 -22.05
CA ALA B 195 -20.47 -12.55 -20.85
C ALA B 195 -19.58 -13.76 -21.17
N ARG B 196 -18.33 -13.70 -20.74
CA ARG B 196 -17.39 -14.81 -20.84
C ARG B 196 -16.50 -14.82 -19.59
N LEU B 197 -16.82 -15.70 -18.65
CA LEU B 197 -16.14 -15.72 -17.36
C LEU B 197 -14.73 -16.26 -17.51
N GLN B 198 -13.75 -15.44 -17.12
CA GLN B 198 -12.34 -15.80 -17.17
C GLN B 198 -11.96 -16.54 -15.89
N LYS B 199 -10.69 -16.93 -15.80
CA LYS B 199 -10.16 -17.64 -14.64
C LYS B 199 -10.63 -17.00 -13.33
N LEU B 200 -11.25 -17.80 -12.48
CA LEU B 200 -11.78 -17.34 -11.20
C LEU B 200 -10.63 -17.16 -10.21
N HIS B 201 -10.70 -16.10 -9.41
CA HIS B 201 -9.64 -15.79 -8.48
C HIS B 201 -10.23 -15.51 -7.09
N THR B 202 -9.80 -16.30 -6.10
CA THR B 202 -10.41 -16.30 -4.78
C THR B 202 -9.42 -16.05 -3.66
N SER B 203 -9.94 -15.67 -2.50
CA SER B 203 -9.13 -15.37 -1.33
C SER B 203 -9.94 -15.62 -0.06
N ILE B 204 -9.40 -16.43 0.84
CA ILE B 204 -10.08 -16.76 2.08
C ILE B 204 -9.64 -15.83 3.21
N ALA B 205 -10.57 -15.53 4.10
CA ALA B 205 -10.27 -14.86 5.36
C ALA B 205 -11.15 -15.52 6.43
N GLY B 206 -10.63 -16.57 7.03
CA GLY B 206 -11.39 -17.37 7.99
C GLY B 206 -12.49 -18.10 7.26
N ARG B 207 -13.72 -17.94 7.75
CA ARG B 207 -14.87 -18.55 7.08
C ARG B 207 -15.46 -17.68 5.96
N ASN B 208 -14.85 -16.51 5.71
CA ASN B 208 -15.17 -15.70 4.54
C ASN B 208 -14.46 -16.20 3.29
N LEU B 209 -15.11 -16.04 2.14
CA LEU B 209 -14.50 -16.29 0.83
C LEU B 209 -14.84 -15.12 -0.10
N TYR B 210 -13.81 -14.47 -0.62
CA TYR B 210 -13.95 -13.37 -1.55
C TYR B 210 -13.69 -13.89 -2.95
N ILE B 211 -14.67 -13.76 -3.83
CA ILE B 211 -14.61 -14.31 -5.18
C ILE B 211 -14.62 -13.19 -6.20
N ARG B 212 -13.55 -13.11 -6.98
CA ARG B 212 -13.38 -12.07 -7.99
C ARG B 212 -13.81 -12.63 -9.34
N PHE B 213 -15.02 -12.27 -9.77
CA PHE B 213 -15.53 -12.62 -11.09
C PHE B 213 -15.02 -11.60 -12.10
N GLN B 214 -14.50 -12.08 -13.23
CA GLN B 214 -13.98 -11.20 -14.27
C GLN B 214 -14.49 -11.64 -15.63
N SER B 215 -14.91 -10.67 -16.44
CA SER B 215 -15.39 -10.97 -17.79
C SER B 215 -15.44 -9.71 -18.65
N ARG B 216 -15.30 -9.89 -19.96
CA ARG B 216 -15.50 -8.82 -20.91
C ARG B 216 -16.98 -8.45 -20.90
N SER B 217 -17.30 -7.28 -21.45
CA SER B 217 -18.65 -6.72 -21.33
C SER B 217 -19.07 -5.95 -22.58
N GLY B 218 -18.58 -6.39 -23.73
CA GLY B 218 -18.81 -5.69 -24.98
C GLY B 218 -18.17 -4.31 -24.91
N ASP B 219 -18.93 -3.29 -25.31
CA ASP B 219 -18.46 -1.91 -25.25
C ASP B 219 -18.92 -1.17 -24.00
N ALA B 220 -19.66 -1.84 -23.13
CA ALA B 220 -20.07 -1.27 -21.86
C ALA B 220 -18.93 -1.32 -20.86
N MET B 221 -18.98 -0.44 -19.86
CA MET B 221 -18.06 -0.50 -18.73
C MET B 221 -18.29 -1.82 -17.98
N GLY B 222 -19.53 -2.29 -18.00
CA GLY B 222 -19.87 -3.66 -17.61
C GLY B 222 -20.35 -3.85 -16.20
N MET B 223 -20.48 -2.77 -15.43
CA MET B 223 -20.88 -2.87 -14.02
C MET B 223 -22.17 -3.66 -13.81
N ASN B 224 -23.22 -3.27 -14.51
CA ASN B 224 -24.51 -3.94 -14.39
C ASN B 224 -24.46 -5.39 -14.88
N MET B 225 -23.77 -5.59 -16.00
CA MET B 225 -23.66 -6.90 -16.63
C MET B 225 -22.95 -7.92 -15.73
N ILE B 226 -21.83 -7.50 -15.14
CA ILE B 226 -21.02 -8.37 -14.29
C ILE B 226 -21.74 -8.68 -12.98
N SER B 227 -22.48 -7.70 -12.47
CA SER B 227 -23.21 -7.86 -11.21
C SER B 227 -24.35 -8.86 -11.39
N LYS B 228 -24.98 -8.85 -12.56
CA LYS B 228 -26.08 -9.75 -12.89
C LYS B 228 -25.56 -11.17 -13.07
N GLY B 229 -24.45 -11.31 -13.79
CA GLY B 229 -23.79 -12.59 -13.96
C GLY B 229 -23.30 -13.16 -12.64
N THR B 230 -22.93 -12.27 -11.71
CA THR B 230 -22.43 -12.65 -10.40
C THR B 230 -23.55 -13.15 -9.49
N GLU B 231 -24.73 -12.54 -9.61
CA GLU B 231 -25.91 -12.98 -8.87
C GLU B 231 -26.28 -14.41 -9.29
N LYS B 232 -26.28 -14.65 -10.59
CA LYS B 232 -26.64 -15.94 -11.16
C LYS B 232 -25.60 -17.01 -10.80
N ALA B 233 -24.33 -16.61 -10.79
CA ALA B 233 -23.23 -17.51 -10.46
C ALA B 233 -23.32 -17.96 -9.01
N LEU B 234 -23.57 -17.01 -8.11
CA LEU B 234 -23.66 -17.29 -6.69
C LEU B 234 -24.91 -18.09 -6.35
N SER B 235 -25.97 -17.91 -7.11
CA SER B 235 -27.20 -18.68 -6.94
C SER B 235 -26.95 -20.14 -7.31
N LYS B 236 -26.17 -20.38 -8.34
CA LYS B 236 -25.78 -21.72 -8.75
C LYS B 236 -24.86 -22.36 -7.72
N LEU B 237 -24.00 -21.54 -7.11
CA LEU B 237 -23.09 -22.01 -6.08
C LEU B 237 -23.85 -22.34 -4.80
N HIS B 238 -24.97 -21.64 -4.57
CA HIS B 238 -25.89 -21.91 -3.46
C HIS B 238 -26.41 -23.35 -3.52
N GLU B 239 -26.67 -23.84 -4.73
CA GLU B 239 -27.24 -25.18 -4.92
C GLU B 239 -26.29 -26.29 -4.45
N TYR B 240 -25.00 -26.12 -4.71
CA TYR B 240 -23.99 -27.10 -4.29
C TYR B 240 -23.57 -26.88 -2.83
N PHE B 241 -23.74 -25.66 -2.34
CA PHE B 241 -23.37 -25.32 -0.96
C PHE B 241 -24.49 -24.49 -0.32
N PRO B 242 -25.54 -25.17 0.16
CA PRO B 242 -26.70 -24.49 0.75
C PRO B 242 -26.42 -23.72 2.05
N GLU B 243 -25.35 -24.07 2.75
CA GLU B 243 -24.96 -23.37 3.98
C GLU B 243 -24.27 -22.02 3.71
N MET B 244 -23.94 -21.75 2.45
CA MET B 244 -23.32 -20.49 2.08
C MET B 244 -24.30 -19.32 2.20
N GLN B 245 -23.81 -18.21 2.71
CA GLN B 245 -24.57 -16.96 2.84
C GLN B 245 -23.88 -15.89 2.02
N ILE B 246 -24.61 -15.29 1.08
CA ILE B 246 -24.10 -14.15 0.34
C ILE B 246 -24.24 -12.93 1.24
N LEU B 247 -23.13 -12.50 1.84
CA LEU B 247 -23.13 -11.37 2.75
C LEU B 247 -23.26 -10.05 1.99
N ALA B 248 -22.58 -9.93 0.85
CA ALA B 248 -22.65 -8.73 0.02
C ALA B 248 -22.20 -9.04 -1.42
N VAL B 249 -22.94 -8.51 -2.39
CA VAL B 249 -22.62 -8.69 -3.81
C VAL B 249 -21.29 -8.00 -4.16
N SER B 250 -20.95 -6.94 -3.42
CA SER B 250 -19.61 -6.37 -3.42
C SER B 250 -19.04 -6.41 -2.00
N GLY B 251 -18.00 -7.21 -1.81
CA GLY B 251 -17.22 -7.20 -0.59
C GLY B 251 -15.92 -6.44 -0.73
N ASN B 252 -15.91 -5.40 -1.58
CA ASN B 252 -14.75 -4.54 -1.83
C ASN B 252 -13.52 -5.25 -2.42
N TYR B 253 -13.74 -6.41 -3.02
CA TYR B 253 -12.66 -7.20 -3.60
C TYR B 253 -12.59 -7.05 -5.12
N CYS B 254 -13.40 -6.14 -5.67
CA CYS B 254 -13.50 -5.95 -7.10
C CYS B 254 -12.22 -5.37 -7.73
N THR B 255 -11.69 -4.24 -7.27
CA THR B 255 -12.29 -3.32 -6.29
C THR B 255 -12.78 -2.10 -7.05
N ASP B 256 -13.97 -1.62 -6.70
CA ASP B 256 -14.60 -0.50 -7.40
C ASP B 256 -14.53 0.79 -6.59
N LYS B 257 -13.93 1.82 -7.19
CA LYS B 257 -13.92 3.19 -6.69
C LYS B 257 -13.17 3.41 -5.36
N LYS B 258 -12.35 2.43 -4.96
CA LYS B 258 -11.40 2.61 -3.87
C LYS B 258 -10.01 2.20 -4.37
N PRO B 259 -8.96 2.80 -3.81
CA PRO B 259 -7.59 2.34 -4.11
C PRO B 259 -7.40 0.89 -3.67
N ALA B 260 -6.75 0.07 -4.49
CA ALA B 260 -6.56 -1.34 -4.18
C ALA B 260 -5.43 -1.94 -5.00
N ALA B 261 -4.52 -2.64 -4.32
CA ALA B 261 -3.39 -3.28 -4.99
C ALA B 261 -3.86 -4.35 -5.97
N ILE B 262 -5.02 -4.95 -5.70
CA ILE B 262 -5.55 -6.01 -6.58
C ILE B 262 -5.82 -5.51 -8.00
N ASN B 263 -6.30 -4.28 -8.14
CA ASN B 263 -6.49 -3.68 -9.47
C ASN B 263 -5.16 -3.39 -10.15
N TRP B 264 -4.17 -2.98 -9.36
CA TRP B 264 -2.83 -2.68 -9.87
C TRP B 264 -2.13 -3.93 -10.39
N ILE B 265 -2.33 -5.06 -9.72
CA ILE B 265 -1.59 -6.29 -9.99
C ILE B 265 -2.33 -7.22 -10.96
N GLU B 266 -3.64 -7.36 -10.74
CA GLU B 266 -4.48 -8.23 -11.59
C GLU B 266 -5.09 -7.50 -12.78
N GLY B 267 -5.17 -6.18 -12.70
CA GLY B 267 -5.87 -5.38 -13.69
C GLY B 267 -7.37 -5.32 -13.42
N ARG B 268 -8.02 -4.28 -13.95
CA ARG B 268 -9.48 -4.14 -13.89
C ARG B 268 -9.96 -3.29 -15.07
N GLY B 269 -10.98 -3.76 -15.76
CA GLY B 269 -11.36 -3.18 -17.03
C GLY B 269 -10.26 -3.42 -18.04
N LYS B 270 -9.79 -2.35 -18.68
CA LYS B 270 -8.77 -2.44 -19.72
C LYS B 270 -7.37 -2.17 -19.15
N SER B 271 -6.44 -3.10 -19.38
CA SER B 271 -5.02 -2.88 -19.10
C SER B 271 -4.38 -2.46 -20.41
N VAL B 272 -3.63 -1.35 -20.37
CA VAL B 272 -3.13 -0.71 -21.59
C VAL B 272 -1.69 -0.23 -21.40
N VAL B 273 -0.91 -0.28 -22.49
CA VAL B 273 0.42 0.30 -22.53
C VAL B 273 0.54 1.19 -23.76
N CYS B 274 1.29 2.28 -23.63
CA CYS B 274 1.51 3.21 -24.72
C CYS B 274 2.95 3.69 -24.69
N GLU B 275 3.47 4.06 -25.85
CA GLU B 275 4.88 4.43 -25.98
C GLU B 275 5.14 5.37 -27.15
N ALA B 276 6.26 6.08 -27.08
CA ALA B 276 6.71 6.96 -28.16
C ALA B 276 8.16 7.37 -27.93
N VAL B 277 8.87 7.67 -29.02
CA VAL B 277 10.21 8.23 -28.95
C VAL B 277 10.17 9.67 -29.46
N ILE B 278 10.62 10.60 -28.63
CA ILE B 278 10.64 12.01 -28.96
C ILE B 278 12.07 12.40 -29.35
N PRO B 279 12.29 12.76 -30.60
CA PRO B 279 13.61 13.21 -31.06
C PRO B 279 14.21 14.30 -30.17
N ALA B 280 15.53 14.34 -30.06
CA ALA B 280 16.24 15.31 -29.23
C ALA B 280 15.87 16.75 -29.62
N LYS B 281 15.69 16.98 -30.92
CA LYS B 281 15.34 18.30 -31.45
C LYS B 281 13.98 18.76 -30.94
N VAL B 282 13.03 17.84 -30.89
CA VAL B 282 11.68 18.12 -30.42
C VAL B 282 11.62 18.34 -28.91
N VAL B 283 12.48 17.68 -28.15
CA VAL B 283 12.54 17.85 -26.70
C VAL B 283 13.08 19.25 -26.36
N ARG B 284 14.06 19.71 -27.13
CA ARG B 284 14.66 21.03 -26.92
C ARG B 284 13.72 22.16 -27.31
N GLU B 285 13.05 22.01 -28.45
CA GLU B 285 12.31 23.11 -29.08
C GLU B 285 10.86 23.21 -28.59
N VAL B 286 10.15 22.08 -28.59
CA VAL B 286 8.76 22.05 -28.14
C VAL B 286 8.67 22.00 -26.62
N LEU B 287 9.44 21.10 -26.00
CA LEU B 287 9.34 20.87 -24.55
C LEU B 287 10.28 21.73 -23.71
N LYS B 288 11.21 22.44 -24.35
CA LYS B 288 12.09 23.41 -23.68
C LYS B 288 12.94 22.79 -22.55
N THR B 289 13.51 21.63 -22.83
CA THR B 289 14.30 20.89 -21.84
C THR B 289 15.25 19.90 -22.56
N THR B 290 15.90 19.03 -21.80
CA THR B 290 16.72 17.96 -22.39
C THR B 290 16.18 16.58 -22.02
N THR B 291 16.62 15.57 -22.75
CA THR B 291 16.28 14.18 -22.47
C THR B 291 16.88 13.73 -21.14
N GLU B 292 18.08 14.24 -20.83
CA GLU B 292 18.79 13.89 -19.60
C GLU B 292 18.06 14.43 -18.36
N ALA B 293 17.59 15.67 -18.45
CA ALA B 293 16.88 16.31 -17.36
C ALA B 293 15.52 15.65 -17.12
N MET B 294 14.91 15.19 -18.21
CA MET B 294 13.60 14.56 -18.14
C MET B 294 13.66 13.21 -17.44
N ILE B 295 14.67 12.41 -17.80
CA ILE B 295 14.88 11.09 -17.19
C ILE B 295 15.18 11.25 -15.71
N GLU B 296 15.97 12.27 -15.37
CA GLU B 296 16.37 12.51 -13.99
C GLU B 296 15.17 12.89 -13.13
N VAL B 297 14.28 13.73 -13.67
CA VAL B 297 13.07 14.11 -12.94
C VAL B 297 12.13 12.91 -12.82
N ASN B 298 11.97 12.14 -13.90
CA ASN B 298 11.06 11.00 -13.90
C ASN B 298 11.45 9.92 -12.89
N ILE B 299 12.74 9.64 -12.79
CA ILE B 299 13.23 8.64 -11.85
C ILE B 299 13.00 9.12 -10.41
N ASN B 300 13.38 10.36 -10.13
CA ASN B 300 13.38 10.84 -8.74
C ASN B 300 12.04 11.39 -8.25
N LYS B 301 11.11 11.63 -9.17
CA LYS B 301 9.77 12.08 -8.84
C LYS B 301 8.79 10.91 -8.95
N ASN B 302 8.65 10.37 -10.16
CA ASN B 302 7.63 9.35 -10.43
C ASN B 302 7.95 7.95 -9.90
N LEU B 303 9.22 7.64 -9.66
CA LEU B 303 9.59 6.35 -9.07
C LEU B 303 9.98 6.53 -7.60
N VAL B 304 11.09 7.21 -7.35
CA VAL B 304 11.61 7.35 -5.98
C VAL B 304 10.66 8.20 -5.13
N GLY B 305 10.12 9.27 -5.69
CA GLY B 305 9.24 10.16 -4.97
C GLY B 305 7.94 9.47 -4.54
N SER B 306 7.29 8.80 -5.49
CA SER B 306 6.07 8.07 -5.20
C SER B 306 6.34 6.93 -4.21
N ALA B 307 7.52 6.32 -4.31
CA ALA B 307 7.95 5.28 -3.38
C ALA B 307 8.07 5.83 -1.96
N MET B 308 8.67 7.00 -1.82
CA MET B 308 8.86 7.62 -0.50
C MET B 308 7.51 8.02 0.12
N ALA B 309 6.54 8.36 -0.73
CA ALA B 309 5.19 8.73 -0.28
C ALA B 309 4.31 7.51 0.05
N GLY B 310 4.78 6.31 -0.25
CA GLY B 310 4.04 5.10 0.04
C GLY B 310 2.90 4.88 -0.93
N SER B 311 3.18 5.06 -2.21
CA SER B 311 2.16 4.96 -3.25
C SER B 311 2.06 3.53 -3.78
N ILE B 312 0.83 3.09 -4.01
CA ILE B 312 0.56 1.86 -4.75
C ILE B 312 -0.14 2.27 -6.03
N GLY B 313 0.59 2.22 -7.14
CA GLY B 313 0.03 2.50 -8.45
C GLY B 313 0.09 3.95 -8.91
N GLY B 314 0.68 4.83 -8.09
CA GLY B 314 0.73 6.25 -8.40
C GLY B 314 2.09 6.71 -8.86
N TYR B 315 2.69 5.97 -9.80
CA TYR B 315 4.04 6.26 -10.28
C TYR B 315 4.00 7.12 -11.53
N ASN B 316 3.34 8.27 -11.41
CA ASN B 316 3.13 9.19 -12.52
C ASN B 316 2.96 10.61 -11.99
N ALA B 317 2.99 11.57 -12.91
CA ALA B 317 2.92 12.98 -12.56
C ALA B 317 1.48 13.43 -12.32
N HIS B 318 0.62 13.26 -13.32
CA HIS B 318 -0.76 13.74 -13.23
C HIS B 318 -1.72 13.03 -14.21
N ALA B 319 -1.59 11.72 -14.32
CA ALA B 319 -2.50 10.90 -15.13
C ALA B 319 -3.96 11.16 -14.78
N ALA B 320 -4.25 11.42 -13.50
CA ALA B 320 -5.61 11.67 -13.04
C ALA B 320 -6.25 12.88 -13.69
N ASN B 321 -5.46 13.91 -13.99
CA ASN B 321 -5.97 15.10 -14.68
C ASN B 321 -6.56 14.79 -16.05
N ILE B 322 -5.83 13.98 -16.82
CA ILE B 322 -6.26 13.63 -18.19
C ILE B 322 -7.43 12.66 -18.16
N VAL B 323 -7.32 11.62 -17.33
CA VAL B 323 -8.38 10.64 -17.19
C VAL B 323 -9.70 11.31 -16.81
N THR B 324 -9.64 12.22 -15.85
CA THR B 324 -10.83 12.91 -15.35
C THR B 324 -11.45 13.82 -16.41
N ALA B 325 -10.61 14.54 -17.15
CA ALA B 325 -11.08 15.46 -18.18
C ALA B 325 -11.79 14.71 -19.32
N ILE B 326 -11.20 13.61 -19.76
CA ILE B 326 -11.80 12.80 -20.83
C ILE B 326 -13.06 12.09 -20.33
N TYR B 327 -13.05 11.63 -19.08
CA TYR B 327 -14.17 10.86 -18.54
C TYR B 327 -15.43 11.71 -18.44
N ILE B 328 -15.29 12.94 -17.94
CA ILE B 328 -16.43 13.86 -17.83
C ILE B 328 -16.94 14.24 -19.22
N ALA B 329 -16.02 14.51 -20.13
CA ALA B 329 -16.36 14.88 -21.50
C ALA B 329 -17.08 13.77 -22.26
N CYS B 330 -16.77 12.51 -21.96
CA CYS B 330 -17.24 11.36 -22.73
C CYS B 330 -18.26 10.49 -22.01
N GLY B 331 -18.91 11.03 -20.98
CA GLY B 331 -20.00 10.34 -20.29
C GLY B 331 -19.60 9.13 -19.47
N GLN B 332 -18.35 9.12 -19.02
CA GLN B 332 -17.84 8.07 -18.15
C GLN B 332 -18.21 8.34 -16.70
N ASP B 333 -17.98 7.34 -15.86
CA ASP B 333 -18.14 7.46 -14.41
C ASP B 333 -16.86 8.08 -13.85
N ALA B 334 -16.91 9.37 -13.53
CA ALA B 334 -15.72 10.12 -13.11
C ALA B 334 -15.18 9.67 -11.75
N ALA B 335 -16.04 9.06 -10.93
CA ALA B 335 -15.62 8.50 -9.65
C ALA B 335 -14.65 7.32 -9.83
N GLN B 336 -14.74 6.66 -10.98
CA GLN B 336 -13.81 5.58 -11.32
C GLN B 336 -12.40 6.07 -11.70
N ASN B 337 -12.16 7.37 -11.60
CA ASN B 337 -10.80 7.90 -11.77
C ASN B 337 -9.85 7.44 -10.67
N VAL B 338 -10.41 7.05 -9.51
CA VAL B 338 -9.61 6.53 -8.41
C VAL B 338 -8.68 5.41 -8.89
N GLY B 339 -9.26 4.39 -9.52
CA GLY B 339 -8.52 3.27 -10.05
C GLY B 339 -8.05 3.40 -11.49
N SER B 340 -8.82 4.12 -12.31
CA SER B 340 -8.50 4.29 -13.74
C SER B 340 -7.23 5.12 -13.96
N SER B 341 -6.91 5.97 -12.99
CA SER B 341 -5.73 6.81 -13.02
C SER B 341 -4.42 6.06 -12.75
N ASN B 342 -4.51 4.84 -12.22
CA ASN B 342 -3.34 4.00 -11.95
C ASN B 342 -2.42 4.01 -13.17
N CYS B 343 -1.17 4.43 -12.96
CA CYS B 343 -0.23 4.61 -14.06
C CYS B 343 1.22 4.61 -13.57
N ILE B 344 2.09 3.92 -14.31
CA ILE B 344 3.53 4.05 -14.13
C ILE B 344 4.15 4.62 -15.40
N THR B 345 4.90 5.71 -15.24
CA THR B 345 5.53 6.42 -16.35
C THR B 345 7.02 6.18 -16.29
N LEU B 346 7.57 5.63 -17.37
CA LEU B 346 8.99 5.33 -17.48
C LEU B 346 9.61 6.12 -18.61
N MET B 347 10.85 6.55 -18.41
CA MET B 347 11.60 7.30 -19.42
C MET B 347 13.04 6.81 -19.51
N GLU B 348 13.54 6.71 -20.74
CA GLU B 348 14.90 6.25 -21.02
C GLU B 348 15.56 7.09 -22.10
N ALA B 349 16.89 7.07 -22.13
CA ALA B 349 17.64 7.57 -23.27
C ALA B 349 17.50 6.57 -24.41
N SER B 350 17.51 7.07 -25.64
CA SER B 350 17.26 6.24 -26.82
C SER B 350 17.98 6.78 -28.07
N GLY B 351 18.06 5.97 -29.11
CA GLY B 351 18.70 6.38 -30.36
C GLY B 351 20.21 6.20 -30.34
N PRO B 352 20.87 6.58 -31.45
CA PRO B 352 22.32 6.33 -31.61
C PRO B 352 23.20 7.27 -30.79
N THR B 353 22.74 8.48 -30.52
CA THR B 353 23.48 9.43 -29.68
C THR B 353 23.02 9.38 -28.23
N ASN B 354 22.04 8.52 -27.93
CA ASN B 354 21.48 8.41 -26.58
C ASN B 354 20.85 9.75 -26.12
N GLU B 355 20.35 10.51 -27.09
CA GLU B 355 19.80 11.86 -26.83
C GLU B 355 18.29 11.94 -27.06
N ASP B 356 17.71 10.94 -27.72
CA ASP B 356 16.26 10.88 -27.92
C ASP B 356 15.59 10.33 -26.66
N LEU B 357 14.34 10.72 -26.45
CA LEU B 357 13.61 10.37 -25.22
C LEU B 357 12.54 9.31 -25.48
N TYR B 358 12.80 8.09 -25.04
CA TYR B 358 11.79 7.04 -25.02
C TYR B 358 10.89 7.23 -23.79
N ILE B 359 9.58 7.17 -24.00
CA ILE B 359 8.60 7.26 -22.90
C ILE B 359 7.54 6.17 -23.05
N SER B 360 7.11 5.64 -21.91
CA SER B 360 5.99 4.70 -21.87
C SER B 360 5.10 4.98 -20.67
N CYS B 361 3.80 4.73 -20.84
CA CYS B 361 2.83 4.77 -19.75
C CYS B 361 2.09 3.46 -19.73
N THR B 362 1.97 2.86 -18.54
CA THR B 362 1.28 1.60 -18.38
C THR B 362 0.16 1.76 -17.37
N MET B 363 -1.07 1.55 -17.83
CA MET B 363 -2.26 1.78 -17.03
C MET B 363 -3.08 0.48 -16.96
N PRO B 364 -2.93 -0.26 -15.86
CA PRO B 364 -3.50 -1.61 -15.78
C PRO B 364 -5.01 -1.68 -15.51
N SER B 365 -5.65 -0.57 -15.18
CA SER B 365 -7.03 -0.61 -14.72
C SER B 365 -7.93 0.54 -15.19
N ILE B 366 -7.91 0.80 -16.48
CA ILE B 366 -8.81 1.79 -17.10
C ILE B 366 -10.23 1.23 -17.19
N GLU B 367 -11.12 1.81 -16.39
CA GLU B 367 -12.53 1.40 -16.36
C GLU B 367 -13.32 2.33 -17.26
N ILE B 368 -13.88 1.77 -18.34
CA ILE B 368 -14.35 2.59 -19.46
C ILE B 368 -15.37 1.88 -20.36
N GLY B 369 -16.20 2.67 -21.03
CA GLY B 369 -17.23 2.18 -21.92
C GLY B 369 -17.74 3.24 -22.88
N THR B 370 -18.34 2.81 -23.98
CA THR B 370 -18.95 3.71 -24.97
C THR B 370 -20.46 3.51 -25.09
N VAL B 371 -21.03 2.57 -24.33
CA VAL B 371 -22.47 2.39 -24.24
C VAL B 371 -22.88 2.39 -22.76
N GLY B 372 -24.09 2.87 -22.49
CA GLY B 372 -24.63 2.89 -21.13
C GLY B 372 -24.20 4.10 -20.32
N GLY B 373 -24.90 4.33 -19.22
CA GLY B 373 -24.56 5.42 -18.31
C GLY B 373 -24.73 6.79 -18.94
N GLY B 374 -23.74 7.66 -18.73
CA GLY B 374 -23.73 9.00 -19.30
C GLY B 374 -23.45 9.04 -20.80
N THR B 375 -22.98 7.94 -21.36
CA THR B 375 -22.75 7.85 -22.82
C THR B 375 -24.06 7.69 -23.60
N ASN B 376 -25.19 7.59 -22.91
CA ASN B 376 -26.50 7.59 -23.55
C ASN B 376 -27.02 9.02 -23.80
N LEU B 377 -26.42 10.00 -23.14
CA LEU B 377 -26.80 11.40 -23.31
C LEU B 377 -26.14 11.96 -24.57
N LEU B 378 -26.82 12.88 -25.24
CA LEU B 378 -26.38 13.36 -26.55
C LEU B 378 -25.12 14.23 -26.55
N PRO B 379 -24.98 15.17 -25.61
CA PRO B 379 -23.76 15.98 -25.53
C PRO B 379 -22.50 15.14 -25.29
N GLN B 380 -22.64 14.10 -24.46
CA GLN B 380 -21.54 13.18 -24.19
C GLN B 380 -21.24 12.32 -25.41
N GLN B 381 -22.29 11.96 -26.16
CA GLN B 381 -22.14 11.20 -27.40
C GLN B 381 -21.43 12.00 -28.49
N ALA B 382 -21.51 13.32 -28.43
CA ALA B 382 -20.83 14.19 -29.39
C ALA B 382 -19.32 14.10 -29.22
N CYS B 383 -18.85 14.05 -27.97
CA CYS B 383 -17.43 13.94 -27.68
C CYS B 383 -16.89 12.56 -28.04
N LEU B 384 -17.71 11.53 -27.84
CA LEU B 384 -17.37 10.17 -28.26
C LEU B 384 -17.30 10.08 -29.79
N GLN B 385 -18.16 10.84 -30.47
CA GLN B 385 -18.20 10.86 -31.93
C GLN B 385 -16.96 11.53 -32.51
N MET B 386 -16.41 12.51 -31.80
CA MET B 386 -15.15 13.15 -32.20
C MET B 386 -14.06 12.09 -32.36
N LEU B 387 -14.02 11.15 -31.43
CA LEU B 387 -12.98 10.12 -31.37
C LEU B 387 -13.29 8.87 -32.21
N GLY B 388 -14.51 8.78 -32.75
CA GLY B 388 -14.92 7.66 -33.58
C GLY B 388 -15.21 6.40 -32.80
N VAL B 389 -15.63 6.55 -31.54
CA VAL B 389 -15.85 5.42 -30.63
C VAL B 389 -17.26 5.40 -30.02
N GLN B 390 -18.17 6.22 -30.52
CA GLN B 390 -19.52 6.29 -29.96
C GLN B 390 -20.30 5.00 -30.20
N GLY B 391 -20.88 4.47 -29.12
CA GLY B 391 -21.77 3.32 -29.20
C GLY B 391 -21.06 1.98 -29.30
N ALA B 392 -21.84 0.94 -29.62
CA ALA B 392 -21.35 -0.42 -29.71
C ALA B 392 -20.88 -0.74 -31.12
N CYS B 393 -19.67 -1.30 -31.23
CA CYS B 393 -19.18 -1.82 -32.50
C CYS B 393 -19.81 -3.18 -32.77
N LYS B 394 -20.60 -3.27 -33.84
CA LYS B 394 -21.34 -4.49 -34.16
C LYS B 394 -20.43 -5.59 -34.70
N ASP B 395 -19.51 -5.21 -35.58
CA ASP B 395 -18.63 -6.16 -36.26
C ASP B 395 -17.51 -6.72 -35.36
N ASN B 396 -17.28 -6.07 -34.22
CA ASN B 396 -16.27 -6.51 -33.26
C ASN B 396 -16.61 -5.94 -31.89
N PRO B 397 -17.46 -6.64 -31.13
CA PRO B 397 -17.88 -6.17 -29.80
C PRO B 397 -16.71 -5.86 -28.87
N GLY B 398 -16.63 -4.62 -28.43
CA GLY B 398 -15.63 -4.17 -27.48
C GLY B 398 -14.52 -3.34 -28.10
N GLU B 399 -14.55 -3.19 -29.43
CA GLU B 399 -13.51 -2.48 -30.16
C GLU B 399 -13.56 -0.97 -29.92
N ASN B 400 -14.75 -0.42 -29.75
CA ASN B 400 -14.92 1.01 -29.47
C ASN B 400 -14.43 1.39 -28.07
N ALA B 401 -14.79 0.59 -27.08
CA ALA B 401 -14.33 0.81 -25.70
C ALA B 401 -12.82 0.58 -25.56
N ARG B 402 -12.29 -0.40 -26.30
CA ARG B 402 -10.86 -0.67 -26.32
C ARG B 402 -10.11 0.51 -26.95
N GLN B 403 -10.68 1.09 -27.99
CA GLN B 403 -10.09 2.22 -28.68
C GLN B 403 -10.03 3.46 -27.77
N LEU B 404 -11.10 3.68 -27.01
CA LEU B 404 -11.16 4.83 -26.10
C LEU B 404 -10.17 4.67 -24.96
N ALA B 405 -9.93 3.43 -24.54
CA ALA B 405 -8.93 3.14 -23.51
C ALA B 405 -7.53 3.46 -24.02
N ARG B 406 -7.27 3.12 -25.27
CA ARG B 406 -5.97 3.40 -25.90
C ARG B 406 -5.77 4.90 -26.07
N ILE B 407 -6.85 5.62 -26.37
CA ILE B 407 -6.78 7.08 -26.51
C ILE B 407 -6.51 7.73 -25.16
N VAL B 408 -7.10 7.19 -24.10
CA VAL B 408 -6.89 7.71 -22.75
C VAL B 408 -5.42 7.53 -22.33
N CYS B 409 -4.89 6.34 -22.58
CA CYS B 409 -3.50 6.03 -22.23
C CYS B 409 -2.54 6.90 -23.04
N GLY B 410 -2.87 7.13 -24.30
CA GLY B 410 -2.07 7.95 -25.19
C GLY B 410 -2.08 9.42 -24.79
N THR B 411 -3.23 9.90 -24.35
CA THR B 411 -3.39 11.29 -23.93
C THR B 411 -2.74 11.51 -22.56
N VAL B 412 -2.76 10.47 -21.72
CA VAL B 412 -2.08 10.52 -20.43
C VAL B 412 -0.58 10.69 -20.68
N MET B 413 -0.04 9.91 -21.61
CA MET B 413 1.38 9.99 -21.95
C MET B 413 1.74 11.37 -22.49
N ALA B 414 0.83 11.98 -23.25
CA ALA B 414 1.04 13.33 -23.76
C ALA B 414 1.09 14.33 -22.60
N GLY B 415 0.20 14.17 -21.63
CA GLY B 415 0.19 15.00 -20.44
C GLY B 415 1.40 14.79 -19.56
N GLU B 416 1.89 13.55 -19.49
CA GLU B 416 3.08 13.23 -18.71
C GLU B 416 4.30 13.90 -19.32
N LEU B 417 4.38 13.87 -20.65
CA LEU B 417 5.49 14.50 -21.37
C LEU B 417 5.55 15.99 -21.07
N SER B 418 4.41 16.66 -21.18
CA SER B 418 4.35 18.12 -21.07
C SER B 418 4.61 18.63 -19.67
N LEU B 419 3.99 18.01 -18.67
CA LEU B 419 4.14 18.47 -17.29
C LEU B 419 5.53 18.18 -16.77
N MET B 420 6.07 17.01 -17.10
CA MET B 420 7.42 16.64 -16.68
C MET B 420 8.46 17.57 -17.29
N ALA B 421 8.19 18.06 -18.50
CA ALA B 421 9.08 19.01 -19.16
C ALA B 421 9.08 20.36 -18.44
N ALA B 422 7.91 20.80 -17.98
CA ALA B 422 7.79 22.06 -17.26
C ALA B 422 8.49 21.99 -15.89
N LEU B 423 8.40 20.84 -15.23
CA LEU B 423 9.05 20.65 -13.94
C LEU B 423 10.57 20.54 -14.09
N ALA B 424 11.02 19.89 -15.18
CA ALA B 424 12.43 19.68 -15.45
C ALA B 424 13.13 20.99 -15.81
N ALA B 425 12.44 21.83 -16.56
CA ALA B 425 12.96 23.12 -16.99
C ALA B 425 12.97 24.14 -15.85
N GLY B 426 12.13 23.92 -14.85
CA GLY B 426 12.02 24.84 -13.72
C GLY B 426 11.23 26.09 -14.05
N PRO C 10 58.85 -21.28 11.93
CA PRO C 10 59.74 -21.05 10.76
C PRO C 10 59.00 -20.45 9.56
N ASN C 11 59.72 -20.22 8.47
CA ASN C 11 59.17 -19.60 7.26
C ASN C 11 59.29 -20.50 6.03
N GLU C 12 60.53 -20.89 5.72
CA GLU C 12 60.82 -21.66 4.51
C GLU C 12 60.46 -23.14 4.69
N GLU C 13 60.71 -23.66 5.88
CA GLU C 13 60.44 -25.08 6.19
C GLU C 13 58.93 -25.37 6.29
N CYS C 14 58.14 -24.34 6.58
CA CYS C 14 56.68 -24.49 6.69
C CYS C 14 56.02 -24.79 5.34
N LEU C 15 56.55 -24.18 4.28
CA LEU C 15 56.02 -24.40 2.93
C LEU C 15 56.30 -25.82 2.42
N GLN C 16 57.46 -26.36 2.79
CA GLN C 16 57.89 -27.69 2.35
C GLN C 16 56.98 -28.80 2.89
N ILE C 17 56.64 -28.70 4.17
CA ILE C 17 55.79 -29.68 4.83
C ILE C 17 54.35 -29.62 4.32
N LEU C 18 53.93 -28.43 3.89
CA LEU C 18 52.59 -28.22 3.32
C LEU C 18 52.42 -28.93 1.97
N GLY C 19 53.50 -29.01 1.20
CA GLY C 19 53.48 -29.64 -0.11
C GLY C 19 53.35 -31.16 -0.09
N ASN C 20 53.69 -31.78 1.03
CA ASN C 20 53.61 -33.24 1.17
C ASN C 20 52.17 -33.74 1.18
N GLY C 24 51.38 -33.22 6.02
CA GLY C 24 50.42 -32.21 5.63
C GLY C 24 50.38 -31.03 6.60
N ALA C 25 49.18 -30.48 6.80
CA ALA C 25 49.00 -29.32 7.69
C ALA C 25 49.06 -29.69 9.18
N LYS C 26 48.94 -30.98 9.50
CA LYS C 26 48.96 -31.44 10.89
C LYS C 26 50.32 -31.23 11.56
N PHE C 27 51.40 -31.33 10.78
CA PHE C 27 52.75 -31.18 11.31
C PHE C 27 53.13 -29.71 11.57
N LEU C 28 52.43 -28.79 10.91
CA LEU C 28 52.58 -27.36 11.20
C LEU C 28 51.67 -26.98 12.37
N SER C 29 52.15 -26.10 13.22
CA SER C 29 51.39 -25.66 14.39
C SER C 29 50.40 -24.55 14.02
N ASP C 30 49.59 -24.13 15.00
CA ASP C 30 48.65 -23.02 14.81
C ASP C 30 49.39 -21.72 14.55
N ALA C 31 50.41 -21.45 15.35
CA ALA C 31 51.20 -20.21 15.24
C ALA C 31 51.98 -20.12 13.94
N GLU C 32 52.31 -21.28 13.35
CA GLU C 32 53.07 -21.33 12.10
C GLU C 32 52.21 -21.01 10.88
N ILE C 33 50.97 -21.49 10.88
CA ILE C 33 50.03 -21.25 9.78
C ILE C 33 49.53 -19.80 9.79
N ILE C 34 49.44 -19.22 10.99
CA ILE C 34 49.08 -17.81 11.16
C ILE C 34 50.24 -16.91 10.74
N GLN C 35 51.47 -17.41 10.87
CA GLN C 35 52.66 -16.68 10.44
C GLN C 35 52.79 -16.69 8.91
N LEU C 36 52.13 -17.65 8.26
CA LEU C 36 52.08 -17.70 6.79
C LEU C 36 51.13 -16.65 6.23
N VAL C 37 50.19 -16.18 7.04
CA VAL C 37 49.29 -15.10 6.66
C VAL C 37 49.95 -13.73 6.85
N ASN C 38 50.46 -13.48 8.06
CA ASN C 38 51.10 -12.22 8.41
C ASN C 38 52.29 -11.90 7.49
N ALA C 39 53.37 -12.66 7.65
CA ALA C 39 54.51 -12.59 6.74
C ALA C 39 54.10 -13.23 5.42
N LYS C 40 53.84 -12.38 4.42
CA LYS C 40 53.23 -12.81 3.16
C LYS C 40 53.98 -13.97 2.48
N HIS C 41 53.42 -15.18 2.66
CA HIS C 41 53.94 -16.40 2.05
C HIS C 41 52.86 -17.01 1.15
N ILE C 42 51.69 -17.27 1.74
CA ILE C 42 50.51 -17.76 1.04
C ILE C 42 49.28 -16.96 1.48
N PRO C 43 48.41 -16.58 0.55
CA PRO C 43 47.24 -15.75 0.89
C PRO C 43 46.20 -16.40 1.80
N ALA C 44 45.24 -15.59 2.25
CA ALA C 44 44.25 -15.99 3.25
C ALA C 44 43.07 -16.78 2.68
N TYR C 45 42.77 -16.60 1.40
CA TYR C 45 41.63 -17.29 0.77
C TYR C 45 41.83 -18.80 0.70
N LYS C 46 43.09 -19.25 0.68
CA LYS C 46 43.41 -20.68 0.77
C LYS C 46 43.48 -21.10 2.24
N LEU C 47 42.35 -21.54 2.78
CA LEU C 47 42.27 -21.98 4.18
C LEU C 47 41.30 -23.14 4.44
N GLU C 48 40.19 -23.19 3.70
CA GLU C 48 39.18 -24.23 3.89
C GLU C 48 39.71 -25.62 3.53
N THR C 49 40.28 -25.75 2.35
CA THR C 49 40.77 -27.04 1.85
C THR C 49 42.08 -27.46 2.51
N LEU C 50 42.97 -26.49 2.74
CA LEU C 50 44.34 -26.77 3.21
C LEU C 50 44.39 -27.54 4.53
N ILE C 51 43.68 -27.05 5.54
CA ILE C 51 43.68 -27.67 6.86
C ILE C 51 42.81 -28.94 6.84
N GLU C 52 43.22 -29.94 7.63
CA GLU C 52 42.57 -31.25 7.64
C GLU C 52 41.16 -31.20 8.24
N THR C 53 41.08 -30.96 9.54
CA THR C 53 39.80 -30.96 10.27
C THR C 53 39.11 -29.60 10.15
N HIS C 54 37.78 -29.63 10.17
CA HIS C 54 36.98 -28.43 10.03
C HIS C 54 37.10 -27.52 11.25
N GLU C 55 37.14 -28.12 12.44
CA GLU C 55 37.20 -27.37 13.69
C GLU C 55 38.50 -26.59 13.85
N ARG C 56 39.60 -27.16 13.35
CA ARG C 56 40.90 -26.48 13.41
C ARG C 56 40.94 -25.30 12.43
N GLY C 57 40.24 -25.43 11.31
CA GLY C 57 40.10 -24.33 10.36
C GLY C 57 39.35 -23.14 10.95
N VAL C 58 38.36 -23.43 11.80
CA VAL C 58 37.59 -22.39 12.47
C VAL C 58 38.45 -21.70 13.53
N SER C 59 39.32 -22.47 14.19
CA SER C 59 40.19 -21.96 15.24
C SER C 59 41.24 -21.00 14.68
N ILE C 60 41.82 -21.34 13.53
CA ILE C 60 42.84 -20.51 12.88
C ILE C 60 42.22 -19.21 12.36
N ARG C 61 40.98 -19.29 11.86
CA ARG C 61 40.29 -18.09 11.38
C ARG C 61 39.94 -17.16 12.52
N ARG C 62 39.67 -17.71 13.70
CA ARG C 62 39.33 -16.92 14.88
C ARG C 62 40.54 -16.18 15.43
N GLN C 63 41.71 -16.82 15.39
CA GLN C 63 42.95 -16.22 15.85
C GLN C 63 43.38 -15.08 14.92
N LEU C 64 43.23 -15.31 13.62
CA LEU C 64 43.49 -14.29 12.60
C LEU C 64 42.56 -13.09 12.76
N LEU C 65 41.30 -13.38 13.07
CA LEU C 65 40.28 -12.34 13.27
C LEU C 65 40.55 -11.54 14.54
N SER C 66 41.10 -12.21 15.56
CA SER C 66 41.30 -11.60 16.88
C SER C 66 42.23 -10.38 16.82
N LYS C 67 43.27 -10.47 16.00
CA LYS C 67 44.26 -9.39 15.89
C LYS C 67 43.78 -8.19 15.09
N LYS C 68 42.67 -8.36 14.36
CA LYS C 68 42.03 -7.27 13.62
C LYS C 68 41.05 -6.49 14.49
N LEU C 69 40.55 -7.10 15.57
CA LEU C 69 39.57 -6.46 16.45
C LEU C 69 40.25 -5.53 17.44
N SER C 70 39.59 -4.42 17.76
CA SER C 70 40.10 -3.46 18.74
C SER C 70 40.17 -4.08 20.15
N GLU C 71 39.31 -5.05 20.39
CA GLU C 71 39.37 -5.89 21.59
C GLU C 71 39.41 -7.36 21.15
N PRO C 72 40.61 -7.94 21.07
CA PRO C 72 40.77 -9.36 20.72
C PRO C 72 40.02 -10.37 21.60
N SER C 73 39.68 -9.98 22.83
CA SER C 73 38.99 -10.87 23.75
C SER C 73 37.47 -10.94 23.48
N SER C 74 37.03 -10.36 22.37
CA SER C 74 35.62 -10.37 21.98
C SER C 74 35.12 -11.79 21.74
N LEU C 75 35.97 -12.63 21.13
CA LEU C 75 35.57 -13.98 20.74
C LEU C 75 35.58 -15.00 21.89
N GLN C 76 36.00 -14.59 23.09
CA GLN C 76 36.08 -15.47 24.24
C GLN C 76 34.83 -16.32 24.46
N TYR C 77 33.66 -15.68 24.46
CA TYR C 77 32.40 -16.33 24.78
C TYR C 77 31.55 -16.65 23.56
N LEU C 78 32.07 -16.37 22.36
CA LEU C 78 31.50 -16.92 21.13
C LEU C 78 32.01 -18.36 21.02
N PRO C 79 31.14 -19.34 21.20
CA PRO C 79 31.56 -20.75 21.23
C PRO C 79 31.85 -21.28 19.82
N TYR C 80 32.61 -22.38 19.74
CA TYR C 80 32.94 -23.01 18.46
C TYR C 80 33.30 -24.49 18.54
N ARG C 81 33.85 -24.93 19.67
CA ARG C 81 34.30 -26.32 19.83
C ARG C 81 33.16 -27.34 19.84
N ASP C 82 33.47 -28.54 19.37
CA ASP C 82 32.56 -29.69 19.39
C ASP C 82 31.28 -29.54 18.55
N TYR C 83 31.26 -28.58 17.64
CA TYR C 83 30.11 -28.40 16.74
C TYR C 83 30.39 -29.09 15.41
N ASN C 84 29.36 -29.68 14.84
CA ASN C 84 29.47 -30.44 13.60
C ASN C 84 29.53 -29.53 12.36
N TYR C 85 30.73 -29.10 12.02
CA TYR C 85 30.94 -28.20 10.88
C TYR C 85 30.90 -28.92 9.54
N SER C 86 30.90 -30.25 9.54
CA SER C 86 30.91 -31.03 8.29
C SER C 86 29.73 -30.69 7.37
N LEU C 87 28.56 -30.45 7.96
CA LEU C 87 27.35 -30.14 7.20
C LEU C 87 27.18 -28.64 6.89
N VAL C 88 27.96 -27.80 7.56
CA VAL C 88 27.88 -26.34 7.39
C VAL C 88 28.82 -25.81 6.30
N MET C 89 30.05 -26.31 6.25
CA MET C 89 31.05 -25.79 5.31
C MET C 89 30.68 -26.20 3.88
N GLY C 90 30.70 -25.21 2.97
CA GLY C 90 30.32 -25.43 1.58
C GLY C 90 28.84 -25.70 1.38
N ALA C 91 28.01 -25.19 2.28
CA ALA C 91 26.56 -25.46 2.22
C ALA C 91 25.70 -24.36 2.84
N CYS C 92 26.02 -23.98 4.08
CA CYS C 92 25.17 -23.08 4.86
C CYS C 92 25.82 -21.75 5.31
N CYS C 93 27.15 -21.72 5.41
CA CYS C 93 27.87 -20.54 5.91
C CYS C 93 29.32 -20.49 5.43
N GLU C 94 29.86 -19.27 5.35
CA GLU C 94 31.27 -19.06 4.99
C GLU C 94 31.97 -18.21 6.05
N ASN C 95 33.30 -18.23 6.01
CA ASN C 95 34.14 -17.50 6.98
C ASN C 95 33.68 -17.78 8.42
N VAL C 96 33.47 -19.06 8.72
CA VAL C 96 32.85 -19.49 9.97
C VAL C 96 33.80 -19.31 11.15
N ILE C 97 33.35 -18.55 12.15
CA ILE C 97 34.11 -18.31 13.37
C ILE C 97 33.44 -18.91 14.60
N GLY C 98 32.41 -19.72 14.39
CA GLY C 98 31.70 -20.36 15.50
C GLY C 98 30.20 -20.49 15.29
N TYR C 99 29.45 -20.50 16.39
CA TYR C 99 27.99 -20.57 16.34
C TYR C 99 27.34 -19.73 17.44
N MET C 100 26.06 -19.42 17.23
CA MET C 100 25.30 -18.57 18.14
C MET C 100 24.16 -19.39 18.75
N PRO C 101 24.26 -19.70 20.04
CA PRO C 101 23.19 -20.44 20.72
C PRO C 101 21.96 -19.56 20.98
N ILE C 102 20.82 -19.97 20.44
CA ILE C 102 19.55 -19.29 20.68
C ILE C 102 18.73 -20.20 21.58
N PRO C 103 18.32 -19.73 22.75
CA PRO C 103 17.48 -20.54 23.64
C PRO C 103 16.25 -21.10 22.94
N VAL C 104 15.91 -22.35 23.21
CA VAL C 104 14.76 -23.01 22.60
C VAL C 104 13.80 -23.44 23.69
N GLY C 105 12.60 -22.86 23.71
CA GLY C 105 11.53 -23.27 24.59
C GLY C 105 10.50 -24.12 23.85
N VAL C 106 9.56 -24.68 24.59
CA VAL C 106 8.49 -25.49 24.00
C VAL C 106 7.12 -24.99 24.44
N ALA C 107 6.21 -24.89 23.47
CA ALA C 107 4.84 -24.49 23.71
C ALA C 107 3.91 -25.58 23.19
N GLY C 108 3.08 -26.13 24.07
CA GLY C 108 2.14 -27.17 23.68
C GLY C 108 1.48 -27.87 24.86
N PRO C 109 0.63 -28.86 24.59
CA PRO C 109 0.31 -29.32 23.24
C PRO C 109 -0.56 -28.35 22.43
N LEU C 110 -0.22 -28.17 21.16
CA LEU C 110 -1.08 -27.51 20.20
C LEU C 110 -1.98 -28.57 19.58
N CYS C 111 -3.25 -28.54 19.92
CA CYS C 111 -4.22 -29.50 19.41
C CYS C 111 -4.70 -29.02 18.04
N LEU C 112 -4.20 -29.67 16.98
CA LEU C 112 -4.44 -29.24 15.61
C LEU C 112 -4.75 -30.43 14.70
N ASP C 113 -5.92 -30.40 14.06
CA ASP C 113 -6.34 -31.44 13.13
C ASP C 113 -6.30 -32.85 13.73
N GLU C 114 -6.85 -32.97 14.93
CA GLU C 114 -6.97 -34.25 15.66
C GLU C 114 -5.64 -34.81 16.16
N LYS C 115 -4.59 -33.98 16.15
CA LYS C 115 -3.26 -34.37 16.64
C LYS C 115 -2.81 -33.38 17.71
N GLU C 116 -1.70 -33.72 18.37
CA GLU C 116 -1.10 -32.84 19.39
C GLU C 116 0.38 -32.63 19.08
N PHE C 117 0.80 -31.37 19.07
CA PHE C 117 2.16 -30.99 18.70
C PHE C 117 2.86 -30.24 19.83
N GLN C 118 4.13 -30.52 20.04
CA GLN C 118 4.97 -29.74 20.95
C GLN C 118 5.86 -28.87 20.07
N VAL C 119 5.59 -27.56 20.09
CA VAL C 119 6.17 -26.64 19.13
C VAL C 119 7.43 -25.98 19.68
N PRO C 120 8.58 -26.21 19.03
CA PRO C 120 9.84 -25.60 19.46
C PRO C 120 9.95 -24.17 18.97
N MET C 121 10.46 -23.29 19.83
CA MET C 121 10.54 -21.86 19.55
C MET C 121 11.88 -21.32 20.03
N ALA C 122 12.73 -20.92 19.09
CA ALA C 122 14.01 -20.31 19.41
C ALA C 122 13.85 -18.80 19.52
N THR C 123 14.07 -18.27 20.72
CA THR C 123 13.89 -16.84 20.97
C THR C 123 14.67 -16.35 22.19
N THR C 124 14.90 -15.04 22.24
CA THR C 124 15.47 -14.40 23.43
C THR C 124 14.52 -13.34 24.00
N GLU C 125 13.26 -13.35 23.55
CA GLU C 125 12.25 -12.42 24.05
C GLU C 125 11.48 -13.07 25.20
N GLY C 126 11.60 -12.49 26.39
CA GLY C 126 10.89 -12.96 27.57
C GLY C 126 9.38 -12.92 27.37
N CYS C 127 8.71 -13.90 27.97
CA CYS C 127 7.25 -14.03 27.95
C CYS C 127 6.64 -14.56 26.65
N LEU C 128 7.43 -14.72 25.60
CA LEU C 128 6.89 -15.13 24.29
C LEU C 128 6.47 -16.60 24.27
N VAL C 129 7.33 -17.48 24.77
CA VAL C 129 7.03 -18.91 24.80
C VAL C 129 5.91 -19.20 25.79
N ALA C 130 5.95 -18.52 26.94
CA ALA C 130 4.92 -18.65 27.96
C ALA C 130 3.55 -18.19 27.46
N SER C 131 3.54 -17.08 26.72
CA SER C 131 2.30 -16.54 26.14
C SER C 131 1.72 -17.51 25.12
N THR C 132 2.57 -18.00 24.23
CA THR C 132 2.16 -18.94 23.19
C THR C 132 1.62 -20.24 23.80
N ASN C 133 2.26 -20.67 24.89
CA ASN C 133 1.86 -21.87 25.62
C ASN C 133 0.46 -21.71 26.24
N ARG C 134 0.15 -20.52 26.74
CA ARG C 134 -1.17 -20.22 27.28
C ARG C 134 -2.23 -20.23 26.19
N GLY C 135 -1.87 -19.74 25.00
CA GLY C 135 -2.75 -19.77 23.86
C GLY C 135 -3.10 -21.19 23.46
N CYS C 136 -2.08 -22.06 23.44
CA CYS C 136 -2.27 -23.48 23.15
C CYS C 136 -3.23 -24.11 24.14
N ARG C 137 -3.08 -23.76 25.42
CA ARG C 137 -3.92 -24.29 26.48
C ARG C 137 -5.39 -23.95 26.25
N ALA C 138 -5.66 -22.71 25.85
CA ALA C 138 -7.02 -22.25 25.58
C ALA C 138 -7.63 -23.02 24.41
N ILE C 139 -6.84 -23.21 23.35
CA ILE C 139 -7.26 -23.97 22.17
C ILE C 139 -7.56 -25.44 22.53
N GLY C 140 -6.75 -26.02 23.40
CA GLY C 140 -6.83 -27.43 23.74
C GLY C 140 -8.04 -27.77 24.59
N LEU C 141 -8.40 -26.86 25.50
CA LEU C 141 -9.60 -27.02 26.32
C LEU C 141 -10.86 -26.71 25.53
N GLY C 142 -10.73 -26.10 24.35
CA GLY C 142 -11.86 -25.76 23.51
C GLY C 142 -12.16 -26.69 22.35
N GLY C 143 -11.69 -27.93 22.42
CA GLY C 143 -11.98 -28.91 21.38
C GLY C 143 -11.02 -28.90 20.20
N GLY C 144 -10.02 -28.02 20.24
CA GLY C 144 -8.94 -28.02 19.27
C GLY C 144 -9.18 -27.14 18.05
N ALA C 145 -8.13 -26.97 17.27
CA ALA C 145 -8.14 -26.15 16.07
C ALA C 145 -8.14 -27.02 14.82
N SER C 146 -8.60 -26.45 13.71
CA SER C 146 -8.58 -27.10 12.40
C SER C 146 -7.94 -26.16 11.38
N SER C 147 -7.09 -26.71 10.51
CA SER C 147 -6.41 -25.92 9.48
C SER C 147 -6.46 -26.59 8.12
N ARG C 148 -6.35 -25.78 7.06
CA ARG C 148 -6.31 -26.25 5.68
C ARG C 148 -5.24 -25.50 4.89
N VAL C 149 -4.52 -26.21 4.03
CA VAL C 149 -3.63 -25.60 3.06
C VAL C 149 -4.45 -25.30 1.80
N LEU C 150 -4.48 -24.03 1.42
CA LEU C 150 -5.33 -23.55 0.33
C LEU C 150 -4.58 -23.52 -0.99
N ALA C 151 -3.26 -23.29 -0.93
CA ALA C 151 -2.42 -23.29 -2.12
C ALA C 151 -0.97 -23.61 -1.76
N ASP C 152 -0.20 -24.00 -2.77
CA ASP C 152 1.20 -24.37 -2.58
C ASP C 152 1.99 -24.09 -3.86
N GLY C 153 3.00 -23.23 -3.76
CA GLY C 153 3.81 -22.87 -4.91
C GLY C 153 4.79 -21.74 -4.64
N MET C 154 6.08 -22.08 -4.56
CA MET C 154 7.16 -21.10 -4.48
C MET C 154 7.27 -20.37 -5.82
N THR C 155 7.70 -19.11 -5.79
CA THR C 155 7.79 -18.30 -7.00
C THR C 155 9.14 -17.66 -7.23
N ARG C 156 9.38 -17.28 -8.49
CA ARG C 156 10.50 -16.43 -8.87
C ARG C 156 10.01 -15.50 -9.97
N GLY C 157 10.40 -14.23 -9.88
CA GLY C 157 9.80 -13.19 -10.69
C GLY C 157 10.81 -12.38 -11.46
N PRO C 158 11.45 -12.98 -12.47
CA PRO C 158 12.44 -12.27 -13.30
C PRO C 158 11.87 -11.07 -14.04
N VAL C 159 12.75 -10.16 -14.43
CA VAL C 159 12.42 -9.07 -15.33
C VAL C 159 13.18 -9.27 -16.63
N VAL C 160 12.46 -9.20 -17.75
CA VAL C 160 13.05 -9.21 -19.08
C VAL C 160 12.70 -7.90 -19.77
N ARG C 161 13.37 -7.63 -20.89
CA ARG C 161 13.18 -6.38 -21.62
C ARG C 161 13.25 -6.63 -23.13
N LEU C 162 12.33 -6.01 -23.85
CA LEU C 162 12.30 -6.08 -25.29
C LEU C 162 12.56 -4.68 -25.83
N PRO C 163 12.83 -4.54 -27.13
CA PRO C 163 13.07 -3.22 -27.73
C PRO C 163 11.94 -2.23 -27.50
N ARG C 164 10.69 -2.71 -27.61
CA ARG C 164 9.51 -1.85 -27.49
C ARG C 164 8.45 -2.45 -26.58
N ALA C 165 7.57 -1.59 -26.06
CA ALA C 165 6.39 -2.03 -25.32
C ALA C 165 5.45 -2.88 -26.17
N CYS C 166 5.41 -2.61 -27.48
CA CYS C 166 4.60 -3.42 -28.40
C CYS C 166 5.16 -4.84 -28.50
N ASP C 167 6.48 -4.97 -28.35
CA ASP C 167 7.14 -6.28 -28.33
C ASP C 167 6.90 -7.03 -27.02
N SER C 168 6.96 -6.34 -25.90
CA SER C 168 6.71 -6.95 -24.60
C SER C 168 5.27 -7.43 -24.49
N ALA C 169 4.36 -6.69 -25.12
CA ALA C 169 2.95 -7.06 -25.19
C ALA C 169 2.78 -8.33 -26.02
N GLU C 170 3.54 -8.46 -27.10
CA GLU C 170 3.54 -9.66 -27.93
C GLU C 170 3.96 -10.89 -27.12
N VAL C 171 4.96 -10.72 -26.26
CA VAL C 171 5.47 -11.81 -25.43
C VAL C 171 4.42 -12.21 -24.38
N LYS C 172 3.72 -11.23 -23.83
CA LYS C 172 2.69 -11.47 -22.82
C LYS C 172 1.54 -12.29 -23.40
N ALA C 173 1.06 -11.88 -24.56
CA ALA C 173 -0.03 -12.58 -25.26
C ALA C 173 0.38 -14.01 -25.65
N TRP C 174 1.64 -14.17 -26.05
CA TRP C 174 2.17 -15.47 -26.46
C TRP C 174 2.21 -16.45 -25.29
N LEU C 175 2.65 -15.96 -24.12
CA LEU C 175 2.71 -16.77 -22.91
C LEU C 175 1.31 -17.13 -22.40
N GLU C 176 0.32 -16.32 -22.76
CA GLU C 176 -1.06 -16.53 -22.31
C GLU C 176 -1.84 -17.53 -23.17
N THR C 177 -1.34 -17.85 -24.36
CA THR C 177 -1.95 -18.89 -25.19
C THR C 177 -1.64 -20.28 -24.62
N SER C 178 -2.44 -21.26 -25.04
CA SER C 178 -2.23 -22.64 -24.62
C SER C 178 -0.91 -23.21 -25.15
N GLU C 179 -0.52 -22.78 -26.36
CA GLU C 179 0.67 -23.29 -27.03
C GLU C 179 1.95 -22.72 -26.42
N GLY C 180 1.99 -21.40 -26.24
CA GLY C 180 3.15 -20.73 -25.69
C GLY C 180 3.46 -21.17 -24.28
N PHE C 181 2.41 -21.31 -23.46
CA PHE C 181 2.56 -21.78 -22.09
C PHE C 181 3.07 -23.22 -22.03
N ALA C 182 2.66 -24.04 -22.99
CA ALA C 182 3.09 -25.44 -23.07
C ALA C 182 4.59 -25.56 -23.38
N VAL C 183 5.11 -24.63 -24.17
CA VAL C 183 6.53 -24.61 -24.54
C VAL C 183 7.40 -24.24 -23.34
N ILE C 184 6.95 -23.25 -22.56
CA ILE C 184 7.71 -22.76 -21.42
C ILE C 184 7.60 -23.73 -20.24
N LYS C 185 6.43 -24.35 -20.10
CA LYS C 185 6.19 -25.32 -19.04
C LYS C 185 7.04 -26.58 -19.23
N GLU C 186 7.25 -26.98 -20.49
CA GLU C 186 8.06 -28.16 -20.78
C GLU C 186 9.52 -27.91 -20.43
N ALA C 187 10.02 -26.72 -20.73
CA ALA C 187 11.39 -26.33 -20.39
C ALA C 187 11.60 -26.28 -18.87
N PHE C 188 10.66 -25.64 -18.18
CA PHE C 188 10.70 -25.47 -16.72
C PHE C 188 10.67 -26.81 -16.00
N ASP C 189 9.79 -27.71 -16.46
CA ASP C 189 9.55 -28.99 -15.80
C ASP C 189 10.68 -30.00 -16.02
N SER C 190 11.48 -29.78 -17.06
CA SER C 190 12.57 -30.69 -17.40
C SER C 190 13.76 -30.59 -16.44
N THR C 191 13.85 -29.50 -15.69
CA THR C 191 14.99 -29.24 -14.80
C THR C 191 14.99 -30.09 -13.53
N SER C 192 13.83 -30.61 -13.15
CA SER C 192 13.71 -31.42 -11.93
C SER C 192 12.37 -32.15 -11.86
N ARG C 193 12.30 -33.20 -11.04
CA ARG C 193 11.10 -34.04 -10.98
C ARG C 193 9.91 -33.35 -10.29
N PHE C 194 10.19 -32.44 -9.37
CA PHE C 194 9.13 -31.70 -8.65
C PHE C 194 8.71 -30.40 -9.35
N ALA C 195 9.38 -30.05 -10.43
CA ALA C 195 9.04 -28.86 -11.21
C ALA C 195 7.76 -29.07 -12.01
N ARG C 196 6.65 -28.54 -11.51
CA ARG C 196 5.37 -28.52 -12.22
C ARG C 196 4.84 -27.09 -12.27
N LEU C 197 5.10 -26.42 -13.40
CA LEU C 197 4.79 -25.00 -13.55
C LEU C 197 3.29 -24.74 -13.62
N GLN C 198 2.78 -23.96 -12.68
CA GLN C 198 1.39 -23.51 -12.66
C GLN C 198 1.22 -22.31 -13.60
N LYS C 199 0.00 -21.79 -13.70
CA LYS C 199 -0.31 -20.66 -14.57
C LYS C 199 0.60 -19.45 -14.27
N LEU C 200 1.15 -18.86 -15.33
CA LEU C 200 2.05 -17.71 -15.20
C LEU C 200 1.28 -16.45 -14.83
N HIS C 201 1.98 -15.51 -14.19
CA HIS C 201 1.44 -14.21 -13.83
C HIS C 201 2.38 -13.15 -14.40
N THR C 202 1.89 -12.35 -15.34
CA THR C 202 2.74 -11.35 -15.99
C THR C 202 2.22 -9.93 -15.82
N SER C 203 3.16 -8.99 -15.75
CA SER C 203 2.87 -7.56 -15.67
C SER C 203 3.82 -6.79 -16.56
N ILE C 204 3.27 -5.91 -17.38
CA ILE C 204 4.06 -5.08 -18.27
C ILE C 204 4.32 -3.72 -17.62
N ALA C 205 5.52 -3.19 -17.84
CA ALA C 205 5.83 -1.80 -17.54
C ALA C 205 6.62 -1.24 -18.73
N GLY C 206 5.89 -0.78 -19.74
CA GLY C 206 6.49 -0.32 -20.97
C GLY C 206 7.07 -1.52 -21.71
N ARG C 207 8.35 -1.42 -22.08
CA ARG C 207 9.05 -2.52 -22.74
C ARG C 207 9.58 -3.59 -21.77
N ASN C 208 9.43 -3.36 -20.46
CA ASN C 208 9.72 -4.39 -19.46
C ASN C 208 8.60 -5.41 -19.35
N LEU C 209 8.97 -6.63 -18.99
CA LEU C 209 8.02 -7.69 -18.72
C LEU C 209 8.45 -8.49 -17.49
N TYR C 210 7.61 -8.48 -16.46
CA TYR C 210 7.87 -9.22 -15.23
C TYR C 210 7.04 -10.51 -15.27
N ILE C 211 7.72 -11.64 -15.14
CA ILE C 211 7.06 -12.95 -15.25
C ILE C 211 7.19 -13.70 -13.93
N ARG C 212 6.05 -14.08 -13.35
CA ARG C 212 6.02 -14.77 -12.08
C ARG C 212 5.82 -16.26 -12.33
N PHE C 213 6.92 -17.01 -12.23
CA PHE C 213 6.88 -18.46 -12.31
C PHE C 213 6.52 -19.04 -10.95
N GLN C 214 5.59 -19.98 -10.91
CA GLN C 214 5.17 -20.63 -9.68
C GLN C 214 5.13 -22.14 -9.85
N SER C 215 5.63 -22.85 -8.86
CA SER C 215 5.65 -24.30 -8.88
C SER C 215 5.78 -24.87 -7.48
N ARG C 216 5.18 -26.03 -7.27
CA ARG C 216 5.44 -26.82 -6.08
C ARG C 216 6.89 -27.28 -6.14
N SER C 217 7.42 -27.71 -5.00
CA SER C 217 8.84 -28.03 -4.91
C SER C 217 9.08 -29.15 -3.89
N GLY C 218 8.15 -30.10 -3.83
CA GLY C 218 8.21 -31.18 -2.87
C GLY C 218 8.16 -30.64 -1.46
N ASP C 219 9.12 -31.04 -0.63
CA ASP C 219 9.22 -30.58 0.75
C ASP C 219 10.28 -29.49 0.92
N ALA C 220 10.96 -29.12 -0.16
CA ALA C 220 11.89 -28.00 -0.12
C ALA C 220 11.13 -26.68 -0.15
N MET C 221 11.70 -25.64 0.44
CA MET C 221 11.17 -24.28 0.33
C MET C 221 11.12 -23.92 -1.15
N GLY C 222 12.14 -24.36 -1.89
CA GLY C 222 12.06 -24.46 -3.34
C GLY C 222 12.75 -23.38 -4.15
N MET C 223 13.46 -22.46 -3.50
CA MET C 223 14.00 -21.31 -4.22
C MET C 223 15.10 -21.68 -5.22
N ASN C 224 15.96 -22.65 -4.87
CA ASN C 224 17.00 -23.10 -5.79
C ASN C 224 16.42 -23.87 -6.97
N MET C 225 15.42 -24.70 -6.71
CA MET C 225 14.78 -25.51 -7.75
C MET C 225 13.95 -24.66 -8.70
N ILE C 226 13.22 -23.68 -8.16
CA ILE C 226 12.39 -22.79 -8.97
C ILE C 226 13.28 -21.86 -9.80
N SER C 227 14.42 -21.49 -9.23
CA SER C 227 15.40 -20.65 -9.93
C SER C 227 16.04 -21.40 -11.10
N LYS C 228 16.25 -22.70 -10.94
CA LYS C 228 16.79 -23.56 -12.00
C LYS C 228 15.80 -23.64 -13.14
N GLY C 229 14.54 -23.90 -12.82
CA GLY C 229 13.47 -24.01 -13.80
C GLY C 229 13.20 -22.70 -14.53
N THR C 230 13.40 -21.59 -13.82
CA THR C 230 13.17 -20.26 -14.38
C THR C 230 14.24 -19.90 -15.41
N GLU C 231 15.49 -20.19 -15.08
CA GLU C 231 16.62 -19.96 -16.00
C GLU C 231 16.44 -20.74 -17.29
N LYS C 232 15.93 -21.96 -17.19
CA LYS C 232 15.66 -22.80 -18.36
C LYS C 232 14.48 -22.29 -19.16
N ALA C 233 13.47 -21.75 -18.45
CA ALA C 233 12.26 -21.23 -19.08
C ALA C 233 12.55 -19.95 -19.88
N LEU C 234 13.48 -19.14 -19.38
CA LEU C 234 13.83 -17.88 -20.02
C LEU C 234 14.78 -18.10 -21.20
N SER C 235 15.57 -19.16 -21.13
CA SER C 235 16.43 -19.57 -22.25
C SER C 235 15.55 -20.06 -23.40
N LYS C 236 14.48 -20.77 -23.07
CA LYS C 236 13.51 -21.24 -24.05
C LYS C 236 12.73 -20.08 -24.67
N LEU C 237 12.43 -19.07 -23.85
CA LEU C 237 11.72 -17.89 -24.30
C LEU C 237 12.61 -17.06 -25.24
N HIS C 238 13.92 -17.12 -25.01
CA HIS C 238 14.92 -16.44 -25.84
C HIS C 238 14.90 -16.98 -27.28
N GLU C 239 14.66 -18.28 -27.42
CA GLU C 239 14.60 -18.92 -28.73
C GLU C 239 13.46 -18.37 -29.60
N TYR C 240 12.31 -18.12 -28.97
CA TYR C 240 11.14 -17.61 -29.68
C TYR C 240 11.17 -16.09 -29.84
N PHE C 241 11.95 -15.42 -29.00
CA PHE C 241 12.08 -13.96 -29.02
C PHE C 241 13.54 -13.56 -28.80
N PRO C 242 14.34 -13.60 -29.87
CA PRO C 242 15.79 -13.35 -29.78
C PRO C 242 16.20 -11.94 -29.34
N GLU C 243 15.32 -10.95 -29.49
CA GLU C 243 15.59 -9.57 -29.09
C GLU C 243 15.43 -9.37 -27.58
N MET C 244 14.79 -10.33 -26.91
CA MET C 244 14.60 -10.27 -25.46
C MET C 244 15.93 -10.32 -24.71
N GLN C 245 16.04 -9.49 -23.68
CA GLN C 245 17.20 -9.45 -22.80
C GLN C 245 16.75 -9.82 -21.39
N ILE C 246 17.38 -10.84 -20.82
CA ILE C 246 17.14 -11.21 -19.42
C ILE C 246 17.92 -10.22 -18.55
N LEU C 247 17.21 -9.25 -17.98
CA LEU C 247 17.86 -8.23 -17.15
C LEU C 247 18.29 -8.80 -15.80
N ALA C 248 17.39 -9.55 -15.17
CA ALA C 248 17.69 -10.19 -13.89
C ALA C 248 16.75 -11.36 -13.62
N VAL C 249 17.31 -12.45 -13.09
CA VAL C 249 16.54 -13.65 -12.77
C VAL C 249 15.52 -13.36 -11.67
N SER C 250 15.82 -12.37 -10.83
CA SER C 250 14.82 -11.76 -9.95
C SER C 250 14.70 -10.28 -10.24
N GLY C 251 13.53 -9.87 -10.72
CA GLY C 251 13.16 -8.46 -10.82
C GLY C 251 12.24 -8.01 -9.69
N ASN C 252 12.31 -8.67 -8.54
CA ASN C 252 11.50 -8.34 -7.35
C ASN C 252 9.99 -8.57 -7.50
N TYR C 253 9.60 -9.35 -8.49
CA TYR C 253 8.19 -9.64 -8.76
C TYR C 253 7.78 -10.98 -8.13
N CYS C 254 8.68 -11.58 -7.36
CA CYS C 254 8.44 -12.91 -6.79
C CYS C 254 7.33 -12.92 -5.73
N THR C 255 7.42 -12.13 -4.65
CA THR C 255 8.54 -11.29 -4.25
C THR C 255 9.21 -11.93 -3.03
N ASP C 256 10.54 -11.93 -3.01
CA ASP C 256 11.31 -12.63 -1.98
C ASP C 256 11.96 -11.66 -0.99
N LYS C 257 11.60 -11.81 0.29
CA LYS C 257 12.24 -11.11 1.41
C LYS C 257 12.07 -9.58 1.41
N LYS C 258 11.06 -9.11 0.69
CA LYS C 258 10.58 -7.74 0.77
C LYS C 258 9.05 -7.76 0.87
N PRO C 259 8.46 -6.79 1.56
CA PRO C 259 7.00 -6.68 1.60
C PRO C 259 6.43 -6.41 0.22
N ALA C 260 5.36 -7.09 -0.15
CA ALA C 260 4.78 -6.95 -1.48
C ALA C 260 3.34 -7.43 -1.51
N ALA C 261 2.46 -6.60 -2.05
CA ALA C 261 1.03 -6.90 -2.10
C ALA C 261 0.74 -8.13 -2.97
N ILE C 262 1.64 -8.43 -3.91
CA ILE C 262 1.47 -9.60 -4.77
C ILE C 262 1.51 -10.92 -4.00
N ASN C 263 2.35 -11.00 -2.96
CA ASN C 263 2.37 -12.16 -2.08
C ASN C 263 1.09 -12.28 -1.25
N TRP C 264 0.60 -11.13 -0.79
CA TRP C 264 -0.62 -11.05 0.01
C TRP C 264 -1.85 -11.50 -0.80
N ILE C 265 -1.87 -11.18 -2.09
CA ILE C 265 -3.05 -11.40 -2.93
C ILE C 265 -2.97 -12.71 -3.71
N GLU C 266 -1.82 -13.01 -4.30
CA GLU C 266 -1.63 -14.23 -5.09
C GLU C 266 -1.18 -15.43 -4.26
N GLY C 267 -0.60 -15.17 -3.09
CA GLY C 267 0.04 -16.20 -2.29
C GLY C 267 1.48 -16.46 -2.71
N ARG C 268 2.27 -17.00 -1.80
CA ARG C 268 3.64 -17.44 -2.09
C ARG C 268 4.04 -18.53 -1.10
N GLY C 269 4.55 -19.64 -1.60
CA GLY C 269 4.74 -20.83 -0.78
C GLY C 269 3.38 -21.39 -0.40
N LYS C 270 3.14 -21.56 0.89
CA LYS C 270 1.92 -22.18 1.40
C LYS C 270 0.93 -21.13 1.90
N SER C 271 -0.27 -21.14 1.33
CA SER C 271 -1.38 -20.34 1.86
C SER C 271 -2.17 -21.24 2.80
N VAL C 272 -2.42 -20.75 4.02
CA VAL C 272 -2.99 -21.57 5.09
C VAL C 272 -4.08 -20.79 5.83
N VAL C 273 -5.11 -21.50 6.27
CA VAL C 273 -6.10 -20.96 7.19
C VAL C 273 -6.20 -21.88 8.40
N CYS C 274 -6.49 -21.31 9.56
CA CYS C 274 -6.66 -22.08 10.79
C CYS C 274 -7.77 -21.45 11.61
N GLU C 275 -8.44 -22.26 12.42
CA GLU C 275 -9.58 -21.78 13.22
C GLU C 275 -9.79 -22.61 14.48
N ALA C 276 -10.47 -22.03 15.44
CA ALA C 276 -10.88 -22.72 16.67
C ALA C 276 -11.98 -21.95 17.36
N VAL C 277 -12.83 -22.65 18.11
CA VAL C 277 -13.78 -22.00 19.01
C VAL C 277 -13.32 -22.20 20.45
N ILE C 278 -13.18 -21.09 21.18
CA ILE C 278 -12.80 -21.11 22.58
C ILE C 278 -14.09 -20.95 23.38
N PRO C 279 -14.46 -21.96 24.17
CA PRO C 279 -15.63 -21.84 25.06
C PRO C 279 -15.52 -20.64 25.99
N ALA C 280 -16.66 -20.04 26.34
CA ALA C 280 -16.69 -18.84 27.17
C ALA C 280 -15.97 -19.06 28.51
N LYS C 281 -16.15 -20.24 29.09
CA LYS C 281 -15.49 -20.59 30.35
C LYS C 281 -13.96 -20.51 30.23
N VAL C 282 -13.43 -20.99 29.11
CA VAL C 282 -11.99 -20.98 28.86
C VAL C 282 -11.45 -19.57 28.62
N VAL C 283 -12.25 -18.70 28.02
CA VAL C 283 -11.85 -17.32 27.77
C VAL C 283 -11.67 -16.59 29.12
N ARG C 284 -12.52 -16.89 30.09
CA ARG C 284 -12.48 -16.22 31.38
C ARG C 284 -11.38 -16.74 32.31
N GLU C 285 -11.23 -18.06 32.38
CA GLU C 285 -10.31 -18.68 33.34
C GLU C 285 -8.86 -18.74 32.84
N VAL C 286 -8.68 -19.09 31.58
CA VAL C 286 -7.34 -19.21 30.98
C VAL C 286 -6.84 -17.89 30.40
N LEU C 287 -7.71 -17.18 29.70
CA LEU C 287 -7.32 -15.92 29.05
C LEU C 287 -7.63 -14.66 29.89
N LYS C 288 -8.40 -14.82 30.97
CA LYS C 288 -8.64 -13.74 31.93
C LYS C 288 -9.31 -12.52 31.28
N THR C 289 -10.29 -12.77 30.43
CA THR C 289 -10.99 -11.73 29.68
C THR C 289 -12.36 -12.24 29.23
N THR C 290 -13.02 -11.53 28.33
CA THR C 290 -14.27 -11.98 27.74
C THR C 290 -14.20 -12.01 26.22
N THR C 291 -15.12 -12.74 25.61
CA THR C 291 -15.24 -12.81 24.16
C THR C 291 -15.54 -11.45 23.56
N GLU C 292 -16.37 -10.67 24.25
CA GLU C 292 -16.76 -9.33 23.78
C GLU C 292 -15.55 -8.39 23.78
N ALA C 293 -14.75 -8.45 24.84
CA ALA C 293 -13.54 -7.64 24.96
C ALA C 293 -12.52 -7.99 23.88
N MET C 294 -12.39 -9.29 23.58
CA MET C 294 -11.46 -9.77 22.57
C MET C 294 -11.82 -9.29 21.18
N ILE C 295 -13.11 -9.35 20.84
CA ILE C 295 -13.60 -8.91 19.53
C ILE C 295 -13.38 -7.41 19.34
N GLU C 296 -13.62 -6.64 20.41
CA GLU C 296 -13.48 -5.20 20.39
C GLU C 296 -12.03 -4.79 20.10
N VAL C 297 -11.09 -5.48 20.73
CA VAL C 297 -9.67 -5.20 20.53
C VAL C 297 -9.25 -5.64 19.13
N ASN C 298 -9.73 -6.81 18.69
CA ASN C 298 -9.33 -7.33 17.39
C ASN C 298 -9.77 -6.44 16.25
N ILE C 299 -11.00 -5.95 16.32
CA ILE C 299 -11.52 -5.05 15.31
C ILE C 299 -10.70 -3.77 15.27
N ASN C 300 -10.45 -3.18 16.43
CA ASN C 300 -9.90 -1.82 16.50
C ASN C 300 -8.37 -1.76 16.51
N LYS C 301 -7.72 -2.91 16.71
CA LYS C 301 -6.26 -3.02 16.65
C LYS C 301 -5.85 -3.66 15.34
N ASN C 302 -6.24 -4.91 15.15
CA ASN C 302 -5.79 -5.70 14.00
C ASN C 302 -6.42 -5.34 12.66
N LEU C 303 -7.61 -4.73 12.67
CA LEU C 303 -8.21 -4.25 11.42
C LEU C 303 -8.09 -2.73 11.29
N VAL C 304 -8.72 -1.99 12.20
CA VAL C 304 -8.76 -0.53 12.08
C VAL C 304 -7.36 0.06 12.34
N GLY C 305 -6.68 -0.44 13.36
CA GLY C 305 -5.36 0.07 13.71
C GLY C 305 -4.35 -0.13 12.58
N SER C 306 -4.29 -1.34 12.05
CA SER C 306 -3.40 -1.65 10.94
C SER C 306 -3.76 -0.83 9.71
N ALA C 307 -5.05 -0.57 9.53
CA ALA C 307 -5.52 0.24 8.40
C ALA C 307 -5.02 1.69 8.52
N MET C 308 -5.10 2.25 9.72
CA MET C 308 -4.64 3.63 9.97
C MET C 308 -3.13 3.75 9.79
N ALA C 309 -2.40 2.66 10.03
CA ALA C 309 -0.94 2.63 9.90
C ALA C 309 -0.46 2.40 8.46
N GLY C 310 -1.39 2.12 7.55
CA GLY C 310 -1.05 1.87 6.16
C GLY C 310 -0.40 0.52 5.94
N SER C 311 -0.97 -0.51 6.54
CA SER C 311 -0.43 -1.86 6.46
C SER C 311 -1.03 -2.62 5.27
N ILE C 312 -0.18 -3.40 4.61
CA ILE C 312 -0.62 -4.38 3.64
C ILE C 312 -0.20 -5.75 4.18
N GLY C 313 -1.17 -6.51 4.67
CA GLY C 313 -0.93 -7.87 5.12
C GLY C 313 -0.53 -8.00 6.58
N GLY C 314 -0.45 -6.88 7.30
CA GLY C 314 -0.10 -6.89 8.70
C GLY C 314 -1.31 -6.71 9.59
N TYR C 315 -2.36 -7.50 9.34
CA TYR C 315 -3.62 -7.39 10.08
C TYR C 315 -3.66 -8.36 11.26
N ASN C 316 -2.63 -8.26 12.10
CA ASN C 316 -2.44 -9.18 13.22
C ASN C 316 -1.66 -8.51 14.35
N ALA C 317 -1.57 -9.19 15.49
CA ALA C 317 -0.88 -8.67 16.66
C ALA C 317 0.62 -8.90 16.60
N HIS C 318 1.03 -10.16 16.46
CA HIS C 318 2.45 -10.51 16.48
C HIS C 318 2.75 -11.88 15.85
N ALA C 319 2.12 -12.15 14.72
CA ALA C 319 2.41 -13.37 13.94
C ALA C 319 3.91 -13.54 13.70
N ALA C 320 4.63 -12.45 13.47
CA ALA C 320 6.06 -12.46 13.21
C ALA C 320 6.88 -13.07 14.35
N ASN C 321 6.45 -12.85 15.60
CA ASN C 321 7.10 -13.44 16.76
C ASN C 321 7.12 -14.96 16.74
N ILE C 322 5.97 -15.55 16.39
CA ILE C 322 5.85 -17.00 16.33
C ILE C 322 6.54 -17.56 15.09
N VAL C 323 6.33 -16.92 13.94
CA VAL C 323 6.96 -17.35 12.70
C VAL C 323 8.47 -17.37 12.84
N THR C 324 9.03 -16.27 13.36
CA THR C 324 10.49 -16.15 13.52
C THR C 324 11.03 -17.22 14.46
N ALA C 325 10.37 -17.44 15.60
CA ALA C 325 10.86 -18.35 16.61
C ALA C 325 10.85 -19.80 16.14
N ILE C 326 9.77 -20.20 15.45
CA ILE C 326 9.69 -21.54 14.87
C ILE C 326 10.72 -21.69 13.75
N TYR C 327 10.89 -20.65 12.94
CA TYR C 327 11.80 -20.69 11.80
C TYR C 327 13.25 -20.91 12.25
N ILE C 328 13.70 -20.19 13.27
CA ILE C 328 15.07 -20.33 13.76
C ILE C 328 15.28 -21.72 14.37
N ALA C 329 14.29 -22.22 15.09
CA ALA C 329 14.36 -23.56 15.70
C ALA C 329 14.42 -24.67 14.66
N CYS C 330 13.70 -24.49 13.55
CA CYS C 330 13.46 -25.56 12.58
C CYS C 330 14.26 -25.43 11.28
N GLY C 331 15.32 -24.62 11.31
CA GLY C 331 16.25 -24.52 10.18
C GLY C 331 15.71 -23.84 8.93
N GLN C 332 14.74 -22.96 9.11
CA GLN C 332 14.18 -22.18 8.02
C GLN C 332 15.01 -20.93 7.77
N ASP C 333 14.69 -20.24 6.68
CA ASP C 333 15.29 -18.97 6.34
C ASP C 333 14.56 -17.87 7.10
N ALA C 334 15.13 -17.41 8.21
CA ALA C 334 14.47 -16.42 9.06
C ALA C 334 14.23 -15.07 8.38
N ALA C 335 15.03 -14.75 7.36
CA ALA C 335 14.83 -13.53 6.57
C ALA C 335 13.49 -13.54 5.82
N GLN C 336 12.96 -14.72 5.55
CA GLN C 336 11.64 -14.86 4.93
C GLN C 336 10.48 -14.61 5.89
N ASN C 337 10.74 -14.23 7.14
CA ASN C 337 9.68 -13.81 8.04
C ASN C 337 8.99 -12.51 7.56
N VAL C 338 9.66 -11.77 6.67
CA VAL C 338 9.08 -10.56 6.08
C VAL C 338 7.72 -10.87 5.46
N GLY C 339 7.68 -11.84 4.54
CA GLY C 339 6.46 -12.23 3.87
C GLY C 339 5.69 -13.36 4.55
N SER C 340 6.43 -14.27 5.20
CA SER C 340 5.83 -15.43 5.86
C SER C 340 4.93 -15.04 7.03
N SER C 341 5.17 -13.87 7.61
CA SER C 341 4.38 -13.37 8.73
C SER C 341 3.06 -12.74 8.32
N ASN C 342 2.86 -12.49 7.01
CA ASN C 342 1.59 -11.97 6.50
C ASN C 342 0.44 -12.74 7.13
N CYS C 343 -0.51 -12.02 7.71
CA CYS C 343 -1.57 -12.66 8.49
C CYS C 343 -2.73 -11.71 8.78
N ILE C 344 -3.96 -12.22 8.61
CA ILE C 344 -5.15 -11.51 9.07
C ILE C 344 -5.84 -12.37 10.13
N THR C 345 -6.06 -11.77 11.30
CA THR C 345 -6.63 -12.44 12.45
C THR C 345 -8.05 -11.93 12.61
N LEU C 346 -9.03 -12.83 12.52
CA LEU C 346 -10.44 -12.49 12.66
C LEU C 346 -11.03 -13.13 13.92
N MET C 347 -11.98 -12.41 14.53
CA MET C 347 -12.65 -12.88 15.74
C MET C 347 -14.12 -12.49 15.72
N GLU C 348 -14.98 -13.39 16.19
CA GLU C 348 -16.40 -13.09 16.36
C GLU C 348 -17.05 -13.96 17.43
N ALA C 349 -18.28 -13.61 17.80
CA ALA C 349 -19.06 -14.35 18.79
C ALA C 349 -19.60 -15.62 18.15
N SER C 350 -19.77 -16.66 18.96
CA SER C 350 -20.14 -17.98 18.47
C SER C 350 -20.94 -18.78 19.51
N GLY C 351 -21.53 -19.88 19.06
CA GLY C 351 -22.30 -20.75 19.94
C GLY C 351 -23.74 -20.31 20.08
N PRO C 352 -24.53 -21.05 20.85
CA PRO C 352 -25.97 -20.75 21.00
C PRO C 352 -26.23 -19.42 21.72
N THR C 353 -25.46 -19.11 22.76
CA THR C 353 -25.65 -17.89 23.53
C THR C 353 -24.64 -16.78 23.18
N ASN C 354 -23.89 -16.96 22.09
CA ASN C 354 -23.01 -15.92 21.54
C ASN C 354 -21.90 -15.44 22.49
N GLU C 355 -21.48 -16.30 23.43
CA GLU C 355 -20.44 -15.95 24.38
C GLU C 355 -19.12 -16.71 24.13
N ASP C 356 -19.11 -17.62 23.16
CA ASP C 356 -17.90 -18.34 22.77
C ASP C 356 -17.13 -17.53 21.72
N LEU C 357 -15.80 -17.64 21.74
CA LEU C 357 -14.93 -16.87 20.82
C LEU C 357 -14.47 -17.73 19.64
N TYR C 358 -14.94 -17.38 18.45
CA TYR C 358 -14.45 -17.98 17.21
C TYR C 358 -13.27 -17.17 16.70
N ILE C 359 -12.11 -17.81 16.56
CA ILE C 359 -10.91 -17.16 16.04
C ILE C 359 -10.42 -17.88 14.79
N SER C 360 -9.86 -17.11 13.87
CA SER C 360 -9.22 -17.66 12.68
C SER C 360 -8.00 -16.83 12.29
N CYS C 361 -6.97 -17.49 11.79
CA CYS C 361 -5.82 -16.82 11.19
C CYS C 361 -5.63 -17.29 9.76
N THR C 362 -5.42 -16.35 8.85
CA THR C 362 -5.18 -16.65 7.45
C THR C 362 -3.84 -16.09 7.03
N MET C 363 -2.97 -16.97 6.52
CA MET C 363 -1.60 -16.62 6.19
C MET C 363 -1.31 -17.10 4.76
N PRO C 364 -1.43 -16.20 3.79
CA PRO C 364 -1.33 -16.58 2.38
C PRO C 364 0.07 -16.87 1.84
N SER C 365 1.12 -16.56 2.60
CA SER C 365 2.47 -16.60 2.05
C SER C 365 3.54 -17.14 3.02
N ILE C 366 3.29 -18.32 3.57
CA ILE C 366 4.25 -19.01 4.43
C ILE C 366 5.30 -19.72 3.58
N GLU C 367 6.53 -19.23 3.64
CA GLU C 367 7.64 -19.77 2.86
C GLU C 367 8.42 -20.73 3.73
N ILE C 368 8.33 -22.02 3.41
CA ILE C 368 8.73 -23.07 4.33
C ILE C 368 9.20 -24.36 3.64
N GLY C 369 10.00 -25.13 4.36
CA GLY C 369 10.53 -26.40 3.87
C GLY C 369 11.06 -27.26 4.99
N THR C 370 11.15 -28.57 4.74
CA THR C 370 11.72 -29.51 5.70
C THR C 370 12.94 -30.27 5.16
N VAL C 371 13.36 -29.92 3.94
CA VAL C 371 14.61 -30.43 3.35
C VAL C 371 15.39 -29.25 2.77
N GLY C 372 16.72 -29.32 2.84
CA GLY C 372 17.58 -28.27 2.31
C GLY C 372 17.85 -27.15 3.31
N GLY C 373 18.86 -26.35 3.01
CA GLY C 373 19.23 -25.23 3.85
C GLY C 373 19.63 -25.65 5.26
N GLY C 374 19.16 -24.89 6.25
CA GLY C 374 19.41 -25.19 7.65
C GLY C 374 18.72 -26.43 8.19
N THR C 375 17.76 -26.98 7.45
CA THR C 375 17.10 -28.23 7.84
C THR C 375 17.97 -29.46 7.60
N ASN C 376 19.16 -29.25 7.02
CA ASN C 376 20.13 -30.34 6.85
C ASN C 376 21.02 -30.51 8.08
N LEU C 377 20.98 -29.54 9.00
CA LEU C 377 21.76 -29.58 10.23
C LEU C 377 21.01 -30.38 11.28
N LEU C 378 21.76 -31.12 12.12
CA LEU C 378 21.16 -32.09 13.05
C LEU C 378 20.35 -31.49 14.19
N PRO C 379 20.82 -30.42 14.83
CA PRO C 379 20.02 -29.76 15.88
C PRO C 379 18.70 -29.22 15.35
N GLN C 380 18.73 -28.68 14.13
CA GLN C 380 17.53 -28.17 13.48
C GLN C 380 16.60 -29.32 13.11
N GLN C 381 17.18 -30.46 12.73
CA GLN C 381 16.41 -31.67 12.42
C GLN C 381 15.75 -32.24 13.65
N ALA C 382 16.32 -31.98 14.83
CA ALA C 382 15.76 -32.43 16.09
C ALA C 382 14.41 -31.76 16.35
N CYS C 383 14.35 -30.46 16.11
CA CYS C 383 13.12 -29.69 16.30
C CYS C 383 12.06 -30.06 15.25
N LEU C 384 12.49 -30.37 14.03
CA LEU C 384 11.58 -30.84 13.00
C LEU C 384 11.02 -32.23 13.34
N GLN C 385 11.85 -33.08 13.94
CA GLN C 385 11.46 -34.43 14.33
C GLN C 385 10.47 -34.42 15.50
N MET C 386 10.56 -33.40 16.35
CA MET C 386 9.59 -33.21 17.42
C MET C 386 8.19 -33.09 16.84
N LEU C 387 8.07 -32.38 15.72
CA LEU C 387 6.80 -32.12 15.05
C LEU C 387 6.39 -33.21 14.06
N GLY C 388 7.30 -34.15 13.80
CA GLY C 388 7.04 -35.26 12.91
C GLY C 388 7.05 -34.89 11.43
N VAL C 389 7.88 -33.90 11.08
CA VAL C 389 7.93 -33.38 9.71
C VAL C 389 9.35 -33.32 9.12
N GLN C 390 10.33 -33.90 9.81
CA GLN C 390 11.71 -33.85 9.36
C GLN C 390 11.91 -34.60 8.04
N GLY C 391 12.58 -33.95 7.09
CA GLY C 391 12.91 -34.55 5.82
C GLY C 391 11.76 -34.59 4.83
N ALA C 392 12.00 -35.22 3.68
CA ALA C 392 11.00 -35.37 2.65
C ALA C 392 10.04 -36.50 3.00
N CYS C 393 8.80 -36.36 2.55
CA CYS C 393 7.80 -37.41 2.67
C CYS C 393 7.88 -38.28 1.43
N LYS C 394 8.21 -39.56 1.63
CA LYS C 394 8.37 -40.51 0.52
C LYS C 394 7.04 -40.80 -0.19
N ASP C 395 6.01 -41.14 0.58
CA ASP C 395 4.73 -41.59 0.03
C ASP C 395 3.86 -40.44 -0.50
N ASN C 396 4.06 -39.25 0.04
CA ASN C 396 3.22 -38.09 -0.28
C ASN C 396 4.08 -36.83 -0.34
N PRO C 397 4.82 -36.66 -1.44
CA PRO C 397 5.75 -35.53 -1.60
C PRO C 397 5.11 -34.15 -1.33
N GLY C 398 5.67 -33.43 -0.36
CA GLY C 398 5.22 -32.12 0.02
C GLY C 398 4.35 -32.09 1.26
N GLU C 399 4.12 -33.26 1.86
CA GLU C 399 3.19 -33.38 2.98
C GLU C 399 3.82 -32.92 4.29
N ASN C 400 5.12 -33.13 4.44
CA ASN C 400 5.84 -32.67 5.64
C ASN C 400 5.92 -31.15 5.71
N ALA C 401 6.26 -30.50 4.60
CA ALA C 401 6.29 -29.04 4.52
C ALA C 401 4.91 -28.44 4.68
N ARG C 402 3.91 -29.10 4.09
CA ARG C 402 2.51 -28.67 4.25
C ARG C 402 2.09 -28.73 5.70
N GLN C 403 2.50 -29.80 6.40
CA GLN C 403 2.16 -30.00 7.80
C GLN C 403 2.83 -28.95 8.68
N LEU C 404 4.09 -28.62 8.37
CA LEU C 404 4.82 -27.61 9.13
C LEU C 404 4.17 -26.24 8.97
N ALA C 405 3.66 -25.96 7.78
CA ALA C 405 2.97 -24.70 7.51
C ALA C 405 1.67 -24.62 8.30
N ARG C 406 0.97 -25.75 8.41
CA ARG C 406 -0.24 -25.84 9.23
C ARG C 406 0.10 -25.61 10.71
N ILE C 407 1.22 -26.17 11.16
CA ILE C 407 1.66 -25.99 12.55
C ILE C 407 2.03 -24.53 12.82
N VAL C 408 2.64 -23.87 11.84
CA VAL C 408 3.02 -22.46 11.99
C VAL C 408 1.77 -21.59 12.09
N CYS C 409 0.77 -21.86 11.26
CA CYS C 409 -0.47 -21.07 11.25
C CYS C 409 -1.27 -21.29 12.53
N GLY C 410 -1.31 -22.55 13.00
CA GLY C 410 -1.96 -22.89 14.24
C GLY C 410 -1.28 -22.31 15.46
N THR C 411 0.05 -22.27 15.45
CA THR C 411 0.81 -21.72 16.56
C THR C 411 0.68 -20.20 16.58
N VAL C 412 0.62 -19.59 15.41
CA VAL C 412 0.40 -18.15 15.29
C VAL C 412 -0.94 -17.79 15.91
N MET C 413 -1.97 -18.60 15.63
CA MET C 413 -3.30 -18.39 16.19
C MET C 413 -3.30 -18.52 17.70
N ALA C 414 -2.48 -19.42 18.24
CA ALA C 414 -2.31 -19.55 19.68
C ALA C 414 -1.69 -18.28 20.25
N GLY C 415 -0.70 -17.76 19.55
CA GLY C 415 -0.04 -16.52 19.96
C GLY C 415 -0.96 -15.32 19.89
N GLU C 416 -1.79 -15.28 18.85
CA GLU C 416 -2.76 -14.20 18.67
C GLU C 416 -3.75 -14.21 19.82
N LEU C 417 -4.32 -15.36 20.11
CA LEU C 417 -5.27 -15.55 21.21
C LEU C 417 -4.72 -15.00 22.52
N SER C 418 -3.50 -15.40 22.85
CA SER C 418 -2.91 -15.11 24.15
C SER C 418 -2.56 -13.65 24.33
N LEU C 419 -1.92 -13.05 23.31
CA LEU C 419 -1.49 -11.65 23.40
C LEU C 419 -2.68 -10.71 23.37
N MET C 420 -3.65 -11.01 22.51
CA MET C 420 -4.86 -10.20 22.40
C MET C 420 -5.65 -10.22 23.70
N ALA C 421 -5.57 -11.33 24.43
CA ALA C 421 -6.22 -11.45 25.72
C ALA C 421 -5.53 -10.61 26.78
N ALA C 422 -4.20 -10.54 26.72
CA ALA C 422 -3.42 -9.69 27.62
C ALA C 422 -3.71 -8.20 27.38
N LEU C 423 -3.86 -7.82 26.12
CA LEU C 423 -4.17 -6.44 25.75
C LEU C 423 -5.61 -6.07 26.12
N ALA C 424 -6.51 -7.04 26.02
CA ALA C 424 -7.94 -6.81 26.29
C ALA C 424 -8.18 -6.61 27.79
N ALA C 425 -7.50 -7.40 28.61
CA ALA C 425 -7.63 -7.34 30.06
C ALA C 425 -7.02 -6.06 30.65
N GLY C 426 -6.12 -5.42 29.90
CA GLY C 426 -5.52 -4.17 30.32
C GLY C 426 -4.40 -4.37 31.32
N PRO D 8 15.30 -47.74 41.30
CA PRO D 8 14.09 -46.87 41.35
C PRO D 8 13.25 -47.14 42.60
N ARG D 9 13.22 -46.17 43.51
CA ARG D 9 12.50 -46.30 44.79
C ARG D 9 11.02 -45.92 44.64
N PRO D 10 10.18 -46.35 45.58
CA PRO D 10 8.75 -45.99 45.56
C PRO D 10 8.50 -44.51 45.84
N ASN D 11 7.33 -44.01 45.43
CA ASN D 11 6.99 -42.59 45.58
C ASN D 11 6.62 -42.18 47.02
N GLU D 12 6.48 -43.15 47.92
CA GLU D 12 6.12 -42.89 49.31
C GLU D 12 7.25 -42.19 50.07
N GLU D 13 8.48 -42.67 49.90
CA GLU D 13 9.65 -42.07 50.54
C GLU D 13 10.31 -40.98 49.68
N CYS D 14 9.66 -40.59 48.58
CA CYS D 14 10.13 -39.51 47.72
C CYS D 14 9.49 -38.17 48.06
N LEU D 15 8.52 -38.17 48.96
CA LEU D 15 7.81 -36.95 49.34
C LEU D 15 8.68 -35.99 50.17
N GLN D 16 9.71 -36.53 50.82
CA GLN D 16 10.67 -35.71 51.56
C GLN D 16 11.73 -35.15 50.62
N GLY D 24 16.50 -31.47 49.65
CA GLY D 24 15.20 -31.58 49.03
C GLY D 24 15.26 -32.20 47.64
N ALA D 25 15.49 -31.37 46.63
CA ALA D 25 15.54 -31.82 45.24
C ALA D 25 16.86 -32.49 44.89
N LYS D 26 17.97 -31.95 45.42
CA LYS D 26 19.31 -32.43 45.11
C LYS D 26 19.53 -33.90 45.52
N PHE D 27 18.88 -34.33 46.59
CA PHE D 27 19.05 -35.69 47.11
C PHE D 27 18.29 -36.73 46.27
N LEU D 28 17.16 -36.33 45.71
CA LEU D 28 16.38 -37.20 44.81
C LEU D 28 17.06 -37.35 43.46
N SER D 29 16.51 -38.24 42.62
CA SER D 29 17.03 -38.50 41.28
C SER D 29 16.12 -37.91 40.21
N ASP D 30 16.60 -37.91 38.96
CA ASP D 30 15.84 -37.39 37.84
C ASP D 30 14.63 -38.25 37.53
N ALA D 31 14.83 -39.57 37.51
CA ALA D 31 13.75 -40.52 37.26
C ALA D 31 12.65 -40.49 38.31
N GLU D 32 12.99 -40.03 39.52
CA GLU D 32 12.03 -39.92 40.62
C GLU D 32 11.05 -38.76 40.42
N ILE D 33 11.55 -37.62 39.92
CA ILE D 33 10.73 -36.43 39.70
C ILE D 33 9.71 -36.66 38.57
N ILE D 34 10.13 -37.35 37.53
CA ILE D 34 9.28 -37.63 36.36
C ILE D 34 8.22 -38.68 36.67
N GLN D 35 8.56 -39.62 37.55
CA GLN D 35 7.63 -40.67 37.96
C GLN D 35 6.57 -40.14 38.93
N LEU D 36 6.80 -38.95 39.47
CA LEU D 36 5.83 -38.27 40.33
C LEU D 36 4.92 -37.32 39.55
N VAL D 37 5.33 -36.94 38.34
CA VAL D 37 4.50 -36.10 37.46
C VAL D 37 3.41 -36.96 36.79
N ASN D 38 3.79 -38.15 36.33
CA ASN D 38 2.85 -39.07 35.68
C ASN D 38 1.90 -39.75 36.67
N ALA D 39 2.43 -40.14 37.83
CA ALA D 39 1.62 -40.74 38.89
C ALA D 39 0.77 -39.70 39.64
N LYS D 40 1.10 -38.42 39.43
CA LYS D 40 0.32 -37.28 39.95
C LYS D 40 0.35 -37.13 41.48
N HIS D 41 1.52 -37.37 42.07
CA HIS D 41 1.80 -36.95 43.44
C HIS D 41 1.91 -35.42 43.45
N ILE D 42 2.78 -34.91 42.57
CA ILE D 42 3.08 -33.49 42.44
C ILE D 42 2.53 -32.94 41.12
N PRO D 43 2.09 -31.68 41.10
CA PRO D 43 1.66 -31.03 39.84
C PRO D 43 2.80 -30.79 38.83
N ALA D 44 2.47 -30.11 37.74
CA ALA D 44 3.41 -29.92 36.62
C ALA D 44 4.08 -28.54 36.60
N TYR D 45 3.80 -27.70 37.60
CA TYR D 45 4.34 -26.34 37.64
C TYR D 45 5.08 -26.03 38.94
N LYS D 46 5.58 -27.07 39.61
CA LYS D 46 6.35 -26.93 40.84
C LYS D 46 7.86 -27.05 40.60
N LEU D 47 8.25 -27.63 39.47
CA LEU D 47 9.65 -28.00 39.20
C LEU D 47 10.54 -26.81 38.80
N GLU D 48 9.93 -25.75 38.26
CA GLU D 48 10.69 -24.56 37.85
C GLU D 48 11.39 -23.88 39.03
N THR D 49 10.72 -23.86 40.18
CA THR D 49 11.23 -23.19 41.38
C THR D 49 12.06 -24.12 42.28
N LEU D 50 11.65 -25.38 42.40
CA LEU D 50 12.24 -26.31 43.37
C LEU D 50 13.67 -26.75 43.02
N ILE D 51 13.93 -26.97 41.74
CA ILE D 51 15.25 -27.45 41.30
C ILE D 51 16.26 -26.31 41.35
N GLU D 52 17.44 -26.59 41.90
CA GLU D 52 18.44 -25.55 42.16
C GLU D 52 19.33 -25.30 40.94
N THR D 53 20.04 -26.35 40.50
CA THR D 53 20.91 -26.25 39.33
C THR D 53 20.05 -26.15 38.06
N HIS D 54 20.28 -25.10 37.28
CA HIS D 54 19.41 -24.75 36.15
C HIS D 54 19.50 -25.76 35.00
N GLU D 55 20.68 -26.33 34.80
CA GLU D 55 20.88 -27.33 33.75
C GLU D 55 20.08 -28.61 34.01
N ARG D 56 19.96 -28.99 35.28
CA ARG D 56 19.17 -30.16 35.67
C ARG D 56 17.68 -29.91 35.47
N GLY D 57 17.26 -28.65 35.63
CA GLY D 57 15.88 -28.27 35.36
C GLY D 57 15.50 -28.46 33.91
N VAL D 58 16.44 -28.13 33.01
CA VAL D 58 16.26 -28.32 31.58
C VAL D 58 16.28 -29.81 31.21
N SER D 59 17.05 -30.60 31.96
CA SER D 59 17.17 -32.03 31.71
C SER D 59 15.86 -32.76 32.01
N ILE D 60 15.24 -32.42 33.14
CA ILE D 60 13.97 -33.01 33.55
C ILE D 60 12.86 -32.60 32.60
N ARG D 61 12.90 -31.35 32.13
CA ARG D 61 11.90 -30.85 31.19
C ARG D 61 11.96 -31.62 29.86
N ARG D 62 13.17 -31.95 29.42
CA ARG D 62 13.37 -32.71 28.19
C ARG D 62 12.83 -34.12 28.30
N GLN D 63 12.99 -34.73 29.48
CA GLN D 63 12.54 -36.11 29.71
C GLN D 63 11.01 -36.20 29.73
N LEU D 64 10.37 -35.24 30.39
CA LEU D 64 8.91 -35.14 30.39
C LEU D 64 8.39 -34.90 28.98
N LEU D 65 9.09 -34.06 28.24
CA LEU D 65 8.73 -33.74 26.86
C LEU D 65 8.86 -34.96 25.95
N SER D 66 9.87 -35.80 26.21
CA SER D 66 10.17 -36.96 25.36
C SER D 66 9.00 -37.94 25.27
N LYS D 67 8.28 -38.09 26.38
CA LYS D 67 7.19 -39.07 26.49
C LYS D 67 5.91 -38.60 25.78
N LYS D 68 5.83 -37.30 25.47
CA LYS D 68 4.70 -36.74 24.75
C LYS D 68 4.86 -36.81 23.22
N LEU D 69 6.07 -37.13 22.77
CA LEU D 69 6.39 -37.17 21.34
C LEU D 69 6.25 -38.58 20.78
N SER D 70 5.87 -38.68 19.50
CA SER D 70 5.79 -39.96 18.82
C SER D 70 7.19 -40.54 18.59
N GLU D 71 8.18 -39.66 18.46
CA GLU D 71 9.59 -40.03 18.43
C GLU D 71 10.29 -39.38 19.63
N PRO D 72 10.33 -40.07 20.77
CA PRO D 72 11.04 -39.56 21.96
C PRO D 72 12.53 -39.25 21.73
N SER D 73 13.17 -39.93 20.78
CA SER D 73 14.58 -39.75 20.48
C SER D 73 14.88 -38.52 19.62
N SER D 74 13.85 -37.76 19.26
CA SER D 74 14.03 -36.57 18.42
C SER D 74 14.88 -35.50 19.09
N LEU D 75 14.90 -35.47 20.42
CA LEU D 75 15.67 -34.48 21.18
C LEU D 75 17.17 -34.75 21.27
N GLN D 76 17.62 -35.94 20.85
CA GLN D 76 19.02 -36.37 21.03
C GLN D 76 20.07 -35.37 20.53
N TYR D 77 19.84 -34.81 19.34
CA TYR D 77 20.80 -33.90 18.72
C TYR D 77 20.48 -32.42 18.94
N LEU D 78 19.40 -32.15 19.66
CA LEU D 78 19.15 -30.82 20.21
C LEU D 78 20.00 -30.68 21.46
N PRO D 79 21.04 -29.84 21.42
CA PRO D 79 21.98 -29.74 22.54
C PRO D 79 21.41 -28.94 23.70
N TYR D 80 22.05 -29.06 24.87
CA TYR D 80 21.62 -28.35 26.07
C TYR D 80 22.67 -28.25 27.18
N ARG D 81 23.59 -29.22 27.24
CA ARG D 81 24.60 -29.25 28.29
C ARG D 81 25.64 -28.14 28.16
N ASP D 82 26.11 -27.66 29.31
CA ASP D 82 27.20 -26.68 29.42
C ASP D 82 26.87 -25.29 28.85
N TYR D 83 25.58 -24.97 28.73
CA TYR D 83 25.15 -23.65 28.31
C TYR D 83 24.76 -22.84 29.54
N ASN D 84 24.96 -21.52 29.46
CA ASN D 84 24.74 -20.62 30.59
C ASN D 84 23.27 -20.19 30.68
N TYR D 85 22.47 -21.01 31.39
CA TYR D 85 21.04 -20.74 31.56
C TYR D 85 20.72 -19.69 32.63
N SER D 86 21.74 -19.23 33.37
CA SER D 86 21.52 -18.25 34.43
C SER D 86 20.94 -16.93 33.92
N LEU D 87 21.40 -16.49 32.74
CA LEU D 87 20.96 -15.23 32.15
C LEU D 87 19.71 -15.39 31.29
N VAL D 88 19.28 -16.63 31.04
CA VAL D 88 18.11 -16.92 30.23
C VAL D 88 16.81 -17.05 31.04
N MET D 89 16.85 -17.80 32.13
CA MET D 89 15.64 -18.06 32.91
C MET D 89 15.11 -16.76 33.54
N GLY D 90 13.80 -16.55 33.41
CA GLY D 90 13.15 -15.37 33.96
C GLY D 90 13.49 -14.08 33.24
N ALA D 91 13.88 -14.18 31.96
CA ALA D 91 14.34 -13.02 31.21
C ALA D 91 14.17 -13.15 29.69
N CYS D 92 14.62 -14.26 29.11
CA CYS D 92 14.72 -14.41 27.66
C CYS D 92 13.88 -15.54 27.06
N CYS D 93 13.69 -16.63 27.81
CA CYS D 93 12.97 -17.79 27.30
C CYS D 93 12.27 -18.56 28.44
N GLU D 94 11.18 -19.24 28.10
CA GLU D 94 10.47 -20.11 29.04
C GLU D 94 10.36 -21.53 28.47
N ASN D 95 10.05 -22.48 29.33
CA ASN D 95 9.94 -23.89 28.97
C ASN D 95 11.18 -24.38 28.20
N VAL D 96 12.36 -23.99 28.68
CA VAL D 96 13.62 -24.18 27.95
C VAL D 96 14.04 -25.65 27.90
N ILE D 97 14.31 -26.14 26.70
CA ILE D 97 14.69 -27.53 26.47
C ILE D 97 16.07 -27.66 25.81
N GLY D 98 16.79 -26.55 25.69
CA GLY D 98 18.11 -26.54 25.07
C GLY D 98 18.42 -25.24 24.33
N TYR D 99 19.31 -25.34 23.35
CA TYR D 99 19.65 -24.20 22.49
C TYR D 99 19.84 -24.63 21.04
N MET D 100 19.68 -23.67 20.13
CA MET D 100 19.82 -23.90 18.71
C MET D 100 21.05 -23.17 18.19
N PRO D 101 22.10 -23.90 17.84
CA PRO D 101 23.30 -23.28 17.29
C PRO D 101 23.09 -22.82 15.84
N ILE D 102 23.33 -21.54 15.59
CA ILE D 102 23.25 -20.97 14.26
C ILE D 102 24.67 -20.62 13.83
N PRO D 103 25.15 -21.17 12.72
CA PRO D 103 26.50 -20.86 12.25
C PRO D 103 26.74 -19.35 12.13
N VAL D 104 27.91 -18.89 12.60
CA VAL D 104 28.28 -17.48 12.54
C VAL D 104 29.49 -17.33 11.63
N GLY D 105 29.35 -16.53 10.58
CA GLY D 105 30.44 -16.17 9.71
C GLY D 105 30.85 -14.72 9.91
N VAL D 106 31.88 -14.29 9.20
CA VAL D 106 32.32 -12.90 9.27
C VAL D 106 32.58 -12.33 7.87
N ALA D 107 32.05 -11.13 7.63
CA ALA D 107 32.31 -10.38 6.41
C ALA D 107 32.99 -9.07 6.77
N GLY D 108 34.05 -8.74 6.07
CA GLY D 108 34.82 -7.53 6.35
C GLY D 108 36.23 -7.59 5.79
N PRO D 109 37.01 -6.51 5.98
CA PRO D 109 36.59 -5.33 6.74
C PRO D 109 35.55 -4.47 6.01
N LEU D 110 34.60 -3.92 6.77
CA LEU D 110 33.65 -2.95 6.27
C LEU D 110 34.20 -1.57 6.62
N CYS D 111 34.71 -0.86 5.62
CA CYS D 111 35.28 0.47 5.81
C CYS D 111 34.14 1.48 5.85
N LEU D 112 33.79 1.91 7.06
CA LEU D 112 32.65 2.79 7.28
C LEU D 112 33.03 3.93 8.22
N ASP D 113 32.88 5.17 7.73
CA ASP D 113 33.17 6.37 8.50
C ASP D 113 34.58 6.36 9.09
N GLU D 114 35.57 6.11 8.24
CA GLU D 114 36.99 6.09 8.62
C GLU D 114 37.32 5.05 9.72
N LYS D 115 36.47 4.04 9.83
CA LYS D 115 36.70 2.92 10.74
C LYS D 115 36.60 1.62 9.95
N GLU D 116 37.03 0.52 10.57
CA GLU D 116 36.94 -0.80 9.94
C GLU D 116 36.23 -1.76 10.89
N PHE D 117 35.24 -2.50 10.35
CA PHE D 117 34.41 -3.39 11.15
C PHE D 117 34.45 -4.82 10.63
N GLN D 118 34.50 -5.77 11.55
CA GLN D 118 34.36 -7.19 11.23
C GLN D 118 32.94 -7.59 11.65
N VAL D 119 32.06 -7.75 10.67
CA VAL D 119 30.63 -7.90 10.91
C VAL D 119 30.22 -9.37 11.07
N PRO D 120 29.71 -9.76 12.24
CA PRO D 120 29.28 -11.14 12.45
C PRO D 120 27.90 -11.38 11.87
N MET D 121 27.72 -12.51 11.21
CA MET D 121 26.49 -12.84 10.50
C MET D 121 26.08 -14.28 10.79
N ALA D 122 24.99 -14.45 11.53
CA ALA D 122 24.47 -15.77 11.86
C ALA D 122 23.45 -16.21 10.82
N THR D 123 23.79 -17.22 10.03
CA THR D 123 22.91 -17.69 8.96
C THR D 123 23.15 -19.17 8.59
N THR D 124 22.16 -19.75 7.91
CA THR D 124 22.30 -21.09 7.33
C THR D 124 22.09 -21.07 5.82
N GLU D 125 22.05 -19.88 5.22
CA GLU D 125 21.95 -19.74 3.76
C GLU D 125 23.34 -19.66 3.14
N GLY D 126 23.66 -20.62 2.27
CA GLY D 126 24.94 -20.68 1.60
C GLY D 126 25.13 -19.47 0.69
N CYS D 127 26.38 -19.03 0.59
CA CYS D 127 26.80 -17.88 -0.23
C CYS D 127 26.49 -16.49 0.36
N LEU D 128 25.69 -16.42 1.42
CA LEU D 128 25.29 -15.11 1.95
C LEU D 128 26.48 -14.34 2.51
N VAL D 129 27.27 -14.99 3.37
CA VAL D 129 28.41 -14.35 4.03
C VAL D 129 29.50 -14.00 3.00
N ALA D 130 29.74 -14.91 2.05
CA ALA D 130 30.74 -14.70 1.01
C ALA D 130 30.33 -13.54 0.09
N SER D 131 29.04 -13.44 -0.20
CA SER D 131 28.51 -12.37 -1.04
C SER D 131 28.69 -11.01 -0.36
N THR D 132 28.35 -10.95 0.92
CA THR D 132 28.48 -9.73 1.70
C THR D 132 29.94 -9.33 1.81
N ASN D 133 30.82 -10.32 1.97
CA ASN D 133 32.26 -10.10 2.08
C ASN D 133 32.82 -9.47 0.79
N ARG D 134 32.31 -9.91 -0.35
CA ARG D 134 32.71 -9.39 -1.65
C ARG D 134 32.27 -7.94 -1.83
N GLY D 135 31.08 -7.61 -1.31
CA GLY D 135 30.57 -6.27 -1.32
C GLY D 135 31.38 -5.34 -0.44
N CYS D 136 31.84 -5.87 0.69
CA CYS D 136 32.71 -5.14 1.60
C CYS D 136 34.05 -4.82 0.93
N ARG D 137 34.56 -5.76 0.14
CA ARG D 137 35.85 -5.59 -0.52
C ARG D 137 35.78 -4.50 -1.58
N ALA D 138 34.67 -4.45 -2.32
CA ALA D 138 34.46 -3.44 -3.36
C ALA D 138 34.35 -2.05 -2.76
N ILE D 139 33.69 -1.96 -1.60
CA ILE D 139 33.56 -0.69 -0.88
C ILE D 139 34.92 -0.21 -0.37
N GLY D 140 35.72 -1.13 0.18
CA GLY D 140 37.01 -0.80 0.75
C GLY D 140 38.02 -0.33 -0.30
N LEU D 141 37.92 -0.88 -1.51
CA LEU D 141 38.81 -0.50 -2.60
C LEU D 141 38.36 0.80 -3.27
N GLY D 142 37.13 1.24 -2.97
CA GLY D 142 36.61 2.50 -3.47
C GLY D 142 36.65 3.66 -2.50
N GLY D 143 37.46 3.56 -1.45
CA GLY D 143 37.63 4.65 -0.49
C GLY D 143 36.73 4.57 0.73
N GLY D 144 35.80 3.62 0.74
CA GLY D 144 34.94 3.38 1.90
C GLY D 144 33.58 4.05 1.78
N ALA D 145 32.71 3.75 2.74
CA ALA D 145 31.35 4.29 2.78
C ALA D 145 31.22 5.32 3.90
N SER D 146 30.21 6.18 3.79
CA SER D 146 29.87 7.15 4.81
C SER D 146 28.40 7.05 5.17
N SER D 147 28.07 7.12 6.45
CA SER D 147 26.70 7.00 6.92
C SER D 147 26.31 8.09 7.92
N ARG D 148 25.00 8.29 8.09
CA ARG D 148 24.45 9.29 9.01
C ARG D 148 23.16 8.77 9.63
N VAL D 149 22.99 9.00 10.94
CA VAL D 149 21.73 8.74 11.60
C VAL D 149 20.87 9.99 11.49
N LEU D 150 19.73 9.85 10.83
CA LEU D 150 18.82 10.96 10.54
C LEU D 150 17.79 11.18 11.65
N ALA D 151 17.44 10.11 12.35
CA ALA D 151 16.45 10.16 13.42
C ALA D 151 16.62 9.00 14.40
N ASP D 152 16.09 9.18 15.61
CA ASP D 152 16.19 8.17 16.66
C ASP D 152 14.99 8.29 17.61
N GLY D 153 14.21 7.21 17.70
CA GLY D 153 13.03 7.19 18.54
C GLY D 153 12.18 5.96 18.32
N MET D 154 12.20 5.05 19.30
CA MET D 154 11.31 3.89 19.34
C MET D 154 9.89 4.38 19.63
N THR D 155 8.88 3.68 19.09
CA THR D 155 7.49 4.11 19.27
C THR D 155 6.58 3.05 19.88
N ARG D 156 5.44 3.52 20.36
CA ARG D 156 4.32 2.68 20.78
C ARG D 156 3.03 3.43 20.46
N GLY D 157 2.06 2.73 19.89
CA GLY D 157 0.90 3.36 19.30
C GLY D 157 -0.40 2.78 19.84
N PRO D 158 -0.73 3.09 21.10
CA PRO D 158 -2.01 2.65 21.70
C PRO D 158 -3.25 3.15 20.97
N VAL D 159 -4.35 2.45 21.17
CA VAL D 159 -5.66 2.88 20.72
C VAL D 159 -6.55 3.12 21.94
N VAL D 160 -7.12 4.32 22.02
CA VAL D 160 -8.09 4.67 23.04
C VAL D 160 -9.42 4.98 22.38
N ARG D 161 -10.49 4.92 23.16
CA ARG D 161 -11.85 5.17 22.67
C ARG D 161 -12.55 6.15 23.58
N LEU D 162 -13.25 7.11 22.98
CA LEU D 162 -14.10 8.03 23.72
C LEU D 162 -15.55 7.77 23.31
N PRO D 163 -16.52 8.31 24.06
CA PRO D 163 -17.94 8.06 23.75
C PRO D 163 -18.34 8.42 22.32
N ARG D 164 -17.78 9.49 21.76
CA ARG D 164 -18.12 9.96 20.42
C ARG D 164 -16.90 10.48 19.66
N ALA D 165 -17.05 10.62 18.34
CA ALA D 165 -16.02 11.21 17.48
C ALA D 165 -15.73 12.67 17.83
N CYS D 166 -16.74 13.40 18.32
CA CYS D 166 -16.55 14.78 18.76
C CYS D 166 -15.64 14.82 20.00
N ASP D 167 -15.74 13.79 20.83
CA ASP D 167 -14.91 13.68 22.04
C ASP D 167 -13.46 13.32 21.70
N SER D 168 -13.26 12.34 20.82
CA SER D 168 -11.92 11.96 20.40
C SER D 168 -11.22 13.12 19.70
N ALA D 169 -11.98 13.91 18.94
CA ALA D 169 -11.48 15.13 18.32
C ALA D 169 -11.01 16.13 19.36
N GLU D 170 -11.74 16.24 20.47
CA GLU D 170 -11.36 17.12 21.58
C GLU D 170 -10.03 16.71 22.19
N VAL D 171 -9.81 15.41 22.32
CA VAL D 171 -8.57 14.89 22.90
C VAL D 171 -7.38 15.17 21.98
N LYS D 172 -7.59 15.02 20.67
CA LYS D 172 -6.54 15.28 19.68
C LYS D 172 -6.08 16.74 19.74
N ALA D 173 -7.03 17.67 19.73
CA ALA D 173 -6.73 19.10 19.80
C ALA D 173 -6.03 19.46 21.12
N TRP D 174 -6.43 18.80 22.20
CA TRP D 174 -5.85 19.02 23.52
C TRP D 174 -4.40 18.57 23.57
N LEU D 175 -4.11 17.43 22.95
CA LEU D 175 -2.75 16.90 22.85
C LEU D 175 -1.86 17.77 21.96
N GLU D 176 -2.48 18.53 21.05
CA GLU D 176 -1.76 19.39 20.11
C GLU D 176 -1.49 20.81 20.65
N THR D 177 -2.10 21.17 21.78
CA THR D 177 -1.73 22.42 22.47
C THR D 177 -0.42 22.21 23.21
N SER D 178 0.30 23.30 23.44
CA SER D 178 1.61 23.23 24.11
C SER D 178 1.51 22.79 25.56
N GLU D 179 0.40 23.12 26.21
CA GLU D 179 0.22 22.84 27.64
C GLU D 179 -0.28 21.40 27.86
N GLY D 180 -1.14 20.92 26.96
CA GLY D 180 -1.60 19.54 27.01
C GLY D 180 -0.48 18.56 26.73
N PHE D 181 0.36 18.87 25.76
CA PHE D 181 1.53 18.04 25.44
C PHE D 181 2.57 18.07 26.55
N ALA D 182 2.72 19.22 27.20
CA ALA D 182 3.71 19.39 28.27
C ALA D 182 3.42 18.51 29.47
N VAL D 183 2.15 18.41 29.84
CA VAL D 183 1.76 17.58 30.99
C VAL D 183 1.82 16.08 30.68
N ILE D 184 1.59 15.72 29.42
CA ILE D 184 1.71 14.34 28.97
C ILE D 184 3.19 13.97 28.84
N LYS D 185 4.01 14.92 28.43
CA LYS D 185 5.45 14.75 28.32
C LYS D 185 6.07 14.60 29.71
N GLU D 186 5.49 15.27 30.69
CA GLU D 186 5.96 15.22 32.07
C GLU D 186 5.72 13.84 32.68
N ALA D 187 4.52 13.30 32.46
CA ALA D 187 4.17 11.98 32.97
C ALA D 187 5.00 10.88 32.30
N PHE D 188 5.26 11.04 31.00
CA PHE D 188 6.02 10.08 30.21
C PHE D 188 7.49 10.02 30.67
N ASP D 189 8.09 11.20 30.82
CA ASP D 189 9.51 11.32 31.15
C ASP D 189 9.85 10.99 32.61
N SER D 190 8.83 10.96 33.47
CA SER D 190 9.01 10.62 34.88
C SER D 190 9.32 9.14 35.10
N THR D 191 8.98 8.30 34.13
CA THR D 191 9.12 6.85 34.26
C THR D 191 10.56 6.34 34.11
N SER D 192 11.41 7.12 33.46
CA SER D 192 12.77 6.66 33.15
C SER D 192 13.75 7.81 32.89
N ARG D 193 15.03 7.51 33.09
CA ARG D 193 16.11 8.49 32.88
C ARG D 193 16.25 8.87 31.40
N PHE D 194 16.03 7.90 30.52
CA PHE D 194 16.20 8.10 29.07
C PHE D 194 14.89 8.46 28.34
N ALA D 195 13.77 8.48 29.07
CA ALA D 195 12.46 8.77 28.49
C ALA D 195 12.32 10.27 28.20
N ARG D 196 12.41 10.64 26.93
CA ARG D 196 12.20 12.03 26.49
C ARG D 196 11.23 12.09 25.30
N LEU D 197 9.95 12.31 25.60
CA LEU D 197 8.89 12.26 24.61
C LEU D 197 9.02 13.35 23.54
N GLN D 198 9.03 12.92 22.28
CA GLN D 198 9.06 13.83 21.13
C GLN D 198 7.64 14.19 20.73
N LYS D 199 7.50 14.98 19.66
CA LYS D 199 6.17 15.39 19.17
C LYS D 199 5.28 14.18 18.93
N LEU D 200 4.02 14.26 19.37
CA LEU D 200 3.06 13.18 19.19
C LEU D 200 2.51 13.16 17.78
N HIS D 201 2.18 11.97 17.29
CA HIS D 201 1.44 11.81 16.05
C HIS D 201 0.11 11.11 16.33
N THR D 202 -1.00 11.78 16.07
CA THR D 202 -2.32 11.23 16.35
C THR D 202 -3.16 11.09 15.07
N SER D 203 -3.99 10.06 15.06
CA SER D 203 -4.93 9.81 13.97
C SER D 203 -6.27 9.35 14.53
N ILE D 204 -7.35 9.93 14.02
CA ILE D 204 -8.69 9.59 14.47
C ILE D 204 -9.32 8.58 13.50
N ALA D 205 -10.12 7.67 14.06
CA ALA D 205 -11.02 6.83 13.28
C ALA D 205 -12.34 6.78 14.04
N GLY D 206 -13.22 7.74 13.77
CA GLY D 206 -14.47 7.87 14.49
C GLY D 206 -14.18 8.26 15.93
N ARG D 207 -14.74 7.50 16.87
CA ARG D 207 -14.48 7.74 18.29
C ARG D 207 -13.16 7.12 18.77
N ASN D 208 -12.48 6.38 17.91
CA ASN D 208 -11.13 5.90 18.21
C ASN D 208 -10.09 7.00 18.04
N LEU D 209 -9.06 6.96 18.88
CA LEU D 209 -7.89 7.82 18.73
C LEU D 209 -6.64 6.98 18.88
N TYR D 210 -5.78 7.01 17.87
CA TYR D 210 -4.51 6.30 17.88
C TYR D 210 -3.41 7.32 18.15
N ILE D 211 -2.62 7.07 19.19
CA ILE D 211 -1.61 8.01 19.66
C ILE D 211 -0.24 7.37 19.56
N ARG D 212 0.64 7.96 18.76
CA ARG D 212 1.97 7.44 18.52
C ARG D 212 2.97 8.17 19.41
N PHE D 213 3.31 7.55 20.54
CA PHE D 213 4.34 8.04 21.43
C PHE D 213 5.71 7.65 20.89
N GLN D 214 6.63 8.60 20.86
CA GLN D 214 7.98 8.35 20.34
C GLN D 214 9.02 8.92 21.31
N SER D 215 10.10 8.18 21.52
CA SER D 215 11.15 8.62 22.42
C SER D 215 12.43 7.83 22.22
N ARG D 216 13.56 8.50 22.47
CA ARG D 216 14.84 7.83 22.54
C ARG D 216 14.85 6.95 23.78
N SER D 217 15.73 5.96 23.80
CA SER D 217 15.74 4.95 24.85
C SER D 217 17.16 4.56 25.24
N GLY D 218 18.09 5.52 25.18
CA GLY D 218 19.49 5.24 25.43
C GLY D 218 20.01 4.27 24.40
N ASP D 219 20.62 3.18 24.87
CA ASP D 219 21.16 2.14 23.99
C ASP D 219 20.22 0.96 23.82
N ALA D 220 19.10 0.96 24.52
CA ALA D 220 18.12 -0.11 24.42
C ALA D 220 17.29 0.04 23.16
N MET D 221 16.71 -1.06 22.69
CA MET D 221 15.74 -1.00 21.61
C MET D 221 14.56 -0.16 22.08
N GLY D 222 14.18 -0.33 23.34
CA GLY D 222 13.32 0.62 24.03
C GLY D 222 11.87 0.21 24.22
N MET D 223 11.49 -1.00 23.84
CA MET D 223 10.10 -1.43 23.94
C MET D 223 9.55 -1.35 25.35
N ASN D 224 10.30 -1.89 26.31
CA ASN D 224 9.85 -1.91 27.71
C ASN D 224 9.77 -0.51 28.31
N MET D 225 10.69 0.36 27.91
CA MET D 225 10.77 1.72 28.45
C MET D 225 9.66 2.61 27.89
N ILE D 226 9.47 2.57 26.57
CA ILE D 226 8.42 3.37 25.93
C ILE D 226 7.03 2.86 26.33
N SER D 227 6.91 1.57 26.62
CA SER D 227 5.65 0.98 27.08
C SER D 227 5.28 1.48 28.48
N LYS D 228 6.30 1.61 29.34
CA LYS D 228 6.11 2.11 30.70
C LYS D 228 5.77 3.60 30.70
N GLY D 229 6.40 4.35 29.79
CA GLY D 229 6.13 5.76 29.64
C GLY D 229 4.74 6.01 29.08
N THR D 230 4.31 5.11 28.19
CA THR D 230 3.00 5.22 27.54
C THR D 230 1.88 4.95 28.53
N GLU D 231 2.09 3.98 29.42
CA GLU D 231 1.08 3.63 30.43
C GLU D 231 0.85 4.79 31.40
N LYS D 232 1.93 5.45 31.80
CA LYS D 232 1.85 6.59 32.73
C LYS D 232 1.32 7.84 32.04
N ALA D 233 1.57 7.96 30.74
CA ALA D 233 1.10 9.10 29.96
C ALA D 233 -0.40 9.01 29.74
N LEU D 234 -0.88 7.80 29.46
CA LEU D 234 -2.30 7.55 29.24
C LEU D 234 -3.10 7.63 30.54
N SER D 235 -2.44 7.33 31.66
CA SER D 235 -3.04 7.46 32.99
C SER D 235 -3.25 8.94 33.32
N LYS D 236 -2.33 9.79 32.88
CA LYS D 236 -2.43 11.23 33.07
C LYS D 236 -3.52 11.82 32.18
N LEU D 237 -3.65 11.26 30.97
CA LEU D 237 -4.67 11.68 30.01
C LEU D 237 -6.07 11.27 30.49
N HIS D 238 -6.12 10.21 31.27
CA HIS D 238 -7.36 9.71 31.87
C HIS D 238 -7.90 10.71 32.91
N GLU D 239 -7.00 11.38 33.61
CA GLU D 239 -7.36 12.40 34.59
C GLU D 239 -8.10 13.58 33.94
N TYR D 240 -7.68 13.95 32.73
CA TYR D 240 -8.30 15.06 32.00
C TYR D 240 -9.54 14.61 31.20
N PHE D 241 -9.57 13.34 30.83
CA PHE D 241 -10.67 12.77 30.05
C PHE D 241 -11.06 11.42 30.66
N PRO D 242 -11.85 11.46 31.73
CA PRO D 242 -12.21 10.25 32.48
C PRO D 242 -13.13 9.25 31.76
N GLU D 243 -13.80 9.67 30.69
CA GLU D 243 -14.60 8.77 29.88
C GLU D 243 -13.77 7.99 28.85
N MET D 244 -12.50 8.36 28.70
CA MET D 244 -11.59 7.65 27.80
C MET D 244 -11.34 6.22 28.29
N GLN D 245 -11.35 5.28 27.35
CA GLN D 245 -11.08 3.87 27.61
C GLN D 245 -9.81 3.51 26.86
N ILE D 246 -8.80 3.05 27.59
CA ILE D 246 -7.60 2.51 26.97
C ILE D 246 -7.94 1.12 26.47
N LEU D 247 -8.18 0.98 25.17
CA LEU D 247 -8.60 -0.30 24.59
C LEU D 247 -7.44 -1.28 24.47
N ALA D 248 -6.27 -0.77 24.08
CA ALA D 248 -5.06 -1.59 23.98
C ALA D 248 -3.82 -0.70 24.00
N VAL D 249 -2.83 -1.10 24.78
CA VAL D 249 -1.59 -0.34 24.88
C VAL D 249 -0.84 -0.32 23.55
N SER D 250 -1.09 -1.33 22.72
CA SER D 250 -0.74 -1.29 21.31
C SER D 250 -1.99 -1.48 20.44
N GLY D 251 -2.31 -0.44 19.68
CA GLY D 251 -3.36 -0.50 18.66
C GLY D 251 -2.82 -0.64 17.26
N ASN D 252 -1.63 -1.25 17.12
CA ASN D 252 -0.98 -1.47 15.82
C ASN D 252 -0.58 -0.19 15.07
N TYR D 253 -0.52 0.94 15.79
CA TYR D 253 -0.15 2.22 15.20
C TYR D 253 1.34 2.54 15.45
N CYS D 254 2.06 1.59 16.04
CA CYS D 254 3.45 1.81 16.43
C CYS D 254 4.39 2.00 15.23
N THR D 255 4.50 1.07 14.27
CA THR D 255 3.89 -0.26 14.28
C THR D 255 4.99 -1.30 14.49
N ASP D 256 4.75 -2.24 15.40
CA ASP D 256 5.74 -3.25 15.78
C ASP D 256 5.49 -4.61 15.11
N LYS D 257 6.49 -5.08 14.37
CA LYS D 257 6.53 -6.43 13.79
C LYS D 257 5.42 -6.75 12.77
N LYS D 258 4.82 -5.72 12.18
CA LYS D 258 3.97 -5.85 11.01
C LYS D 258 4.40 -4.80 9.98
N PRO D 259 4.20 -5.07 8.70
CA PRO D 259 4.49 -4.07 7.67
C PRO D 259 3.53 -2.89 7.79
N ALA D 260 4.06 -1.67 7.73
CA ALA D 260 3.24 -0.47 7.90
C ALA D 260 3.90 0.74 7.24
N ALA D 261 3.11 1.47 6.46
CA ALA D 261 3.58 2.67 5.77
C ALA D 261 4.02 3.75 6.76
N ILE D 262 3.44 3.76 7.97
CA ILE D 262 3.78 4.77 8.97
C ILE D 262 5.23 4.67 9.42
N ASN D 263 5.78 3.46 9.50
CA ASN D 263 7.20 3.26 9.80
C ASN D 263 8.09 3.73 8.67
N TRP D 264 7.66 3.48 7.43
CA TRP D 264 8.38 3.89 6.24
C TRP D 264 8.47 5.41 6.12
N ILE D 265 7.39 6.10 6.47
CA ILE D 265 7.26 7.54 6.24
C ILE D 265 7.77 8.36 7.43
N GLU D 266 7.39 7.95 8.64
CA GLU D 266 7.72 8.68 9.87
C GLU D 266 9.00 8.19 10.53
N GLY D 267 9.44 6.99 10.18
CA GLY D 267 10.58 6.35 10.82
C GLY D 267 10.19 5.65 12.11
N ARG D 268 10.97 4.64 12.48
CA ARG D 268 10.85 3.98 13.78
C ARG D 268 12.20 3.44 14.21
N GLY D 269 12.55 3.60 15.48
CA GLY D 269 13.91 3.33 15.92
C GLY D 269 14.88 4.29 15.26
N LYS D 270 15.88 3.75 14.56
CA LYS D 270 16.94 4.55 13.92
C LYS D 270 16.70 4.66 12.43
N SER D 271 16.62 5.89 11.91
CA SER D 271 16.61 6.13 10.47
C SER D 271 18.04 6.42 10.03
N VAL D 272 18.50 5.72 9.01
CA VAL D 272 19.91 5.73 8.62
C VAL D 272 20.07 5.80 7.10
N VAL D 273 21.11 6.51 6.67
CA VAL D 273 21.48 6.56 5.26
C VAL D 273 22.98 6.23 5.15
N CYS D 274 23.35 5.54 4.08
CA CYS D 274 24.73 5.16 3.81
C CYS D 274 25.02 5.32 2.32
N GLU D 275 26.28 5.56 1.98
CA GLU D 275 26.66 5.80 0.59
C GLU D 275 28.12 5.43 0.33
N ALA D 276 28.44 5.22 -0.95
CA ALA D 276 29.81 4.96 -1.37
C ALA D 276 29.95 5.11 -2.88
N VAL D 277 31.15 5.43 -3.33
CA VAL D 277 31.47 5.42 -4.76
C VAL D 277 32.44 4.28 -5.03
N ILE D 278 32.08 3.44 -6.00
CA ILE D 278 32.89 2.29 -6.39
C ILE D 278 33.53 2.62 -7.74
N PRO D 279 34.84 2.77 -7.79
CA PRO D 279 35.56 3.03 -9.05
C PRO D 279 35.18 2.04 -10.15
N ALA D 280 35.18 2.50 -11.39
CA ALA D 280 34.82 1.66 -12.54
C ALA D 280 35.68 0.40 -12.63
N LYS D 281 36.96 0.52 -12.26
CA LYS D 281 37.88 -0.60 -12.26
C LYS D 281 37.48 -1.65 -11.23
N VAL D 282 37.04 -1.20 -10.07
CA VAL D 282 36.60 -2.09 -8.99
C VAL D 282 35.31 -2.83 -9.34
N VAL D 283 34.41 -2.17 -10.07
CA VAL D 283 33.15 -2.79 -10.47
C VAL D 283 33.43 -3.91 -11.49
N ARG D 284 34.43 -3.70 -12.34
CA ARG D 284 34.81 -4.67 -13.37
C ARG D 284 35.49 -5.90 -12.78
N GLU D 285 36.49 -5.68 -11.92
CA GLU D 285 37.38 -6.75 -11.46
C GLU D 285 36.86 -7.49 -10.23
N VAL D 286 36.27 -6.76 -9.29
CA VAL D 286 35.73 -7.35 -8.07
C VAL D 286 34.29 -7.83 -8.27
N LEU D 287 33.44 -6.98 -8.85
CA LEU D 287 32.01 -7.29 -9.00
C LEU D 287 31.65 -7.95 -10.35
N LYS D 288 32.61 -8.03 -11.27
CA LYS D 288 32.45 -8.76 -12.53
C LYS D 288 31.31 -8.23 -13.42
N THR D 289 31.11 -6.91 -13.39
CA THR D 289 30.04 -6.27 -14.16
C THR D 289 30.45 -4.84 -14.53
N THR D 290 29.50 -4.04 -15.03
CA THR D 290 29.74 -2.64 -15.33
C THR D 290 28.82 -1.73 -14.51
N THR D 291 29.19 -0.45 -14.45
CA THR D 291 28.38 0.54 -13.75
C THR D 291 27.03 0.75 -14.44
N GLU D 292 27.05 0.74 -15.77
CA GLU D 292 25.85 0.91 -16.58
C GLU D 292 24.86 -0.24 -16.37
N ALA D 293 25.39 -1.46 -16.27
CA ALA D 293 24.56 -2.65 -16.07
C ALA D 293 23.97 -2.71 -14.67
N MET D 294 24.72 -2.17 -13.69
CA MET D 294 24.27 -2.12 -12.30
C MET D 294 23.10 -1.15 -12.11
N ILE D 295 23.18 0.01 -12.77
CA ILE D 295 22.15 1.04 -12.66
C ILE D 295 20.87 0.58 -13.35
N GLU D 296 21.04 -0.11 -14.47
CA GLU D 296 19.94 -0.67 -15.25
C GLU D 296 19.13 -1.67 -14.43
N VAL D 297 19.83 -2.55 -13.72
CA VAL D 297 19.18 -3.57 -12.90
C VAL D 297 18.54 -2.94 -11.68
N ASN D 298 19.19 -1.95 -11.09
CA ASN D 298 18.64 -1.31 -9.89
C ASN D 298 17.35 -0.56 -10.15
N ILE D 299 17.27 0.12 -11.29
CA ILE D 299 16.08 0.86 -11.67
C ILE D 299 14.92 -0.11 -11.89
N ASN D 300 15.17 -1.16 -12.66
CA ASN D 300 14.09 -2.02 -13.16
C ASN D 300 13.73 -3.16 -12.21
N LYS D 301 14.58 -3.43 -11.22
CA LYS D 301 14.31 -4.44 -10.19
C LYS D 301 13.85 -3.76 -8.91
N ASN D 302 14.73 -2.95 -8.32
CA ASN D 302 14.49 -2.37 -6.99
C ASN D 302 13.50 -1.22 -6.97
N LEU D 303 13.35 -0.50 -8.09
CA LEU D 303 12.35 0.56 -8.18
C LEU D 303 11.10 0.09 -8.93
N VAL D 304 11.24 -0.17 -10.23
CA VAL D 304 10.09 -0.52 -11.06
C VAL D 304 9.51 -1.88 -10.66
N GLY D 305 10.38 -2.86 -10.44
CA GLY D 305 9.95 -4.20 -10.09
C GLY D 305 9.18 -4.26 -8.77
N SER D 306 9.73 -3.61 -7.76
CA SER D 306 9.07 -3.50 -6.45
C SER D 306 7.75 -2.75 -6.58
N ALA D 307 7.72 -1.75 -7.46
CA ALA D 307 6.51 -0.98 -7.72
C ALA D 307 5.42 -1.85 -8.33
N MET D 308 5.80 -2.70 -9.30
CA MET D 308 4.84 -3.59 -9.96
C MET D 308 4.33 -4.66 -9.00
N ALA D 309 5.14 -5.01 -8.00
CA ALA D 309 4.77 -6.01 -7.00
C ALA D 309 3.91 -5.42 -5.88
N GLY D 310 3.76 -4.10 -5.86
CA GLY D 310 2.94 -3.42 -4.88
C GLY D 310 3.63 -3.35 -3.53
N SER D 311 4.90 -2.94 -3.54
CA SER D 311 5.70 -2.91 -2.32
C SER D 311 5.64 -1.55 -1.65
N ILE D 312 5.51 -1.55 -0.33
CA ILE D 312 5.73 -0.38 0.50
C ILE D 312 7.01 -0.63 1.30
N GLY D 313 8.09 0.06 0.95
CA GLY D 313 9.35 -0.03 1.69
C GLY D 313 10.31 -1.12 1.26
N GLY D 314 9.93 -1.92 0.27
CA GLY D 314 10.75 -3.03 -0.20
C GLY D 314 11.49 -2.73 -1.49
N TYR D 315 12.13 -1.56 -1.57
CA TYR D 315 12.82 -1.11 -2.78
C TYR D 315 14.31 -1.49 -2.74
N ASN D 316 14.55 -2.78 -2.51
CA ASN D 316 15.91 -3.30 -2.34
C ASN D 316 15.96 -4.77 -2.79
N ALA D 317 17.18 -5.29 -2.94
CA ALA D 317 17.39 -6.67 -3.35
C ALA D 317 17.17 -7.66 -2.20
N HIS D 318 17.94 -7.52 -1.13
CA HIS D 318 17.88 -8.49 -0.03
C HIS D 318 18.40 -7.93 1.29
N ALA D 319 18.01 -6.69 1.62
CA ALA D 319 18.37 -6.06 2.90
C ALA D 319 18.03 -6.97 4.09
N ALA D 320 16.89 -7.67 4.01
CA ALA D 320 16.43 -8.55 5.07
C ALA D 320 17.41 -9.68 5.39
N ASN D 321 18.13 -10.18 4.38
CA ASN D 321 19.17 -11.19 4.61
C ASN D 321 20.25 -10.71 5.56
N ILE D 322 20.77 -9.51 5.32
CA ILE D 322 21.84 -8.93 6.15
C ILE D 322 21.29 -8.54 7.52
N VAL D 323 20.11 -7.93 7.54
CA VAL D 323 19.51 -7.48 8.79
C VAL D 323 19.29 -8.67 9.71
N THR D 324 18.74 -9.75 9.17
CA THR D 324 18.42 -10.94 9.96
C THR D 324 19.69 -11.62 10.48
N ALA D 325 20.71 -11.70 9.64
CA ALA D 325 21.96 -12.37 10.02
C ALA D 325 22.71 -11.62 11.11
N ILE D 326 22.74 -10.29 11.03
CA ILE D 326 23.36 -9.46 12.06
C ILE D 326 22.54 -9.51 13.35
N TYR D 327 21.22 -9.46 13.20
CA TYR D 327 20.30 -9.43 14.34
C TYR D 327 20.40 -10.70 15.18
N ILE D 328 20.43 -11.86 14.53
CA ILE D 328 20.54 -13.13 15.23
C ILE D 328 21.91 -13.23 15.90
N ALA D 329 22.95 -12.77 15.20
CA ALA D 329 24.31 -12.80 15.72
C ALA D 329 24.52 -11.89 16.93
N CYS D 330 23.80 -10.76 16.97
CA CYS D 330 24.04 -9.71 17.95
C CYS D 330 22.92 -9.57 18.98
N GLY D 331 22.12 -10.61 19.16
CA GLY D 331 21.14 -10.65 20.24
C GLY D 331 19.94 -9.72 20.10
N GLN D 332 19.65 -9.34 18.87
CA GLN D 332 18.49 -8.49 18.57
C GLN D 332 17.22 -9.32 18.46
N ASP D 333 16.10 -8.61 18.37
CA ASP D 333 14.79 -9.23 18.16
C ASP D 333 14.64 -9.48 16.66
N ALA D 334 14.82 -10.74 16.26
CA ALA D 334 14.80 -11.10 14.84
C ALA D 334 13.43 -10.89 14.19
N ALA D 335 12.36 -10.94 14.98
CA ALA D 335 11.02 -10.70 14.47
C ALA D 335 10.85 -9.28 13.94
N GLN D 336 11.65 -8.35 14.46
CA GLN D 336 11.64 -6.96 13.98
C GLN D 336 12.32 -6.77 12.62
N ASN D 337 12.82 -7.82 12.00
CA ASN D 337 13.30 -7.74 10.63
C ASN D 337 12.19 -7.32 9.64
N VAL D 338 10.93 -7.48 10.03
CA VAL D 338 9.78 -7.07 9.20
C VAL D 338 9.94 -5.59 8.81
N GLY D 339 10.06 -4.73 9.81
CA GLY D 339 10.17 -3.29 9.60
C GLY D 339 11.61 -2.80 9.47
N SER D 340 12.53 -3.43 10.20
CA SER D 340 13.94 -3.04 10.18
C SER D 340 14.60 -3.19 8.81
N SER D 341 14.07 -4.10 7.98
CA SER D 341 14.60 -4.34 6.65
C SER D 341 14.11 -3.34 5.60
N ASN D 342 13.17 -2.46 5.97
CA ASN D 342 12.73 -1.39 5.08
C ASN D 342 13.96 -0.68 4.51
N CYS D 343 14.04 -0.62 3.19
CA CYS D 343 15.23 -0.08 2.53
C CYS D 343 14.97 0.32 1.07
N ILE D 344 15.47 1.48 0.67
CA ILE D 344 15.50 1.86 -0.73
C ILE D 344 16.96 2.00 -1.19
N THR D 345 17.31 1.21 -2.20
CA THR D 345 18.65 1.19 -2.76
C THR D 345 18.64 1.98 -4.05
N LEU D 346 19.53 2.97 -4.14
CA LEU D 346 19.63 3.85 -5.29
C LEU D 346 21.03 3.76 -5.90
N MET D 347 21.09 3.83 -7.23
CA MET D 347 22.35 3.76 -7.95
C MET D 347 22.35 4.72 -9.14
N GLU D 348 23.50 5.37 -9.38
CA GLU D 348 23.68 6.24 -10.53
C GLU D 348 25.15 6.36 -10.92
N ALA D 349 25.40 6.94 -12.10
CA ALA D 349 26.75 7.17 -12.59
C ALA D 349 27.40 8.33 -11.83
N SER D 350 28.73 8.28 -11.74
CA SER D 350 29.49 9.24 -10.92
C SER D 350 30.91 9.43 -11.47
N GLY D 351 31.57 10.50 -11.03
CA GLY D 351 32.94 10.78 -11.42
C GLY D 351 33.04 11.60 -12.70
N PRO D 352 34.27 11.97 -13.08
CA PRO D 352 34.50 12.79 -14.29
C PRO D 352 34.01 12.16 -15.58
N THR D 353 34.32 10.88 -15.80
CA THR D 353 33.92 10.19 -17.03
C THR D 353 32.55 9.53 -16.91
N ASN D 354 31.93 9.62 -15.74
CA ASN D 354 30.59 9.09 -15.50
C ASN D 354 30.57 7.56 -15.58
N GLU D 355 31.67 6.93 -15.19
CA GLU D 355 31.81 5.48 -15.23
C GLU D 355 31.93 4.84 -13.83
N ASP D 356 32.09 5.67 -12.80
CA ASP D 356 32.05 5.19 -11.41
C ASP D 356 30.60 4.99 -10.96
N LEU D 357 30.42 4.18 -9.92
CA LEU D 357 29.08 3.82 -9.44
C LEU D 357 28.81 4.38 -8.04
N TYR D 358 27.97 5.40 -7.97
CA TYR D 358 27.44 5.88 -6.69
C TYR D 358 26.31 4.95 -6.24
N ILE D 359 26.41 4.46 -5.01
CA ILE D 359 25.34 3.67 -4.39
C ILE D 359 24.94 4.30 -3.05
N SER D 360 23.66 4.19 -2.72
CA SER D 360 23.15 4.63 -1.43
C SER D 360 22.04 3.71 -0.95
N CYS D 361 22.00 3.45 0.35
CA CYS D 361 20.91 2.72 0.97
C CYS D 361 20.31 3.58 2.06
N THR D 362 18.99 3.67 2.09
CA THR D 362 18.28 4.45 3.08
C THR D 362 17.30 3.54 3.81
N MET D 363 17.45 3.45 5.12
CA MET D 363 16.67 2.54 5.96
C MET D 363 16.02 3.32 7.10
N PRO D 364 14.77 3.72 6.93
CA PRO D 364 14.12 4.63 7.89
C PRO D 364 13.69 4.01 9.22
N SER D 365 13.74 2.70 9.39
CA SER D 365 13.16 2.07 10.58
C SER D 365 13.94 0.89 11.16
N ILE D 366 15.24 1.06 11.34
CA ILE D 366 16.09 0.05 11.99
C ILE D 366 15.81 0.01 13.51
N GLU D 367 15.15 -1.06 13.95
CA GLU D 367 14.80 -1.25 15.36
C GLU D 367 15.89 -2.09 16.03
N ILE D 368 16.64 -1.48 16.94
CA ILE D 368 17.90 -2.06 17.39
C ILE D 368 18.36 -1.58 18.78
N GLY D 369 19.20 -2.37 19.42
CA GLY D 369 19.75 -2.06 20.73
C GLY D 369 21.01 -2.85 21.08
N THR D 370 21.77 -2.33 22.03
CA THR D 370 22.98 -3.02 22.51
C THR D 370 22.93 -3.34 24.02
N VAL D 371 21.80 -3.04 24.66
CA VAL D 371 21.52 -3.46 26.03
C VAL D 371 20.13 -4.07 26.12
N GLY D 372 19.96 -5.07 26.98
CA GLY D 372 18.66 -5.70 27.18
C GLY D 372 18.34 -6.80 26.19
N GLY D 373 17.39 -7.66 26.53
CA GLY D 373 16.95 -8.71 25.66
C GLY D 373 18.00 -9.79 25.45
N GLY D 374 18.23 -10.15 24.19
CA GLY D 374 19.25 -11.12 23.83
C GLY D 374 20.68 -10.59 23.96
N THR D 375 20.83 -9.27 24.08
CA THR D 375 22.16 -8.67 24.24
C THR D 375 22.71 -8.82 25.67
N ASN D 376 21.91 -9.37 26.57
CA ASN D 376 22.36 -9.71 27.92
C ASN D 376 23.16 -11.00 27.97
N LEU D 377 23.02 -11.83 26.94
CA LEU D 377 23.66 -13.14 26.90
C LEU D 377 25.10 -12.99 26.38
N LEU D 378 26.00 -13.83 26.89
CA LEU D 378 27.44 -13.66 26.63
C LEU D 378 27.87 -13.94 25.19
N PRO D 379 27.37 -15.00 24.55
CA PRO D 379 27.71 -15.25 23.15
C PRO D 379 27.27 -14.11 22.23
N GLN D 380 26.10 -13.57 22.49
CA GLN D 380 25.58 -12.44 21.73
C GLN D 380 26.42 -11.18 22.00
N GLN D 381 26.89 -11.04 23.25
CA GLN D 381 27.76 -9.93 23.62
C GLN D 381 29.12 -10.01 22.95
N ALA D 382 29.55 -11.23 22.63
CA ALA D 382 30.82 -11.45 21.95
C ALA D 382 30.80 -10.84 20.55
N CYS D 383 29.68 -11.03 19.85
CA CYS D 383 29.51 -10.48 18.51
C CYS D 383 29.37 -8.96 18.54
N LEU D 384 28.69 -8.44 19.55
CA LEU D 384 28.57 -7.00 19.75
C LEU D 384 29.93 -6.39 20.06
N GLN D 385 30.78 -7.13 20.77
CA GLN D 385 32.10 -6.66 21.17
C GLN D 385 33.07 -6.63 19.99
N MET D 386 32.83 -7.49 19.00
CA MET D 386 33.61 -7.45 17.75
C MET D 386 33.47 -6.09 17.09
N LEU D 387 32.26 -5.53 17.15
CA LEU D 387 31.94 -4.25 16.51
C LEU D 387 32.20 -3.04 17.40
N GLY D 388 32.49 -3.28 18.67
CA GLY D 388 32.78 -2.22 19.62
C GLY D 388 31.54 -1.46 20.08
N VAL D 389 30.40 -2.15 20.14
CA VAL D 389 29.13 -1.51 20.50
C VAL D 389 28.39 -2.21 21.66
N GLN D 390 29.04 -3.18 22.31
CA GLN D 390 28.40 -3.93 23.39
C GLN D 390 28.10 -3.03 24.59
N GLY D 391 26.90 -3.17 25.13
CA GLY D 391 26.51 -2.49 26.35
C GLY D 391 26.13 -1.03 26.17
N ALA D 392 25.91 -0.36 27.30
CA ALA D 392 25.56 1.05 27.31
C ALA D 392 26.80 1.92 27.25
N CYS D 393 26.78 2.89 26.34
CA CYS D 393 27.81 3.93 26.29
C CYS D 393 27.54 4.94 27.41
N LYS D 394 28.47 5.03 28.36
CA LYS D 394 28.29 5.87 29.54
C LYS D 394 28.41 7.37 29.22
N ASP D 395 29.42 7.73 28.44
CA ASP D 395 29.71 9.13 28.12
C ASP D 395 28.69 9.74 27.15
N ASN D 396 28.18 8.93 26.23
CA ASN D 396 27.21 9.37 25.23
C ASN D 396 26.08 8.34 25.10
N PRO D 397 25.08 8.41 25.98
CA PRO D 397 23.95 7.47 25.96
C PRO D 397 23.29 7.33 24.59
N GLY D 398 23.36 6.13 24.04
CA GLY D 398 22.70 5.79 22.78
C GLY D 398 23.63 5.72 21.58
N GLU D 399 24.92 5.99 21.79
CA GLU D 399 25.90 6.07 20.71
C GLU D 399 26.28 4.69 20.19
N ASN D 400 26.22 3.69 21.06
CA ASN D 400 26.48 2.30 20.66
C ASN D 400 25.36 1.73 19.80
N ALA D 401 24.12 2.01 20.18
CA ALA D 401 22.95 1.59 19.40
C ALA D 401 22.94 2.26 18.03
N ARG D 402 23.30 3.54 18.02
CA ARG D 402 23.39 4.31 16.78
C ARG D 402 24.50 3.78 15.87
N GLN D 403 25.62 3.40 16.47
CA GLN D 403 26.75 2.86 15.69
C GLN D 403 26.37 1.53 15.06
N LEU D 404 25.66 0.69 15.82
CA LEU D 404 25.23 -0.61 15.32
C LEU D 404 24.27 -0.44 14.15
N ALA D 405 23.39 0.55 14.23
CA ALA D 405 22.45 0.87 13.16
C ALA D 405 23.19 1.28 11.89
N ARG D 406 24.27 2.06 12.05
CA ARG D 406 25.10 2.49 10.93
C ARG D 406 25.80 1.30 10.29
N ILE D 407 26.27 0.36 11.11
CA ILE D 407 26.94 -0.83 10.62
C ILE D 407 25.96 -1.73 9.88
N VAL D 408 24.71 -1.79 10.36
CA VAL D 408 23.68 -2.58 9.70
C VAL D 408 23.41 -2.01 8.32
N CYS D 409 23.24 -0.69 8.24
CA CYS D 409 22.95 -0.01 6.98
C CYS D 409 24.10 -0.12 5.99
N GLY D 410 25.33 -0.02 6.48
CA GLY D 410 26.52 -0.17 5.67
C GLY D 410 26.72 -1.58 5.16
N THR D 411 26.45 -2.57 6.01
CA THR D 411 26.55 -3.97 5.63
C THR D 411 25.45 -4.34 4.64
N VAL D 412 24.28 -3.73 4.81
CA VAL D 412 23.17 -3.90 3.88
C VAL D 412 23.59 -3.36 2.50
N MET D 413 24.27 -2.23 2.48
CA MET D 413 24.74 -1.63 1.23
C MET D 413 25.76 -2.55 0.55
N ALA D 414 26.61 -3.18 1.35
CA ALA D 414 27.59 -4.13 0.82
C ALA D 414 26.88 -5.33 0.20
N GLY D 415 25.85 -5.83 0.87
CA GLY D 415 25.05 -6.93 0.36
C GLY D 415 24.30 -6.59 -0.91
N GLU D 416 23.80 -5.35 -0.99
CA GLU D 416 23.11 -4.86 -2.18
C GLU D 416 24.07 -4.79 -3.36
N LEU D 417 25.27 -4.25 -3.12
CA LEU D 417 26.29 -4.13 -4.15
C LEU D 417 26.62 -5.49 -4.79
N SER D 418 26.85 -6.48 -3.94
CA SER D 418 27.35 -7.79 -4.38
C SER D 418 26.28 -8.62 -5.09
N LEU D 419 25.07 -8.66 -4.53
CA LEU D 419 24.00 -9.44 -5.14
C LEU D 419 23.53 -8.82 -6.46
N MET D 420 23.41 -7.49 -6.49
CA MET D 420 22.99 -6.79 -7.69
C MET D 420 24.00 -6.99 -8.82
N ALA D 421 25.27 -7.14 -8.48
CA ALA D 421 26.32 -7.41 -9.46
C ALA D 421 26.20 -8.83 -10.02
N ALA D 422 25.84 -9.79 -9.16
CA ALA D 422 25.61 -11.17 -9.59
C ALA D 422 24.43 -11.25 -10.56
N LEU D 423 23.38 -10.46 -10.29
CA LEU D 423 22.20 -10.43 -11.14
C LEU D 423 22.47 -9.70 -12.45
N ALA D 424 23.31 -8.67 -12.41
CA ALA D 424 23.58 -7.80 -13.56
C ALA D 424 24.44 -8.49 -14.61
N ALA D 425 25.34 -9.36 -14.17
CA ALA D 425 26.24 -10.07 -15.07
C ALA D 425 25.59 -11.37 -15.59
N GLY D 426 24.48 -11.78 -14.97
CA GLY D 426 23.72 -12.94 -15.41
C GLY D 426 24.41 -14.26 -15.15
N HIS D 427 24.98 -14.40 -13.95
CA HIS D 427 25.70 -15.62 -13.57
C HIS D 427 24.74 -16.77 -13.31
S SO4 E . -6.00 27.26 -6.25
O1 SO4 E . -6.34 27.69 -4.90
O2 SO4 E . -7.21 27.25 -7.07
O3 SO4 E . -5.42 25.92 -6.22
O4 SO4 E . -5.04 28.20 -6.81
N1 HR1 F . 0.17 22.29 -14.91
C4 HR1 F . 2.73 27.01 -19.38
C5 HR1 F . 1.57 22.58 -13.09
C6 HR1 F . -0.95 21.86 -15.80
C7 HR1 F . -0.68 21.04 -12.87
C8 HR1 F . -0.50 20.88 -11.37
C10 HR1 F . -0.80 18.41 -10.89
C13 HR1 F . -2.30 22.36 -15.29
C15 HR1 F . 2.68 23.56 -9.61
C17 HR1 F . 3.53 24.38 -18.92
C20 HR1 F . 2.90 25.10 -17.91
C21 HR1 F . 2.98 21.42 -11.38
C22 HR1 F . 5.38 25.19 -13.56
C24 HR1 F . 3.58 21.38 -10.12
C26 HR1 F . 2.50 26.41 -18.14
C28 HR1 F . 5.58 25.76 -14.81
O1 HR1 F . 0.81 23.59 -17.51
C3 HR1 F . 1.56 23.74 -16.52
C2 HR1 F . 1.19 23.10 -15.33
C14 HR1 F . -0.91 20.35 -16.01
C1 HR1 F . 2.13 23.32 -14.23
C31 HR1 F . 3.34 24.17 -14.39
C25 HR1 F . 4.25 24.40 -13.34
C16 HR1 F . 3.55 24.72 -15.64
C19 HR1 F . 4.68 25.52 -15.84
N2 HR1 F . 2.66 24.50 -16.65
C23 HR1 F . 3.35 26.29 -20.39
C29 HR1 F . 3.76 24.98 -20.17
C27 HR1 F . 2.21 22.52 -11.75
C30 HR1 F . 3.43 22.45 -9.24
C18 HR1 F . 2.06 23.60 -10.86
F1 HR1 F . 4.02 22.40 -8.04
C12 HR1 F . 0.31 21.93 -13.59
C9 HR1 F . -1.44 19.80 -10.81
O4 HR1 F . -2.66 19.74 -11.54
C11 HR1 F . 0.46 18.31 -10.03
O3 HR1 F . 0.21 18.85 -8.74
C35 HR1 F . 0.88 16.85 -9.88
C36 HR1 F . 2.31 16.79 -9.44
O7 HR1 F . 2.57 16.37 -8.30
O6 HR1 F . 3.20 17.16 -10.25
S SO4 G . -22.90 -0.03 -17.09
O1 SO4 G . -21.89 0.05 -16.03
O2 SO4 G . -24.09 -0.67 -16.56
O3 SO4 G . -22.37 -0.80 -18.21
O4 SO4 G . -23.23 1.31 -17.55
N1 HR1 H . -26.11 2.00 -6.25
C4 HR1 H . -32.90 1.48 -4.52
C5 HR1 H . -25.56 -0.26 -6.39
C6 HR1 H . -26.10 3.49 -6.34
C7 HR1 H . -23.79 1.47 -7.29
C8 HR1 H . -22.67 1.72 -6.31
C10 HR1 H . -20.18 1.67 -6.19
C13 HR1 H . -25.80 4.00 -7.74
C15 HR1 H . -24.27 -3.51 -7.86
C17 HR1 H . -30.57 1.74 -2.99
C20 HR1 H . -30.52 1.13 -4.24
C21 HR1 H . -23.76 -1.81 -5.74
C22 HR1 H . -28.49 -3.45 -4.90
C24 HR1 H . -22.99 -2.96 -5.89
C26 HR1 H . -31.68 1.00 -5.01
C28 HR1 H . -29.70 -2.98 -4.38
O1 HR1 H . -28.75 2.79 -5.11
C3 HR1 H . -28.42 1.59 -5.20
C2 HR1 H . -27.16 1.29 -5.74
C14 HR1 H . -25.12 4.05 -5.29
C1 HR1 H . -26.88 -0.15 -5.79
C31 HR1 H . -27.84 -1.16 -5.31
C25 HR1 H . -27.56 -2.53 -5.36
C16 HR1 H . -29.04 -0.68 -4.80
C19 HR1 H . -29.98 -1.62 -4.33
N2 HR1 H . -29.29 0.65 -4.76
C23 HR1 H . -32.95 2.08 -3.27
C29 HR1 H . -31.80 2.21 -2.50
C27 HR1 H . -24.77 -1.50 -6.64
C30 HR1 H . -23.24 -3.82 -6.95
C18 HR1 H . -25.03 -2.36 -7.71
F1 HR1 H . -22.49 -4.92 -7.10
C12 HR1 H . -25.10 1.15 -6.65
C9 HR1 H . -21.37 1.79 -7.12
O4 HR1 H . -21.33 3.01 -7.82
C11 HR1 H . -19.96 0.22 -5.75
O3 HR1 H . -19.56 -0.58 -6.85
C35 HR1 H . -18.90 0.21 -4.67
C36 HR1 H . -18.90 -1.14 -3.99
O7 HR1 H . -17.94 -1.91 -4.25
O6 HR1 H . -19.83 -1.42 -3.20
S SO4 I . 16.02 -24.43 -1.11
O1 SO4 I . 16.49 -24.97 0.15
O2 SO4 I . 15.08 -25.35 -1.72
O3 SO4 I . 17.16 -24.25 -2.01
O4 SO4 I . 15.39 -23.12 -0.88
N1 HR1 J . 22.70 -14.83 -3.48
C4 HR1 J . 28.64 -17.28 -6.06
C5 HR1 J . 21.24 -15.04 -5.25
C6 HR1 J . 23.28 -14.61 -2.11
C7 HR1 J . 20.25 -14.41 -2.83
C8 HR1 J . 19.01 -15.29 -2.87
C10 HR1 J . 17.50 -13.39 -1.99
C13 HR1 J . 22.81 -15.70 -1.15
C15 HR1 J . 18.46 -16.44 -7.39
C17 HR1 J . 27.52 -14.77 -6.51
C20 HR1 J . 26.71 -15.84 -6.17
C21 HR1 J . 19.23 -13.98 -6.34
C22 HR1 J . 22.94 -16.13 -9.45
C24 HR1 J . 18.09 -14.07 -7.12
C26 HR1 J . 27.26 -17.10 -5.94
C28 HR1 J . 24.31 -16.29 -9.52
O1 HR1 J . 25.64 -15.23 -3.89
C3 HR1 J . 24.82 -15.35 -4.83
C2 HR1 J . 23.46 -15.14 -4.57
C14 HR1 J . 23.00 -13.19 -1.61
C1 HR1 J . 22.60 -15.31 -5.74
C31 HR1 J . 23.14 -15.65 -7.08
C25 HR1 J . 22.35 -15.80 -8.23
C16 HR1 J . 24.52 -15.82 -7.15
C19 HR1 J . 25.10 -16.14 -8.40
N2 HR1 J . 25.30 -15.66 -6.06
C23 HR1 J . 29.45 -16.21 -6.40
C29 HR1 J . 28.89 -14.95 -6.62
C27 HR1 J . 20.00 -15.11 -6.08
C30 HR1 J . 17.70 -15.30 -7.65
C18 HR1 J . 19.61 -16.34 -6.61
F1 HR1 J . 16.60 -15.39 -8.41
C12 HR1 J . 21.36 -14.77 -3.79
C9 HR1 J . 17.97 -14.85 -1.83
O4 HR1 J . 18.50 -14.98 -0.53
C11 HR1 J . 16.97 -13.06 -3.39
O3 HR1 J . 15.99 -14.02 -3.77
C35 HR1 J . 16.33 -11.68 -3.37
C36 HR1 J . 16.01 -11.24 -4.78
O7 HR1 J . 14.80 -11.25 -5.13
O6 HR1 J . 16.93 -10.89 -5.54
S SO4 K . 13.84 -3.68 25.41
O1 SO4 K . 14.95 -4.63 25.43
O2 SO4 K . 12.88 -4.07 26.44
O3 SO4 K . 13.18 -3.70 24.10
O4 SO4 K . 14.34 -2.35 25.69
N1 HR1 L . 3.90 -10.06 25.01
C4 HR1 L . 2.87 -12.11 31.54
C5 HR1 L . 3.26 -7.84 25.08
C6 HR1 L . 4.46 -11.39 24.59
C7 HR1 L . 4.51 -8.74 22.88
C8 HR1 L . 5.46 -7.56 22.68
C10 HR1 L . 4.96 -7.52 20.14
C13 HR1 L . 5.98 -11.28 24.47
C15 HR1 L . 3.56 -4.09 25.21
C17 HR1 L . 0.88 -11.74 29.62
C20 HR1 L . 2.09 -11.06 29.51
C21 HR1 L . 2.24 -6.02 23.68
C22 HR1 L . 1.08 -6.22 28.84
C24 HR1 L . 2.08 -4.67 23.39
C26 HR1 L . 3.08 -11.25 30.47
C28 HR1 L . 0.86 -7.13 29.87
O1 HR1 L . 3.30 -11.86 27.33
C3 HR1 L . 2.98 -10.65 27.35
C2 HR1 L . 3.29 -9.87 26.23
C14 HR1 L . 3.78 -11.90 23.32
C1 HR1 L . 2.86 -8.48 26.34
C31 HR1 L . 2.15 -7.96 27.54
C25 HR1 L . 1.73 -6.64 27.69
C16 HR1 L . 1.93 -8.88 28.57
C19 HR1 L . 1.27 -8.45 29.73
N2 HR1 L . 2.33 -10.17 28.44
C23 HR1 L . 1.66 -12.79 31.66
C29 HR1 L . 0.66 -12.60 30.70
C27 HR1 L . 3.05 -6.41 24.72
C30 HR1 L . 2.74 -3.71 24.15
C18 HR1 L . 3.72 -5.45 25.49
F1 HR1 L . 2.57 -2.40 23.86
C12 HR1 L . 3.93 -8.90 24.28
C9 HR1 L . 6.03 -7.53 21.26
O4 HR1 L . 6.82 -8.69 21.05
C11 HR1 L . 3.98 -6.36 20.23
O3 HR1 L . 4.69 -5.14 20.21
C35 HR1 L . 3.01 -6.40 19.04
C36 HR1 L . 1.89 -5.40 19.21
O7 HR1 L . 1.93 -4.33 18.56
O6 HR1 L . 0.96 -5.67 19.99
#